data_2FYM
#
_entry.id   2FYM
#
_cell.length_a   77.054
_cell.length_b   124.201
_cell.length_c   96.076
_cell.angle_alpha   90.00
_cell.angle_beta   90.58
_cell.angle_gamma   90.00
#
_symmetry.space_group_name_H-M   'P 1 21 1'
#
loop_
_entity.id
_entity.type
_entity.pdbx_description
1 polymer Enolase
2 polymer 'Ribonuclease E'
3 non-polymer 'MAGNESIUM ION'
4 water water
#
loop_
_entity_poly.entity_id
_entity_poly.type
_entity_poly.pdbx_seq_one_letter_code
_entity_poly.pdbx_strand_id
1 'polypeptide(L)'
;SKIVKIIGREIIDSRGNPTVEAEVHLEGGFVGMAAAPSGASTGSREALELRDGDKSRFLGKGVTKAVAAVNGPIAQALIG
KDAKDQAGIDKIMIDLDGTENKSKFGANAILAVSLANAKAAAAAKGMPLYEHIAELNGTPGKYSMPVPMMNIINGGEHAD
NNVDIQEFMIQPVGAKTVKEAIRMGSEVFHHLAKVLKAKGMNTAVGDEGGYAPNLGSNAEALAVIAEAVKAAGYELGKDI
TLAMDCAASEFYKDGKYVLAGEGNKAFTSEEFTHFLEELTKQYPIVSIEDGLDESDWDGFAYQTKVLGDKIQLVGDDLFV
TNTKILKEGIEKGIANSILIKFNQIGSLTETLAAIKMAKDAGYTAVISHRSGETEDATIADLAVGTAAGQIKTGSMSRSD
RVAKYNQLIRIEEALGEKAPYNGRKEIKGQA
;
A,C,D,F
2 'polypeptide(L)' ASPELASGKVWIRYPIVR B,E
#
# COMPACT_ATOMS: atom_id res chain seq x y z
N SER A 1 -16.27 25.04 23.52
CA SER A 1 -16.49 25.76 24.81
C SER A 1 -17.76 26.61 24.72
N LYS A 2 -18.84 26.09 25.29
CA LYS A 2 -20.16 26.70 25.12
C LYS A 2 -20.32 28.04 25.86
N ILE A 3 -20.88 29.04 25.16
CA ILE A 3 -21.23 30.31 25.78
C ILE A 3 -22.44 30.13 26.68
N VAL A 4 -22.37 30.66 27.90
CA VAL A 4 -23.47 30.57 28.85
C VAL A 4 -24.15 31.91 29.15
N LYS A 5 -23.39 33.00 29.13
CA LYS A 5 -23.92 34.33 29.40
C LYS A 5 -23.10 35.38 28.67
N ILE A 6 -23.80 36.40 28.17
CA ILE A 6 -23.15 37.58 27.62
C ILE A 6 -23.76 38.80 28.27
N ILE A 7 -22.88 39.69 28.73
CA ILE A 7 -23.30 40.90 29.41
C ILE A 7 -22.72 42.09 28.67
N GLY A 8 -23.59 43.05 28.39
CA GLY A 8 -23.17 44.34 27.86
C GLY A 8 -23.40 45.41 28.90
N ARG A 9 -22.52 46.41 28.88
CA ARG A 9 -22.69 47.56 29.75
C ARG A 9 -22.11 48.83 29.13
N GLU A 10 -22.68 49.94 29.57
CA GLU A 10 -22.21 51.26 29.17
C GLU A 10 -21.18 51.74 30.18
N ILE A 11 -19.93 51.83 29.73
CA ILE A 11 -18.84 52.38 30.56
C ILE A 11 -18.40 53.71 29.96
N ILE A 12 -17.32 54.29 30.50
CA ILE A 12 -16.87 55.61 30.09
C ILE A 12 -15.49 55.51 29.43
N ASP A 13 -15.32 56.23 28.33
CA ASP A 13 -14.05 56.22 27.61
C ASP A 13 -13.10 57.33 28.09
N SER A 14 -11.92 57.38 27.49
CA SER A 14 -10.88 58.25 27.99
C SER A 14 -11.16 59.73 27.76
N ARG A 15 -12.19 60.04 26.97
CA ARG A 15 -12.58 61.42 26.72
C ARG A 15 -13.84 61.76 27.51
N GLY A 16 -14.32 60.80 28.32
CA GLY A 16 -15.49 61.03 29.17
C GLY A 16 -16.79 60.69 28.47
N ASN A 17 -16.69 60.04 27.30
CA ASN A 17 -17.88 59.64 26.55
C ASN A 17 -18.22 58.17 26.73
N PRO A 18 -19.53 57.83 26.71
CA PRO A 18 -19.91 56.43 26.85
C PRO A 18 -19.32 55.51 25.76
N THR A 19 -19.01 54.28 26.17
CA THR A 19 -18.76 53.22 25.19
C THR A 19 -19.26 51.87 25.67
N VAL A 20 -19.17 50.86 24.80
CA VAL A 20 -19.67 49.53 25.10
C VAL A 20 -18.56 48.63 25.65
N GLU A 21 -18.86 47.97 26.77
CA GLU A 21 -18.05 46.89 27.28
C GLU A 21 -18.88 45.61 27.25
N ALA A 22 -18.26 44.51 26.85
CA ALA A 22 -18.93 43.19 26.86
C ALA A 22 -18.16 42.15 27.65
N GLU A 23 -18.90 41.25 28.29
CA GLU A 23 -18.32 40.06 28.92
C GLU A 23 -18.90 38.84 28.26
N VAL A 24 -18.04 37.87 27.96
CA VAL A 24 -18.51 36.59 27.45
C VAL A 24 -18.10 35.52 28.46
N HIS A 25 -19.11 34.82 28.99
CA HIS A 25 -18.94 33.79 30.00
C HIS A 25 -19.17 32.41 29.38
N LEU A 26 -18.28 31.47 29.68
CA LEU A 26 -18.34 30.11 29.13
C LEU A 26 -18.54 29.06 30.22
N GLU A 27 -19.05 27.90 29.82
CA GLU A 27 -19.06 26.74 30.72
C GLU A 27 -17.64 26.49 31.21
N GLY A 28 -17.49 26.22 32.51
CA GLY A 28 -16.16 26.05 33.09
C GLY A 28 -15.66 27.26 33.83
N GLY A 29 -16.39 28.37 33.73
CA GLY A 29 -16.09 29.59 34.48
C GLY A 29 -15.18 30.58 33.78
N PHE A 30 -14.86 30.30 32.52
CA PHE A 30 -13.97 31.18 31.75
C PHE A 30 -14.68 32.44 31.31
N VAL A 31 -14.02 33.59 31.47
CA VAL A 31 -14.64 34.88 31.17
C VAL A 31 -13.66 35.69 30.33
N GLY A 32 -14.18 36.34 29.28
CA GLY A 32 -13.45 37.37 28.55
C GLY A 32 -14.19 38.69 28.64
N MET A 33 -13.45 39.80 28.73
CA MET A 33 -14.08 41.11 28.76
C MET A 33 -13.31 42.06 27.87
N ALA A 34 -14.04 42.87 27.11
CA ALA A 34 -13.41 43.85 26.21
C ALA A 34 -14.31 45.04 26.01
N ALA A 35 -13.73 46.14 25.58
CA ALA A 35 -14.51 47.34 25.29
C ALA A 35 -14.20 47.86 23.91
N ALA A 36 -15.18 48.53 23.30
CA ALA A 36 -14.97 49.19 22.02
C ALA A 36 -14.42 50.59 22.22
N PRO A 37 -13.43 51.00 21.40
CA PRO A 37 -12.98 52.38 21.42
C PRO A 37 -13.98 53.25 20.64
N SER A 38 -13.80 54.57 20.69
CA SER A 38 -14.68 55.52 19.99
C SER A 38 -14.56 55.35 18.47
N GLY A 39 -15.65 55.61 17.74
CA GLY A 39 -15.63 55.50 16.28
C GLY A 39 -16.60 56.47 15.63
N ALA A 40 -16.83 56.29 14.34
CA ALA A 40 -17.80 57.10 13.57
C ALA A 40 -19.20 56.49 13.70
N SER A 41 -20.22 57.34 13.79
CA SER A 41 -21.61 56.87 13.84
C SER A 41 -22.36 57.22 12.56
N THR A 42 -21.72 58.01 11.71
CA THR A 42 -22.27 58.39 10.41
C THR A 42 -21.20 58.24 9.34
N GLY A 43 -21.62 58.15 8.08
CA GLY A 43 -20.66 58.03 7.01
C GLY A 43 -20.88 56.79 6.19
N SER A 44 -20.30 56.77 5.00
CA SER A 44 -20.64 55.78 3.99
C SER A 44 -19.61 54.69 3.81
N ARG A 45 -18.48 54.76 4.52
CA ARG A 45 -17.32 53.94 4.15
C ARG A 45 -16.85 52.96 5.23
N GLU A 46 -17.12 53.28 6.48
CA GLU A 46 -16.61 52.45 7.58
C GLU A 46 -17.76 51.83 8.36
N ALA A 47 -17.43 50.82 9.16
CA ALA A 47 -18.43 50.27 10.08
C ALA A 47 -18.83 51.39 11.03
N LEU A 48 -20.11 51.45 11.36
CA LEU A 48 -20.64 52.52 12.18
C LEU A 48 -20.98 52.07 13.58
N GLU A 49 -20.52 52.82 14.58
CA GLU A 49 -20.98 52.63 15.95
C GLU A 49 -22.39 53.18 16.07
N LEU A 50 -23.16 52.60 16.98
CA LEU A 50 -24.50 53.10 17.29
C LEU A 50 -24.47 54.04 18.50
N ARG A 51 -24.96 55.27 18.30
CA ARG A 51 -25.13 56.23 19.38
C ARG A 51 -26.62 56.54 19.60
N ASP A 52 -27.00 56.85 20.83
CA ASP A 52 -28.41 57.06 21.18
C ASP A 52 -28.99 58.36 20.64
N GLY A 53 -28.21 59.43 20.68
CA GLY A 53 -28.70 60.75 20.25
C GLY A 53 -29.75 61.34 21.19
N ASP A 54 -29.72 60.91 22.45
CA ASP A 54 -30.58 61.47 23.49
C ASP A 54 -29.88 62.65 24.15
N LYS A 55 -30.33 63.86 23.85
CA LYS A 55 -29.69 65.08 24.33
C LYS A 55 -29.66 65.20 25.85
N SER A 56 -30.57 64.50 26.52
CA SER A 56 -30.66 64.53 27.99
C SER A 56 -29.66 63.60 28.70
N ARG A 57 -28.91 62.80 27.93
CA ARG A 57 -27.85 61.97 28.53
C ARG A 57 -26.55 62.10 27.74
N PHE A 58 -25.47 62.46 28.42
CA PHE A 58 -24.14 62.50 27.81
C PHE A 58 -24.11 63.32 26.51
N LEU A 59 -24.92 64.38 26.45
CA LEU A 59 -24.94 65.26 25.27
C LEU A 59 -25.19 64.48 23.97
N GLY A 60 -26.01 63.43 24.06
CA GLY A 60 -26.42 62.64 22.90
C GLY A 60 -25.52 61.45 22.59
N LYS A 61 -24.49 61.26 23.41
CA LYS A 61 -23.47 60.24 23.15
C LYS A 61 -23.67 58.92 23.93
N GLY A 62 -24.84 58.72 24.52
CA GLY A 62 -25.16 57.44 25.17
C GLY A 62 -25.03 56.27 24.22
N VAL A 63 -24.70 55.08 24.76
CA VAL A 63 -24.68 53.86 23.96
C VAL A 63 -25.65 52.78 24.50
N THR A 64 -26.74 53.24 25.10
CA THR A 64 -27.72 52.31 25.66
C THR A 64 -28.30 51.38 24.59
N LYS A 65 -28.51 51.88 23.38
CA LYS A 65 -29.03 51.04 22.29
C LYS A 65 -28.09 49.91 21.88
N ALA A 66 -26.80 50.25 21.73
CA ALA A 66 -25.78 49.25 21.41
C ALA A 66 -25.65 48.22 22.54
N VAL A 67 -25.66 48.69 23.79
CA VAL A 67 -25.62 47.82 24.96
C VAL A 67 -26.85 46.89 24.97
N ALA A 68 -28.01 47.43 24.60
CA ALA A 68 -29.23 46.62 24.51
C ALA A 68 -29.12 45.53 23.44
N ALA A 69 -28.45 45.83 22.32
CA ALA A 69 -28.21 44.83 21.29
C ALA A 69 -27.36 43.68 21.83
N VAL A 70 -26.33 44.02 22.62
CA VAL A 70 -25.49 42.99 23.25
C VAL A 70 -26.32 42.09 24.16
N ASN A 71 -27.05 42.72 25.08
CA ASN A 71 -27.79 42.01 26.12
C ASN A 71 -28.99 41.22 25.60
N GLY A 72 -29.51 41.68 24.48
CA GLY A 72 -30.71 41.10 23.88
C GLY A 72 -30.44 40.14 22.74
N PRO A 73 -30.59 40.62 21.49
CA PRO A 73 -30.52 39.76 20.31
C PRO A 73 -29.15 39.10 20.09
N ILE A 74 -28.06 39.80 20.38
CA ILE A 74 -26.72 39.19 20.25
C ILE A 74 -26.55 38.05 21.27
N ALA A 75 -26.81 38.33 22.54
CA ALA A 75 -26.76 37.31 23.60
C ALA A 75 -27.57 36.08 23.20
N GLN A 76 -28.84 36.32 22.84
CA GLN A 76 -29.77 35.24 22.50
C GLN A 76 -29.28 34.38 21.34
N ALA A 77 -28.62 35.01 20.36
CA ALA A 77 -28.08 34.31 19.20
C ALA A 77 -26.80 33.52 19.48
N LEU A 78 -26.11 33.86 20.57
CA LEU A 78 -24.80 33.25 20.84
C LEU A 78 -24.79 32.25 21.99
N ILE A 79 -25.76 32.35 22.91
CA ILE A 79 -25.87 31.38 24.01
C ILE A 79 -25.87 29.97 23.43
N GLY A 80 -25.00 29.11 23.96
CA GLY A 80 -24.90 27.72 23.51
C GLY A 80 -23.92 27.46 22.38
N LYS A 81 -23.37 28.52 21.80
CA LYS A 81 -22.42 28.38 20.69
C LYS A 81 -20.99 28.19 21.21
N ASP A 82 -20.11 27.71 20.34
CA ASP A 82 -18.72 27.40 20.69
C ASP A 82 -17.83 28.62 20.52
N ALA A 83 -17.41 29.20 21.63
CA ALA A 83 -16.57 30.40 21.60
C ALA A 83 -15.25 30.24 20.83
N LYS A 84 -14.72 29.02 20.78
CA LYS A 84 -13.47 28.74 20.06
C LYS A 84 -13.58 28.96 18.55
N ASP A 85 -14.80 28.83 18.03
CA ASP A 85 -15.05 29.03 16.62
C ASP A 85 -15.27 30.52 16.34
N GLN A 86 -14.19 31.29 16.35
CA GLN A 86 -14.27 32.75 16.24
C GLN A 86 -15.00 33.21 14.98
N ALA A 87 -14.65 32.63 13.83
CA ALA A 87 -15.30 32.98 12.56
C ALA A 87 -16.80 32.72 12.61
N GLY A 88 -17.20 31.61 13.23
CA GLY A 88 -18.62 31.27 13.38
C GLY A 88 -19.39 32.24 14.24
N ILE A 89 -18.77 32.64 15.37
CA ILE A 89 -19.34 33.61 16.28
C ILE A 89 -19.52 34.95 15.59
N ASP A 90 -18.45 35.39 14.93
CA ASP A 90 -18.46 36.65 14.20
C ASP A 90 -19.49 36.63 13.07
N LYS A 91 -19.58 35.50 12.38
CA LYS A 91 -20.56 35.35 11.28
C LYS A 91 -22.01 35.43 11.78
N ILE A 92 -22.30 34.79 12.91
CA ILE A 92 -23.62 34.88 13.52
C ILE A 92 -24.02 36.33 13.77
N MET A 93 -23.13 37.10 14.38
CA MET A 93 -23.42 38.50 14.64
C MET A 93 -23.53 39.32 13.35
N ILE A 94 -22.64 39.05 12.41
CA ILE A 94 -22.64 39.75 11.13
C ILE A 94 -23.96 39.51 10.39
N ASP A 95 -24.38 38.25 10.34
CA ASP A 95 -25.63 37.91 9.63
C ASP A 95 -26.86 38.45 10.33
N LEU A 96 -26.84 38.43 11.67
CA LEU A 96 -27.97 38.87 12.47
C LEU A 96 -28.18 40.38 12.35
N ASP A 97 -27.09 41.14 12.41
CA ASP A 97 -27.13 42.56 12.10
C ASP A 97 -27.68 42.79 10.68
N GLY A 98 -27.13 42.06 9.70
CA GLY A 98 -27.62 42.09 8.31
C GLY A 98 -27.17 43.25 7.44
N THR A 99 -26.43 44.22 8.03
CA THR A 99 -25.93 45.36 7.25
C THR A 99 -24.42 45.28 7.09
N GLU A 100 -23.94 45.72 5.93
CA GLU A 100 -22.51 45.65 5.64
C GLU A 100 -21.68 46.39 6.68
N ASN A 101 -22.16 47.56 7.08
CA ASN A 101 -21.44 48.46 8.01
C ASN A 101 -21.83 48.30 9.48
N LYS A 102 -22.50 47.19 9.80
CA LYS A 102 -22.87 46.87 11.18
C LYS A 102 -23.67 47.98 11.87
N SER A 103 -24.54 48.66 11.10
CA SER A 103 -25.20 49.88 11.56
C SER A 103 -26.56 49.64 12.21
N LYS A 104 -27.01 48.38 12.23
CA LYS A 104 -28.22 48.02 12.98
C LYS A 104 -27.93 47.90 14.47
N PHE A 105 -27.03 46.98 14.84
CA PHE A 105 -26.63 46.78 16.24
C PHE A 105 -25.52 47.73 16.67
N GLY A 106 -24.71 48.14 15.70
CA GLY A 106 -23.57 49.01 15.97
C GLY A 106 -22.29 48.20 15.98
N ALA A 107 -21.27 48.71 15.30
CA ALA A 107 -19.96 48.07 15.30
C ALA A 107 -19.38 48.07 16.71
N ASN A 108 -19.81 49.01 17.55
CA ASN A 108 -19.39 49.03 18.96
C ASN A 108 -19.91 47.82 19.73
N ALA A 109 -21.16 47.44 19.46
CA ALA A 109 -21.73 46.26 20.11
C ALA A 109 -21.06 44.98 19.62
N ILE A 110 -20.96 44.85 18.30
CA ILE A 110 -20.42 43.65 17.68
C ILE A 110 -18.93 43.45 18.01
N LEU A 111 -18.14 44.52 17.94
CA LEU A 111 -16.72 44.40 18.26
C LEU A 111 -16.49 44.02 19.72
N ALA A 112 -17.21 44.66 20.63
CA ALA A 112 -16.99 44.38 22.07
C ALA A 112 -17.21 42.90 22.34
N VAL A 113 -18.28 42.34 21.77
CA VAL A 113 -18.57 40.91 21.93
C VAL A 113 -17.55 40.04 21.21
N SER A 114 -17.15 40.44 20.00
CA SER A 114 -16.17 39.69 19.21
C SER A 114 -14.88 39.49 20.00
N LEU A 115 -14.35 40.59 20.54
CA LEU A 115 -13.12 40.55 21.33
C LEU A 115 -13.25 39.82 22.66
N ALA A 116 -14.35 40.07 23.37
CA ALA A 116 -14.61 39.41 24.64
C ALA A 116 -14.74 37.91 24.43
N ASN A 117 -15.42 37.51 23.35
CA ASN A 117 -15.51 36.10 22.98
C ASN A 117 -14.14 35.48 22.79
N ALA A 118 -13.28 36.17 22.04
CA ALA A 118 -11.95 35.67 21.75
C ALA A 118 -11.13 35.51 23.03
N LYS A 119 -11.26 36.47 23.95
CA LYS A 119 -10.56 36.37 25.24
C LYS A 119 -11.05 35.17 26.06
N ALA A 120 -12.38 34.99 26.08
CA ALA A 120 -13.00 33.88 26.81
C ALA A 120 -12.53 32.53 26.25
N ALA A 121 -12.51 32.44 24.92
CA ALA A 121 -12.05 31.23 24.21
C ALA A 121 -10.60 30.92 24.53
N ALA A 122 -9.75 31.95 24.52
CA ALA A 122 -8.35 31.78 24.87
C ALA A 122 -8.24 31.17 26.26
N ALA A 123 -8.96 31.75 27.23
CA ALA A 123 -8.96 31.28 28.61
C ALA A 123 -9.38 29.79 28.69
N ALA A 124 -10.40 29.42 27.92
CA ALA A 124 -10.87 28.03 27.88
C ALA A 124 -9.81 27.07 27.33
N LYS A 125 -9.01 27.57 26.39
CA LYS A 125 -7.93 26.81 25.79
C LYS A 125 -6.63 26.85 26.63
N GLY A 126 -6.70 27.49 27.79
CA GLY A 126 -5.54 27.66 28.70
C GLY A 126 -4.39 28.44 28.09
N MET A 127 -4.68 29.47 27.32
CA MET A 127 -3.63 30.24 26.67
C MET A 127 -4.00 31.72 26.65
N PRO A 128 -2.98 32.61 26.58
CA PRO A 128 -3.28 34.04 26.48
C PRO A 128 -3.87 34.40 25.12
N LEU A 129 -4.58 35.53 25.07
CA LEU A 129 -5.20 35.96 23.82
C LEU A 129 -4.22 35.99 22.64
N TYR A 130 -3.01 36.54 22.83
CA TYR A 130 -2.10 36.65 21.69
C TYR A 130 -1.77 35.28 21.08
N GLU A 131 -1.70 34.25 21.93
CA GLU A 131 -1.44 32.88 21.44
C GLU A 131 -2.65 32.35 20.66
N HIS A 132 -3.85 32.59 21.20
CA HIS A 132 -5.09 32.19 20.54
C HIS A 132 -5.25 32.91 19.19
N ILE A 133 -4.92 34.19 19.15
CA ILE A 133 -4.96 34.94 17.90
C ILE A 133 -4.04 34.33 16.85
N ALA A 134 -2.83 33.96 17.25
CA ALA A 134 -1.91 33.31 16.31
C ALA A 134 -2.50 32.01 15.75
N GLU A 135 -3.16 31.23 16.61
CA GLU A 135 -3.84 30.00 16.19
C GLU A 135 -4.99 30.30 15.22
N LEU A 136 -5.83 31.26 15.57
CA LEU A 136 -6.91 31.70 14.70
C LEU A 136 -6.40 32.17 13.34
N ASN A 137 -5.20 32.76 13.37
CA ASN A 137 -4.57 33.32 12.18
C ASN A 137 -3.95 32.25 11.28
N GLY A 138 -3.91 31.01 11.75
CA GLY A 138 -3.25 29.93 11.03
C GLY A 138 -1.74 30.03 11.04
N THR A 139 -1.20 30.81 11.99
CA THR A 139 0.23 31.03 12.11
C THR A 139 0.64 30.78 13.57
N PRO A 140 0.36 29.57 14.09
CA PRO A 140 0.60 29.34 15.51
C PRO A 140 2.08 29.51 15.87
N GLY A 141 2.33 30.14 17.00
CA GLY A 141 3.69 30.31 17.51
C GLY A 141 4.52 31.37 16.81
N LYS A 142 3.89 32.10 15.88
CA LYS A 142 4.55 33.16 15.13
C LYS A 142 4.22 34.51 15.76
N TYR A 143 5.23 35.15 16.34
CA TYR A 143 5.02 36.42 17.05
C TYR A 143 6.11 37.45 16.75
N SER A 144 5.77 38.70 16.96
CA SER A 144 6.79 39.73 17.12
C SER A 144 6.26 40.78 18.06
N MET A 145 7.17 41.53 18.66
CA MET A 145 6.79 42.72 19.42
C MET A 145 6.84 43.90 18.46
N PRO A 146 5.73 44.65 18.36
CA PRO A 146 5.64 45.69 17.36
C PRO A 146 6.51 46.90 17.66
N VAL A 147 7.00 47.52 16.60
CA VAL A 147 7.70 48.78 16.68
C VAL A 147 6.67 49.90 16.84
N PRO A 148 6.67 50.58 18.00
CA PRO A 148 5.67 51.64 18.23
C PRO A 148 5.99 52.95 17.50
N MET A 149 4.97 53.57 16.91
CA MET A 149 5.09 54.97 16.51
C MET A 149 4.28 55.75 17.54
N MET A 150 4.96 56.63 18.26
CA MET A 150 4.43 57.25 19.47
C MET A 150 4.12 58.71 19.26
N ASN A 151 2.85 59.07 19.38
CA ASN A 151 2.44 60.45 19.30
C ASN A 151 3.35 61.30 20.17
N ILE A 152 3.73 62.47 19.67
CA ILE A 152 4.58 63.38 20.45
C ILE A 152 4.18 64.87 20.32
N ILE A 153 3.84 65.29 19.11
CA ILE A 153 3.41 66.67 18.85
C ILE A 153 2.18 66.64 17.96
N ASN A 154 1.18 67.43 18.34
CA ASN A 154 -0.05 67.51 17.58
C ASN A 154 -0.26 68.84 16.91
N GLY A 155 -0.92 68.82 15.76
CA GLY A 155 -1.25 70.03 15.03
C GLY A 155 -2.56 69.89 14.28
N GLY A 156 -2.76 70.75 13.29
CA GLY A 156 -3.98 70.74 12.48
C GLY A 156 -5.23 70.75 13.33
N GLU A 157 -6.19 69.90 12.99
CA GLU A 157 -7.45 69.82 13.74
C GLU A 157 -7.29 69.27 15.17
N HIS A 158 -6.10 68.74 15.48
CA HIS A 158 -5.86 68.19 16.81
C HIS A 158 -5.09 69.16 17.73
N ALA A 159 -5.07 70.44 17.36
CA ALA A 159 -4.40 71.45 18.18
C ALA A 159 -4.98 72.83 17.89
N ASP A 160 -4.46 73.84 18.58
CA ASP A 160 -4.77 75.23 18.28
C ASP A 160 -3.47 76.00 18.12
N ASN A 161 -2.65 75.53 17.17
CA ASN A 161 -1.36 76.14 16.85
C ASN A 161 -1.26 76.41 15.33
N ASN A 162 -0.07 76.75 14.85
CA ASN A 162 0.11 76.99 13.42
C ASN A 162 0.85 75.85 12.70
N VAL A 163 0.72 74.64 13.26
CA VAL A 163 1.23 73.43 12.62
C VAL A 163 0.09 72.82 11.80
N ASP A 164 0.34 72.57 10.52
CA ASP A 164 -0.69 72.00 9.62
C ASP A 164 -0.82 70.47 9.75
N ILE A 165 0.33 69.81 9.88
CA ILE A 165 0.38 68.36 10.04
C ILE A 165 -0.34 67.94 11.33
N GLN A 166 -1.21 66.93 11.25
CA GLN A 166 -2.02 66.53 12.39
C GLN A 166 -1.21 65.94 13.55
N GLU A 167 -0.26 65.06 13.24
CA GLU A 167 0.62 64.60 14.30
C GLU A 167 1.97 64.16 13.82
N PHE A 168 2.95 64.34 14.72
CA PHE A 168 4.29 63.82 14.53
C PHE A 168 4.51 62.77 15.62
N MET A 169 5.24 61.72 15.26
CA MET A 169 5.45 60.59 16.13
C MET A 169 6.91 60.21 16.13
N ILE A 170 7.38 59.62 17.22
CA ILE A 170 8.71 59.01 17.26
C ILE A 170 8.63 57.49 17.21
N GLN A 171 9.64 56.87 16.58
CA GLN A 171 9.72 55.41 16.52
C GLN A 171 11.09 55.01 17.03
N PRO A 172 11.15 54.31 18.17
CA PRO A 172 12.44 53.84 18.73
C PRO A 172 12.95 52.61 18.00
N VAL A 173 13.34 52.81 16.74
CA VAL A 173 13.78 51.70 15.92
C VAL A 173 15.07 51.05 16.44
N GLY A 174 15.87 51.84 17.15
CA GLY A 174 17.18 51.38 17.65
C GLY A 174 17.12 50.51 18.89
N ALA A 175 15.95 50.45 19.52
CA ALA A 175 15.72 49.56 20.66
C ALA A 175 15.90 48.11 20.26
N LYS A 176 16.30 47.27 21.22
CA LYS A 176 16.44 45.84 20.95
C LYS A 176 15.31 44.97 21.49
N THR A 177 14.44 45.58 22.31
CA THR A 177 13.25 44.93 22.86
C THR A 177 12.16 46.00 22.94
N VAL A 178 10.90 45.57 23.06
CA VAL A 178 9.80 46.55 23.21
C VAL A 178 9.91 47.30 24.55
N LYS A 179 10.42 46.61 25.58
CA LYS A 179 10.63 47.27 26.87
CA LYS A 179 10.64 47.26 26.87
CA LYS A 179 10.62 47.28 26.87
C LYS A 179 11.60 48.44 26.72
N GLU A 180 12.69 48.23 25.99
CA GLU A 180 13.62 49.31 25.74
C GLU A 180 12.97 50.42 24.91
N ALA A 181 12.17 50.05 23.91
CA ALA A 181 11.49 51.04 23.06
C ALA A 181 10.61 51.94 23.91
N ILE A 182 9.88 51.32 24.83
CA ILE A 182 9.01 52.05 25.74
C ILE A 182 9.82 52.99 26.63
N ARG A 183 10.93 52.52 27.17
CA ARG A 183 11.78 53.38 28.01
C ARG A 183 12.31 54.58 27.20
N MET A 184 12.81 54.31 25.98
CA MET A 184 13.29 55.38 25.10
C MET A 184 12.20 56.43 24.86
N GLY A 185 11.01 55.93 24.56
CA GLY A 185 9.84 56.79 24.37
C GLY A 185 9.55 57.66 25.59
N SER A 186 9.51 57.03 26.76
CA SER A 186 9.31 57.74 28.03
C SER A 186 10.34 58.86 28.22
N GLU A 187 11.62 58.55 28.02
CA GLU A 187 12.68 59.54 28.25
C GLU A 187 12.57 60.72 27.30
N VAL A 188 12.31 60.45 26.03
CA VAL A 188 12.13 61.54 25.06
C VAL A 188 10.91 62.41 25.41
N PHE A 189 9.82 61.75 25.77
CA PHE A 189 8.59 62.42 26.20
C PHE A 189 8.85 63.40 27.35
N HIS A 190 9.63 62.97 28.35
CA HIS A 190 9.95 63.85 29.48
C HIS A 190 10.91 64.98 29.12
N HIS A 191 11.91 64.67 28.29
CA HIS A 191 12.81 65.72 27.85
C HIS A 191 12.08 66.77 27.01
N LEU A 192 11.09 66.34 26.23
CA LEU A 192 10.29 67.29 25.46
C LEU A 192 9.51 68.23 26.36
N ALA A 193 8.93 67.72 27.44
CA ALA A 193 8.23 68.61 28.39
C ALA A 193 9.18 69.71 28.88
N LYS A 194 10.41 69.34 29.24
CA LYS A 194 11.39 70.33 29.73
C LYS A 194 11.73 71.37 28.66
N VAL A 195 11.94 70.88 27.44
CA VAL A 195 12.26 71.73 26.28
C VAL A 195 11.13 72.74 25.99
N LEU A 196 9.90 72.26 26.03
CA LEU A 196 8.74 73.11 25.79
C LEU A 196 8.51 74.11 26.93
N LYS A 197 8.67 73.65 28.17
CA LYS A 197 8.57 74.55 29.33
C LYS A 197 9.52 75.73 29.23
N ALA A 198 10.77 75.44 28.88
CA ALA A 198 11.80 76.48 28.74
C ALA A 198 11.46 77.49 27.65
N LYS A 199 10.70 77.04 26.65
CA LYS A 199 10.24 77.93 25.57
C LYS A 199 9.01 78.76 25.98
N GLY A 200 8.45 78.47 27.14
CA GLY A 200 7.23 79.11 27.63
C GLY A 200 5.97 78.54 27.00
N MET A 201 6.07 77.30 26.54
CA MET A 201 4.97 76.66 25.87
C MET A 201 4.24 75.71 26.82
N ASN A 202 3.00 75.43 26.48
CA ASN A 202 2.09 74.63 27.29
C ASN A 202 2.42 73.16 27.16
N THR A 203 2.47 72.44 28.29
CA THR A 203 2.79 71.02 28.29
C THR A 203 1.65 70.13 28.77
N ALA A 204 0.44 70.67 28.87
CA ALA A 204 -0.72 69.83 29.12
C ALA A 204 -0.92 68.94 27.89
N VAL A 205 -1.58 67.81 28.07
CA VAL A 205 -1.64 66.81 27.01
C VAL A 205 -2.99 66.69 26.31
N GLY A 206 -2.96 66.18 25.09
CA GLY A 206 -4.18 65.96 24.31
C GLY A 206 -4.73 64.55 24.48
N ASP A 207 -5.64 64.20 23.57
CA ASP A 207 -6.37 62.94 23.68
C ASP A 207 -5.44 61.73 23.71
N GLU A 208 -4.34 61.81 22.95
CA GLU A 208 -3.40 60.69 22.83
C GLU A 208 -2.22 60.81 23.77
N GLY A 209 -2.26 61.79 24.68
CA GLY A 209 -1.23 61.90 25.74
C GLY A 209 0.03 62.64 25.37
N GLY A 210 0.04 63.22 24.17
CA GLY A 210 1.16 64.04 23.69
C GLY A 210 0.88 65.52 23.83
N TYR A 211 1.77 66.32 23.25
CA TYR A 211 1.74 67.76 23.46
C TYR A 211 1.19 68.47 22.25
N ALA A 212 0.56 69.62 22.48
CA ALA A 212 0.08 70.46 21.39
C ALA A 212 0.47 71.92 21.66
N PRO A 213 1.78 72.19 21.73
CA PRO A 213 2.24 73.55 22.08
C PRO A 213 1.99 74.51 20.91
N ASN A 214 2.09 75.81 21.20
CA ASN A 214 1.81 76.85 20.23
C ASN A 214 2.98 77.10 19.30
N LEU A 215 3.38 76.08 18.56
CA LEU A 215 4.44 76.19 17.57
C LEU A 215 3.95 76.92 16.33
N GLY A 216 4.88 77.55 15.62
CA GLY A 216 4.52 78.44 14.52
C GLY A 216 4.65 77.85 13.13
N SER A 217 5.16 76.62 13.03
CA SER A 217 5.34 75.95 11.74
C SER A 217 5.52 74.45 11.89
N ASN A 218 5.29 73.72 10.79
CA ASN A 218 5.64 72.31 10.71
C ASN A 218 7.12 72.08 11.01
N ALA A 219 7.99 72.91 10.44
CA ALA A 219 9.44 72.83 10.70
C ALA A 219 9.79 73.01 12.17
N GLU A 220 9.05 73.84 12.88
CA GLU A 220 9.34 74.06 14.30
C GLU A 220 9.02 72.80 15.11
N ALA A 221 7.96 72.09 14.73
CA ALA A 221 7.58 70.85 15.43
C ALA A 221 8.69 69.80 15.29
N LEU A 222 9.21 69.68 14.07
CA LEU A 222 10.26 68.69 13.81
C LEU A 222 11.51 69.06 14.59
N ALA A 223 11.82 70.35 14.62
CA ALA A 223 12.98 70.85 15.34
C ALA A 223 12.91 70.59 16.85
N VAL A 224 11.74 70.82 17.46
CA VAL A 224 11.61 70.61 18.89
CA VAL A 224 11.61 70.59 18.90
C VAL A 224 11.70 69.11 19.25
N ILE A 225 11.18 68.25 18.37
CA ILE A 225 11.28 66.81 18.61
C ILE A 225 12.74 66.41 18.54
N ALA A 226 13.45 66.93 17.53
CA ALA A 226 14.88 66.61 17.40
C ALA A 226 15.66 67.01 18.66
N GLU A 227 15.32 68.17 19.20
CA GLU A 227 15.98 68.66 20.42
C GLU A 227 15.74 67.77 21.62
N ALA A 228 14.51 67.30 21.79
CA ALA A 228 14.18 66.37 22.88
C ALA A 228 14.90 65.02 22.70
N VAL A 229 14.97 64.53 21.48
CA VAL A 229 15.66 63.28 21.19
C VAL A 229 17.14 63.41 21.61
N LYS A 230 17.76 64.53 21.24
CA LYS A 230 19.15 64.81 21.64
C LYS A 230 19.32 64.91 23.15
N ALA A 231 18.41 65.65 23.79
CA ALA A 231 18.41 65.83 25.25
C ALA A 231 18.38 64.48 25.98
N ALA A 232 17.64 63.54 25.42
CA ALA A 232 17.48 62.21 25.98
C ALA A 232 18.72 61.34 25.72
N GLY A 233 19.63 61.86 24.90
CA GLY A 233 20.87 61.16 24.57
C GLY A 233 20.77 60.14 23.46
N TYR A 234 19.76 60.29 22.61
CA TYR A 234 19.59 59.39 21.48
C TYR A 234 19.95 60.07 20.17
N GLU A 235 20.23 59.26 19.15
CA GLU A 235 20.62 59.78 17.84
C GLU A 235 19.45 59.70 16.86
N LEU A 236 18.92 60.87 16.49
CA LEU A 236 17.94 60.94 15.42
C LEU A 236 18.41 60.20 14.17
N GLY A 237 17.56 59.32 13.67
CA GLY A 237 17.87 58.58 12.45
C GLY A 237 18.41 57.19 12.70
N LYS A 238 19.21 57.03 13.75
CA LYS A 238 19.74 55.72 14.12
C LYS A 238 18.89 55.11 15.23
N ASP A 239 18.74 55.83 16.34
CA ASP A 239 17.99 55.33 17.49
C ASP A 239 16.50 55.55 17.28
N ILE A 240 16.17 56.72 16.74
CA ILE A 240 14.77 57.14 16.63
C ILE A 240 14.49 57.73 15.26
N THR A 241 13.47 57.19 14.59
CA THR A 241 12.99 57.79 13.35
C THR A 241 11.66 58.48 13.60
N LEU A 242 11.16 59.17 12.59
CA LEU A 242 9.95 59.98 12.72
C LEU A 242 8.87 59.48 11.79
N ALA A 243 7.64 59.55 12.26
CA ALA A 243 6.49 59.22 11.46
C ALA A 243 5.51 60.39 11.58
N MET A 244 4.71 60.63 10.54
CA MET A 244 3.76 61.73 10.60
C MET A 244 2.43 61.29 10.04
N ASP A 245 1.37 61.98 10.48
CA ASP A 245 0.02 61.84 9.90
C ASP A 245 -0.36 63.24 9.40
N CYS A 246 -0.47 63.38 8.10
CA CYS A 246 -0.81 64.68 7.50
C CYS A 246 -2.27 65.03 7.69
N ALA A 247 -3.12 64.00 7.75
CA ALA A 247 -4.57 64.18 7.66
C ALA A 247 -4.90 65.21 6.56
N ALA A 248 -4.39 64.94 5.35
CA ALA A 248 -4.38 65.91 4.27
C ALA A 248 -5.77 66.29 3.77
N SER A 249 -6.78 65.46 4.07
CA SER A 249 -8.18 65.84 3.80
C SER A 249 -8.56 67.16 4.48
N GLU A 250 -7.89 67.46 5.60
CA GLU A 250 -8.23 68.66 6.36
C GLU A 250 -7.80 69.95 5.66
N PHE A 251 -6.87 69.86 4.71
CA PHE A 251 -6.52 71.05 3.92
C PHE A 251 -6.77 70.95 2.41
N TYR A 252 -7.60 69.98 2.02
CA TYR A 252 -8.00 69.78 0.63
C TYR A 252 -9.18 70.70 0.29
N LYS A 253 -8.99 71.54 -0.72
CA LYS A 253 -10.06 72.42 -1.20
C LYS A 253 -9.90 72.72 -2.68
N ASP A 254 -10.95 72.45 -3.44
CA ASP A 254 -10.99 72.65 -4.89
C ASP A 254 -9.89 71.91 -5.62
N GLY A 255 -9.59 70.70 -5.14
CA GLY A 255 -8.59 69.82 -5.76
C GLY A 255 -7.15 70.18 -5.42
N LYS A 256 -6.97 71.12 -4.51
CA LYS A 256 -5.63 71.53 -4.08
C LYS A 256 -5.46 71.42 -2.55
N TYR A 257 -4.21 71.45 -2.10
CA TYR A 257 -3.87 71.36 -0.68
C TYR A 257 -3.36 72.69 -0.16
N VAL A 258 -4.20 73.33 0.64
CA VAL A 258 -3.93 74.66 1.14
C VAL A 258 -3.42 74.56 2.57
N LEU A 259 -2.17 74.98 2.80
CA LEU A 259 -1.62 74.95 4.14
C LEU A 259 -1.55 76.34 4.76
N ALA A 260 -2.46 76.58 5.70
CA ALA A 260 -2.52 77.84 6.45
C ALA A 260 -1.17 78.16 7.10
N GLY A 261 -0.68 77.22 7.91
CA GLY A 261 0.60 77.38 8.61
C GLY A 261 1.85 77.34 7.75
N GLU A 262 1.65 77.46 6.44
CA GLU A 262 2.76 77.58 5.49
C GLU A 262 2.54 78.78 4.58
N GLY A 263 1.97 79.84 5.16
CA GLY A 263 1.63 81.06 4.42
C GLY A 263 0.42 80.91 3.53
N ASN A 264 -0.48 79.99 3.89
CA ASN A 264 -1.71 79.70 3.15
C ASN A 264 -1.52 79.42 1.64
N LYS A 265 -0.39 78.79 1.31
CA LYS A 265 -0.10 78.39 -0.07
C LYS A 265 -0.92 77.18 -0.52
N ALA A 266 -1.27 77.15 -1.80
CA ALA A 266 -2.14 76.11 -2.36
C ALA A 266 -1.42 75.13 -3.30
N PHE A 267 -0.93 74.03 -2.73
CA PHE A 267 -0.17 73.02 -3.46
C PHE A 267 -1.08 72.13 -4.30
N THR A 268 -0.66 71.80 -5.52
CA THR A 268 -1.26 70.69 -6.28
C THR A 268 -0.91 69.37 -5.57
N SER A 269 -1.54 68.27 -5.99
CA SER A 269 -1.24 66.95 -5.43
C SER A 269 0.25 66.65 -5.58
N GLU A 270 0.78 66.94 -6.76
CA GLU A 270 2.20 66.72 -7.06
C GLU A 270 3.09 67.62 -6.23
N GLU A 271 2.77 68.91 -6.16
CA GLU A 271 3.53 69.85 -5.35
C GLU A 271 3.54 69.48 -3.86
N PHE A 272 2.40 68.98 -3.35
CA PHE A 272 2.36 68.59 -1.94
C PHE A 272 3.23 67.36 -1.68
N THR A 273 3.20 66.41 -2.62
CA THR A 273 4.10 65.25 -2.57
C THR A 273 5.56 65.69 -2.45
N HIS A 274 5.94 66.67 -3.28
CA HIS A 274 7.32 67.18 -3.23
C HIS A 274 7.65 67.99 -1.98
N PHE A 275 6.65 68.70 -1.44
CA PHE A 275 6.76 69.36 -0.14
C PHE A 275 7.13 68.32 0.93
N LEU A 276 6.41 67.20 0.91
CA LEU A 276 6.66 66.11 1.86
C LEU A 276 8.03 65.51 1.63
N GLU A 277 8.36 65.30 0.36
CA GLU A 277 9.66 64.73 -0.01
C GLU A 277 10.78 65.55 0.58
N GLU A 278 10.71 66.87 0.43
CA GLU A 278 11.72 67.74 1.03
C GLU A 278 11.81 67.57 2.55
N LEU A 279 10.67 67.45 3.23
CA LEU A 279 10.70 67.20 4.66
C LEU A 279 11.46 65.92 5.00
N THR A 280 11.33 64.89 4.16
CA THR A 280 11.95 63.60 4.41
C THR A 280 13.46 63.64 4.14
N LYS A 281 13.92 64.68 3.46
CA LYS A 281 15.35 64.88 3.24
C LYS A 281 15.97 65.64 4.38
N GLN A 282 15.16 66.48 5.04
CA GLN A 282 15.60 67.34 6.14
C GLN A 282 15.58 66.65 7.49
N TYR A 283 14.68 65.68 7.64
CA TYR A 283 14.52 64.94 8.89
C TYR A 283 14.31 63.47 8.56
N PRO A 284 14.67 62.56 9.48
CA PRO A 284 14.45 61.15 9.20
C PRO A 284 13.00 60.72 9.40
N ILE A 285 12.12 61.35 8.62
CA ILE A 285 10.73 60.94 8.48
C ILE A 285 10.69 59.73 7.54
N VAL A 286 10.25 58.58 8.07
CA VAL A 286 10.20 57.35 7.29
C VAL A 286 8.79 56.80 7.07
N SER A 287 7.77 57.49 7.60
CA SER A 287 6.41 57.01 7.47
C SER A 287 5.50 58.23 7.41
N ILE A 288 4.60 58.23 6.42
CA ILE A 288 3.68 59.35 6.21
C ILE A 288 2.29 58.80 6.02
N GLU A 289 1.40 59.16 6.95
CA GLU A 289 0.02 58.70 6.95
C GLU A 289 -0.89 59.75 6.30
N ASP A 290 -1.80 59.28 5.45
CA ASP A 290 -2.78 60.13 4.75
C ASP A 290 -2.14 61.41 4.20
N GLY A 291 -1.12 61.23 3.36
CA GLY A 291 -0.37 62.34 2.77
C GLY A 291 -1.12 63.09 1.67
N LEU A 292 -2.25 62.53 1.24
CA LEU A 292 -3.18 63.20 0.33
C LEU A 292 -4.61 62.83 0.74
N ASP A 293 -5.60 63.49 0.14
CA ASP A 293 -7.01 63.21 0.45
C ASP A 293 -7.39 61.79 0.03
N GLU A 294 -8.32 61.17 0.75
CA GLU A 294 -8.71 59.79 0.46
C GLU A 294 -9.28 59.62 -0.96
N SER A 295 -9.86 60.69 -1.50
CA SER A 295 -10.44 60.64 -2.86
C SER A 295 -9.41 60.83 -3.95
N ASP A 296 -8.21 61.26 -3.56
CA ASP A 296 -7.19 61.69 -4.52
C ASP A 296 -6.27 60.54 -4.94
N TRP A 297 -6.85 59.55 -5.62
CA TRP A 297 -6.11 58.35 -6.03
C TRP A 297 -5.08 58.60 -7.13
N ASP A 298 -5.38 59.51 -8.05
CA ASP A 298 -4.37 59.93 -9.02
C ASP A 298 -3.15 60.51 -8.30
N GLY A 299 -3.42 61.34 -7.29
CA GLY A 299 -2.37 61.93 -6.47
C GLY A 299 -1.61 60.86 -5.71
N PHE A 300 -2.34 59.91 -5.12
CA PHE A 300 -1.69 58.84 -4.36
C PHE A 300 -0.83 57.95 -5.23
N ALA A 301 -1.27 57.71 -6.47
CA ALA A 301 -0.47 56.94 -7.42
C ALA A 301 0.87 57.62 -7.63
N TYR A 302 0.86 58.93 -7.83
CA TYR A 302 2.10 59.71 -8.01
C TYR A 302 2.96 59.71 -6.75
N GLN A 303 2.33 59.94 -5.60
CA GLN A 303 3.05 59.97 -4.33
C GLN A 303 3.74 58.64 -4.08
N THR A 304 3.07 57.54 -4.44
CA THR A 304 3.61 56.22 -4.21
C THR A 304 4.80 55.97 -5.14
N LYS A 305 4.71 56.43 -6.38
CA LYS A 305 5.85 56.29 -7.31
C LYS A 305 7.07 57.09 -6.83
N VAL A 306 6.82 58.31 -6.37
CA VAL A 306 7.86 59.24 -5.96
C VAL A 306 8.51 58.84 -4.62
N LEU A 307 7.69 58.45 -3.65
CA LEU A 307 8.17 58.25 -2.27
C LEU A 307 8.18 56.81 -1.79
N GLY A 308 7.41 55.94 -2.44
CA GLY A 308 7.07 54.61 -1.92
C GLY A 308 8.22 53.62 -1.76
N ASP A 309 9.28 53.80 -2.56
CA ASP A 309 10.43 52.89 -2.46
C ASP A 309 11.23 53.07 -1.16
N LYS A 310 11.16 54.26 -0.56
CA LYS A 310 12.00 54.63 0.58
C LYS A 310 11.19 55.12 1.79
N ILE A 311 9.88 55.26 1.61
CA ILE A 311 9.01 55.82 2.66
C ILE A 311 7.76 54.96 2.81
N GLN A 312 7.37 54.70 4.06
CA GLN A 312 6.12 54.00 4.34
C GLN A 312 4.96 55.00 4.19
N LEU A 313 4.00 54.64 3.33
CA LEU A 313 2.87 55.50 3.01
C LEU A 313 1.62 54.82 3.55
N VAL A 314 1.14 55.31 4.69
CA VAL A 314 0.12 54.64 5.46
C VAL A 314 -1.27 55.21 5.12
N GLY A 315 -2.16 54.36 4.65
CA GLY A 315 -3.55 54.76 4.47
C GLY A 315 -4.33 54.57 5.76
N ASP A 316 -4.92 55.67 6.24
CA ASP A 316 -5.85 55.66 7.38
C ASP A 316 -7.23 55.96 6.82
N ASP A 317 -7.56 57.25 6.68
CA ASP A 317 -8.78 57.66 5.99
C ASP A 317 -8.85 57.07 4.57
N LEU A 318 -7.68 56.83 3.96
CA LEU A 318 -7.62 56.26 2.62
C LEU A 318 -8.32 54.92 2.52
N PHE A 319 -8.10 54.05 3.51
CA PHE A 319 -8.61 52.67 3.45
C PHE A 319 -9.71 52.34 4.46
N VAL A 320 -9.80 53.13 5.52
CA VAL A 320 -10.72 52.87 6.66
C VAL A 320 -10.88 51.37 7.02
N THR A 321 -9.75 50.66 7.07
CA THR A 321 -9.68 49.25 7.48
C THR A 321 -10.65 48.40 6.64
N ASN A 322 -10.80 48.79 5.36
CA ASN A 322 -11.76 48.18 4.45
C ASN A 322 -11.04 47.35 3.36
N THR A 323 -11.24 46.03 3.37
CA THR A 323 -10.51 45.12 2.47
C THR A 323 -10.90 45.34 1.02
N LYS A 324 -12.14 45.78 0.80
CA LYS A 324 -12.60 46.10 -0.54
C LYS A 324 -11.86 47.29 -1.12
N ILE A 325 -11.62 48.31 -0.28
CA ILE A 325 -10.86 49.48 -0.72
C ILE A 325 -9.38 49.14 -0.80
N LEU A 326 -8.84 48.49 0.24
CA LEU A 326 -7.45 48.04 0.24
C LEU A 326 -7.08 47.22 -1.02
N LYS A 327 -7.93 46.27 -1.37
CA LYS A 327 -7.69 45.42 -2.55
C LYS A 327 -7.52 46.25 -3.82
N GLU A 328 -8.44 47.19 -4.05
CA GLU A 328 -8.36 48.10 -5.19
C GLU A 328 -7.12 49.00 -5.11
N GLY A 329 -6.79 49.48 -3.91
CA GLY A 329 -5.57 50.25 -3.74
C GLY A 329 -4.33 49.48 -4.17
N ILE A 330 -4.20 48.25 -3.68
CA ILE A 330 -3.10 47.37 -4.05
C ILE A 330 -3.01 47.22 -5.58
N GLU A 331 -4.15 46.97 -6.20
CA GLU A 331 -4.20 46.81 -7.66
C GLU A 331 -3.68 48.04 -8.40
N LYS A 332 -3.93 49.22 -7.83
CA LYS A 332 -3.61 50.51 -8.48
C LYS A 332 -2.32 51.19 -8.00
N GLY A 333 -1.53 50.49 -7.18
CA GLY A 333 -0.26 51.00 -6.69
C GLY A 333 -0.44 52.20 -5.78
N ILE A 334 -1.44 52.10 -4.90
CA ILE A 334 -1.85 53.18 -3.99
C ILE A 334 -1.35 52.87 -2.58
N ALA A 335 -0.41 53.69 -2.11
CA ALA A 335 0.24 53.54 -0.79
C ALA A 335 0.99 52.22 -0.63
N ASN A 336 1.52 51.94 0.57
CA ASN A 336 2.16 50.66 0.80
C ASN A 336 1.99 50.18 2.24
N SER A 337 1.03 50.76 2.95
CA SER A 337 0.81 50.45 4.36
C SER A 337 -0.62 50.80 4.71
N ILE A 338 -1.15 50.18 5.75
CA ILE A 338 -2.53 50.45 6.17
C ILE A 338 -2.62 50.48 7.70
N LEU A 339 -3.34 51.48 8.20
CA LEU A 339 -3.65 51.57 9.62
C LEU A 339 -4.82 50.60 9.90
N ILE A 340 -4.69 49.78 10.94
CA ILE A 340 -5.73 48.82 11.28
C ILE A 340 -6.50 49.30 12.52
N LYS A 341 -7.73 49.74 12.31
CA LYS A 341 -8.61 50.15 13.39
C LYS A 341 -9.72 49.12 13.48
N PHE A 342 -9.62 48.17 14.42
CA PHE A 342 -10.58 47.07 14.41
C PHE A 342 -12.04 47.47 14.57
N ASN A 343 -12.29 48.67 15.11
CA ASN A 343 -13.69 49.11 15.26
C ASN A 343 -14.26 49.73 13.98
N GLN A 344 -13.40 49.95 12.98
CA GLN A 344 -13.81 50.41 11.65
C GLN A 344 -14.27 49.26 10.80
N ILE A 345 -13.94 48.04 11.24
CA ILE A 345 -14.38 46.86 10.53
C ILE A 345 -15.36 46.04 11.38
N GLY A 346 -15.07 45.89 12.68
CA GLY A 346 -16.09 45.50 13.66
C GLY A 346 -16.06 44.08 14.20
N SER A 347 -15.20 43.24 13.66
CA SER A 347 -15.03 41.90 14.23
C SER A 347 -13.58 41.46 14.17
N LEU A 348 -13.20 40.57 15.08
CA LEU A 348 -11.85 40.02 15.06
C LEU A 348 -11.55 39.25 13.76
N THR A 349 -12.49 38.41 13.31
CA THR A 349 -12.26 37.64 12.10
C THR A 349 -11.94 38.54 10.90
N GLU A 350 -12.73 39.60 10.71
CA GLU A 350 -12.50 40.52 9.61
C GLU A 350 -11.20 41.29 9.76
N THR A 351 -10.83 41.60 11.01
CA THR A 351 -9.58 42.28 11.29
C THR A 351 -8.39 41.42 10.85
N LEU A 352 -8.42 40.12 11.18
CA LEU A 352 -7.39 39.20 10.73
C LEU A 352 -7.29 39.18 9.20
N ALA A 353 -8.45 39.17 8.52
CA ALA A 353 -8.48 39.20 7.06
C ALA A 353 -7.82 40.44 6.47
N ALA A 354 -8.02 41.62 7.09
CA ALA A 354 -7.41 42.86 6.61
C ALA A 354 -5.89 42.82 6.77
N ILE A 355 -5.45 42.38 7.94
CA ILE A 355 -4.01 42.28 8.21
C ILE A 355 -3.36 41.33 7.19
N LYS A 356 -4.01 40.20 6.94
CA LYS A 356 -3.49 39.22 5.99
C LYS A 356 -3.43 39.77 4.55
N MET A 357 -4.47 40.46 4.11
CA MET A 357 -4.47 41.07 2.78
C MET A 357 -3.28 42.01 2.60
N ALA A 358 -3.00 42.82 3.62
CA ALA A 358 -1.86 43.73 3.56
C ALA A 358 -0.56 42.95 3.42
N LYS A 359 -0.35 41.98 4.30
CA LYS A 359 0.89 41.20 4.30
C LYS A 359 1.11 40.47 2.99
N ASP A 360 0.05 39.84 2.48
CA ASP A 360 0.16 39.10 1.21
C ASP A 360 0.63 40.00 0.06
N ALA A 361 0.25 41.28 0.12
CA ALA A 361 0.58 42.25 -0.93
C ALA A 361 1.91 42.98 -0.65
N GLY A 362 2.55 42.63 0.46
CA GLY A 362 3.81 43.28 0.85
C GLY A 362 3.60 44.62 1.53
N TYR A 363 2.34 45.00 1.74
CA TYR A 363 2.02 46.18 2.54
C TYR A 363 2.25 45.88 4.01
N THR A 364 2.55 46.91 4.79
CA THR A 364 2.65 46.75 6.23
C THR A 364 1.34 47.13 6.91
N ALA A 365 1.05 46.45 8.01
CA ALA A 365 -0.13 46.74 8.82
C ALA A 365 0.31 47.39 10.12
N VAL A 366 -0.28 48.54 10.44
CA VAL A 366 0.04 49.24 11.68
C VAL A 366 -1.20 49.19 12.55
N ILE A 367 -1.11 48.48 13.69
CA ILE A 367 -2.28 48.34 14.57
C ILE A 367 -2.51 49.63 15.34
N SER A 368 -3.73 50.16 15.29
CA SER A 368 -3.99 51.52 15.78
C SER A 368 -4.99 51.56 16.94
N HIS A 369 -4.75 52.50 17.85
CA HIS A 369 -5.78 52.99 18.79
C HIS A 369 -6.83 53.88 18.09
N ARG A 370 -7.77 54.40 18.88
CA ARG A 370 -8.62 55.52 18.48
C ARG A 370 -8.42 56.70 19.43
N SER A 371 -8.95 57.86 19.06
CA SER A 371 -8.85 59.03 19.94
C SER A 371 -9.54 58.78 21.28
N GLY A 372 -10.73 58.17 21.24
CA GLY A 372 -11.43 57.73 22.45
C GLY A 372 -11.07 56.29 22.74
N GLU A 373 -10.28 56.09 23.79
CA GLU A 373 -9.83 54.76 24.18
C GLU A 373 -10.41 54.33 25.53
N THR A 374 -10.08 53.13 25.97
CA THR A 374 -10.37 52.71 27.34
C THR A 374 -9.13 52.05 27.92
N GLU A 375 -9.29 51.52 29.14
CA GLU A 375 -8.29 50.68 29.82
C GLU A 375 -7.94 49.40 29.05
N ASP A 376 -8.79 49.03 28.09
CA ASP A 376 -8.63 47.81 27.31
C ASP A 376 -7.28 47.83 26.59
N ALA A 377 -6.61 46.67 26.49
CA ALA A 377 -5.32 46.60 25.80
C ALA A 377 -5.28 45.52 24.70
N THR A 378 -6.45 45.18 24.18
CA THR A 378 -6.56 44.12 23.17
C THR A 378 -5.66 44.37 21.96
N ILE A 379 -5.48 45.63 21.54
CA ILE A 379 -4.62 45.87 20.36
C ILE A 379 -3.18 45.39 20.57
N ALA A 380 -2.71 45.36 21.82
CA ALA A 380 -1.37 44.82 22.09
C ALA A 380 -1.31 43.34 21.73
N ASP A 381 -2.25 42.56 22.25
CA ASP A 381 -2.33 41.13 21.91
C ASP A 381 -2.50 40.91 20.41
N LEU A 382 -3.31 41.78 19.78
CA LEU A 382 -3.56 41.67 18.35
C LEU A 382 -2.27 41.87 17.56
N ALA A 383 -1.52 42.92 17.89
CA ALA A 383 -0.26 43.21 17.18
C ALA A 383 0.73 42.07 17.33
N VAL A 384 0.88 41.55 18.55
CA VAL A 384 1.80 40.41 18.77
C VAL A 384 1.34 39.13 18.07
N GLY A 385 0.07 38.80 18.26
CA GLY A 385 -0.51 37.53 17.75
C GLY A 385 -0.58 37.44 16.25
N THR A 386 -0.55 38.58 15.56
CA THR A 386 -0.52 38.55 14.10
C THR A 386 0.86 38.91 13.56
N ALA A 387 1.82 39.14 14.46
CA ALA A 387 3.16 39.61 14.09
C ALA A 387 3.07 40.78 13.10
N ALA A 388 2.18 41.73 13.40
CA ALA A 388 1.90 42.87 12.50
C ALA A 388 3.16 43.70 12.28
N GLY A 389 3.92 43.89 13.36
CA GLY A 389 5.21 44.52 13.30
C GLY A 389 5.24 45.98 13.74
N GLN A 390 4.09 46.65 13.72
CA GLN A 390 4.00 48.04 14.16
C GLN A 390 2.70 48.31 14.92
N ILE A 391 2.76 49.32 15.80
CA ILE A 391 1.60 49.74 16.58
C ILE A 391 1.63 51.27 16.72
N LYS A 392 0.43 51.85 16.74
CA LYS A 392 0.26 53.28 16.92
C LYS A 392 -0.76 53.40 18.05
N THR A 393 -0.28 53.60 19.27
CA THR A 393 -1.17 53.55 20.42
C THR A 393 -0.95 54.67 21.44
N GLY A 394 -0.32 55.75 20.99
CA GLY A 394 -0.27 56.98 21.76
C GLY A 394 1.07 57.43 22.25
N SER A 395 1.08 58.60 22.88
CA SER A 395 2.27 59.06 23.55
C SER A 395 2.48 58.26 24.85
N MET A 396 3.50 58.66 25.61
CA MET A 396 3.83 57.91 26.82
C MET A 396 3.19 58.55 28.06
N SER A 397 1.93 58.92 27.94
CA SER A 397 1.13 59.31 29.12
C SER A 397 -0.34 59.01 28.83
N ARG A 398 -1.10 58.99 29.93
CA ARG A 398 -2.54 58.60 30.00
C ARG A 398 -2.61 57.09 29.95
N SER A 399 -3.24 56.47 30.95
CA SER A 399 -3.34 55.00 30.92
C SER A 399 -4.19 54.44 29.78
N ASP A 400 -5.03 55.26 29.14
CA ASP A 400 -5.66 54.86 27.88
C ASP A 400 -4.64 54.54 26.78
N ARG A 401 -3.44 55.12 26.89
CA ARG A 401 -2.33 54.76 25.98
C ARG A 401 -1.39 53.78 26.68
N VAL A 402 -0.97 54.12 27.88
CA VAL A 402 0.07 53.36 28.56
C VAL A 402 -0.37 51.94 28.94
N ALA A 403 -1.69 51.70 29.10
CA ALA A 403 -2.18 50.34 29.34
C ALA A 403 -1.71 49.40 28.21
N LYS A 404 -1.66 49.92 26.99
CA LYS A 404 -1.22 49.12 25.85
C LYS A 404 0.27 48.83 25.93
N TYR A 405 1.06 49.85 26.25
CA TYR A 405 2.50 49.65 26.43
C TYR A 405 2.78 48.65 27.54
N ASN A 406 2.04 48.75 28.65
CA ASN A 406 2.22 47.82 29.75
C ASN A 406 1.90 46.39 29.35
N GLN A 407 0.86 46.22 28.54
CA GLN A 407 0.49 44.90 28.07
C GLN A 407 1.61 44.35 27.16
N LEU A 408 2.19 45.20 26.33
CA LEU A 408 3.33 44.79 25.50
C LEU A 408 4.49 44.34 26.38
N ILE A 409 4.74 45.09 27.47
CA ILE A 409 5.74 44.63 28.44
C ILE A 409 5.45 43.22 28.97
N ARG A 410 4.21 42.97 29.40
CA ARG A 410 3.83 41.66 29.95
C ARG A 410 4.00 40.57 28.90
N ILE A 411 3.60 40.87 27.67
CA ILE A 411 3.65 39.88 26.59
C ILE A 411 5.08 39.53 26.24
N GLU A 412 5.94 40.55 26.14
CA GLU A 412 7.37 40.31 25.84
C GLU A 412 8.04 39.50 26.95
N GLU A 413 7.71 39.82 28.20
CA GLU A 413 8.23 39.08 29.34
C GLU A 413 7.84 37.60 29.26
N ALA A 414 6.60 37.34 28.84
CA ALA A 414 6.08 35.97 28.76
C ALA A 414 6.70 35.19 27.61
N LEU A 415 6.78 35.81 26.44
CA LEU A 415 7.23 35.14 25.22
C LEU A 415 8.74 35.08 25.09
N GLY A 416 9.41 36.12 25.58
CA GLY A 416 10.89 36.14 25.56
C GLY A 416 11.47 35.95 24.17
N GLU A 417 12.33 34.95 24.04
CA GLU A 417 12.97 34.64 22.76
C GLU A 417 12.01 34.34 21.59
N LYS A 418 10.73 34.03 21.90
CA LYS A 418 9.73 33.72 20.87
C LYS A 418 9.08 34.95 20.21
N ALA A 419 9.36 36.15 20.73
CA ALA A 419 8.79 37.37 20.15
C ALA A 419 9.85 38.43 19.85
N PRO A 420 10.55 38.28 18.71
CA PRO A 420 11.56 39.27 18.38
C PRO A 420 11.01 40.69 18.20
N TYR A 421 11.84 41.66 18.55
CA TYR A 421 11.63 43.05 18.20
C TYR A 421 12.55 43.34 17.03
N ASN A 422 11.96 43.49 15.84
CA ASN A 422 12.75 43.58 14.61
C ASN A 422 13.27 44.97 14.22
N GLY A 423 12.80 46.01 14.92
CA GLY A 423 13.32 47.35 14.71
C GLY A 423 12.97 47.93 13.35
N ARG A 424 13.91 48.68 12.77
CA ARG A 424 13.56 49.53 11.61
C ARG A 424 13.04 48.78 10.40
N LYS A 425 13.50 47.54 10.21
CA LYS A 425 13.08 46.73 9.05
C LYS A 425 11.56 46.43 8.99
N GLU A 426 10.84 46.60 10.11
CA GLU A 426 9.38 46.44 10.04
C GLU A 426 8.73 47.49 9.13
N ILE A 427 9.33 48.67 9.10
CA ILE A 427 8.78 49.82 8.38
C ILE A 427 8.96 49.64 6.88
N LYS A 428 7.89 49.89 6.13
CA LYS A 428 7.91 49.72 4.67
C LYS A 428 8.88 50.72 4.05
N GLY A 429 9.82 50.22 3.26
CA GLY A 429 10.84 51.07 2.65
C GLY A 429 12.18 50.99 3.36
N GLN A 430 12.17 50.47 4.59
CA GLN A 430 13.38 50.30 5.37
C GLN A 430 13.83 48.86 5.34
N ALA A 431 15.10 48.64 5.00
CA ALA A 431 15.67 47.30 4.94
C ALA A 431 16.36 46.92 6.24
N ALA B 1 -15.31 37.45 37.45
CA ALA B 1 -13.82 37.42 37.34
C ALA B 1 -13.27 38.82 37.59
N SER B 2 -12.02 38.90 38.07
CA SER B 2 -11.37 40.19 38.29
C SER B 2 -11.21 40.95 36.97
N PRO B 3 -11.14 42.29 37.02
CA PRO B 3 -11.01 42.97 35.74
C PRO B 3 -9.69 42.63 35.03
N GLU B 4 -8.63 42.42 35.81
CA GLU B 4 -7.32 42.04 35.23
C GLU B 4 -7.38 40.70 34.51
N LEU B 5 -8.00 39.70 35.12
CA LEU B 5 -8.10 38.36 34.51
C LEU B 5 -9.04 38.39 33.30
N ALA B 6 -10.23 38.97 33.48
CA ALA B 6 -11.25 39.02 32.42
C ALA B 6 -10.74 39.76 31.19
N SER B 7 -10.06 40.89 31.42
CA SER B 7 -9.46 41.68 30.32
C SER B 7 -8.26 41.01 29.66
N GLY B 8 -7.64 40.07 30.36
CA GLY B 8 -6.51 39.32 29.81
C GLY B 8 -5.16 39.99 30.04
N LYS B 9 -5.06 40.70 31.16
CA LYS B 9 -3.81 41.37 31.55
C LYS B 9 -2.97 40.49 32.50
N VAL B 10 -3.61 39.49 33.08
CA VAL B 10 -2.94 38.50 33.92
C VAL B 10 -3.49 37.12 33.51
N TRP B 11 -2.67 36.07 33.67
CA TRP B 11 -3.08 34.72 33.28
C TRP B 11 -2.81 33.70 34.37
N ILE B 12 -3.67 32.69 34.40
CA ILE B 12 -3.50 31.53 35.27
C ILE B 12 -2.25 30.75 34.84
N ARG B 13 -1.50 30.26 35.84
CA ARG B 13 -0.26 29.51 35.59
C ARG B 13 -0.30 28.12 36.20
N TYR B 14 -1.34 27.83 36.97
CA TYR B 14 -1.40 26.57 37.72
C TYR B 14 -2.74 25.85 37.57
N PRO B 15 -2.72 24.50 37.57
CA PRO B 15 -3.96 23.75 37.32
C PRO B 15 -4.77 23.44 38.59
N SER C 1 -5.19 29.23 51.55
CA SER C 1 -4.94 29.30 50.08
C SER C 1 -3.48 29.65 49.85
N LYS C 2 -2.71 28.64 49.46
CA LYS C 2 -1.24 28.69 49.51
C LYS C 2 -0.62 29.49 48.35
N ILE C 3 0.22 30.45 48.71
CA ILE C 3 0.96 31.27 47.72
C ILE C 3 2.02 30.38 47.09
N VAL C 4 2.01 30.27 45.76
CA VAL C 4 3.01 29.46 45.05
C VAL C 4 3.94 30.28 44.15
N LYS C 5 3.55 31.52 43.83
CA LYS C 5 4.43 32.37 43.01
C LYS C 5 4.11 33.85 43.21
N ILE C 6 5.17 34.65 43.30
CA ILE C 6 5.04 36.11 43.35
C ILE C 6 5.97 36.71 42.29
N ILE C 7 5.42 37.57 41.45
CA ILE C 7 6.17 38.16 40.34
C ILE C 7 6.03 39.65 40.42
N GLY C 8 7.16 40.37 40.37
CA GLY C 8 7.15 41.81 40.25
C GLY C 8 7.68 42.23 38.89
N ARG C 9 7.18 43.35 38.40
CA ARG C 9 7.69 43.89 37.15
C ARG C 9 7.58 45.39 37.13
N GLU C 10 8.43 46.00 36.31
CA GLU C 10 8.40 47.42 36.07
C GLU C 10 7.46 47.73 34.91
N ILE C 11 6.42 48.48 35.22
CA ILE C 11 5.50 49.00 34.20
C ILE C 11 5.51 50.53 34.21
N ILE C 12 4.68 51.15 33.37
CA ILE C 12 4.68 52.61 33.21
C ILE C 12 3.39 53.21 33.77
N ASP C 13 3.51 54.31 34.50
CA ASP C 13 2.33 55.00 35.04
C ASP C 13 1.76 56.06 34.08
N SER C 14 0.72 56.73 34.52
CA SER C 14 -0.04 57.62 33.64
C SER C 14 0.70 58.91 33.28
N ARG C 15 1.81 59.16 33.96
CA ARG C 15 2.68 60.31 33.66
C ARG C 15 3.92 59.89 32.90
N GLY C 16 3.98 58.60 32.56
CA GLY C 16 5.10 58.02 31.81
C GLY C 16 6.28 57.63 32.67
N ASN C 17 6.09 57.54 33.99
CA ASN C 17 7.15 57.12 34.90
C ASN C 17 6.99 55.68 35.35
N PRO C 18 8.12 54.99 35.60
CA PRO C 18 7.98 53.59 36.06
C PRO C 18 7.21 53.43 37.36
N THR C 19 6.53 52.30 37.49
CA THR C 19 6.03 51.89 38.80
C THR C 19 6.05 50.37 38.91
N VAL C 20 5.72 49.87 40.09
CA VAL C 20 5.75 48.44 40.38
C VAL C 20 4.39 47.79 40.17
N GLU C 21 4.39 46.67 39.44
CA GLU C 21 3.24 45.80 39.33
C GLU C 21 3.61 44.46 39.94
N ALA C 22 2.69 43.85 40.67
CA ALA C 22 2.93 42.52 41.23
C ALA C 22 1.79 41.57 40.91
N GLU C 23 2.14 40.30 40.71
CA GLU C 23 1.15 39.22 40.64
C GLU C 23 1.40 38.26 41.80
N VAL C 24 0.31 37.81 42.40
CA VAL C 24 0.39 36.74 43.40
C VAL C 24 -0.47 35.57 42.91
N HIS C 25 0.16 34.41 42.79
CA HIS C 25 -0.49 33.19 42.29
C HIS C 25 -0.61 32.20 43.41
N LEU C 26 -1.77 31.54 43.48
CA LEU C 26 -2.03 30.54 44.52
C LEU C 26 -2.21 29.15 43.96
N GLU C 27 -1.97 28.15 44.81
CA GLU C 27 -2.25 26.77 44.47
C GLU C 27 -3.68 26.67 43.93
N GLY C 28 -3.86 25.97 42.83
CA GLY C 28 -5.17 25.90 42.20
C GLY C 28 -5.39 26.93 41.10
N GLY C 29 -4.40 27.80 40.89
CA GLY C 29 -4.41 28.74 39.77
C GLY C 29 -4.86 30.18 40.03
N PHE C 30 -5.41 30.43 41.20
CA PHE C 30 -5.93 31.76 41.52
C PHE C 30 -4.84 32.81 41.45
N VAL C 31 -5.15 33.94 40.84
CA VAL C 31 -4.17 35.00 40.68
C VAL C 31 -4.78 36.37 40.93
N GLY C 32 -3.98 37.25 41.51
CA GLY C 32 -4.30 38.67 41.65
C GLY C 32 -3.16 39.49 41.10
N MET C 33 -3.50 40.61 40.49
CA MET C 33 -2.49 41.54 40.00
C MET C 33 -2.85 42.98 40.39
N ALA C 34 -1.87 43.73 40.85
CA ALA C 34 -2.09 45.14 41.17
C ALA C 34 -0.82 45.94 40.94
N ALA C 35 -0.98 47.26 40.90
CA ALA C 35 0.16 48.17 40.75
C ALA C 35 0.13 49.27 41.80
N ALA C 36 1.32 49.76 42.15
CA ALA C 36 1.45 50.94 43.00
C ALA C 36 1.30 52.24 42.22
N PRO C 37 0.55 53.21 42.76
CA PRO C 37 0.58 54.54 42.14
C PRO C 37 1.83 55.29 42.58
N SER C 38 2.07 56.47 42.00
CA SER C 38 3.25 57.28 42.30
C SER C 38 3.22 57.77 43.75
N GLY C 39 4.41 57.92 44.35
CA GLY C 39 4.52 58.41 45.73
C GLY C 39 5.80 59.20 45.96
N ALA C 40 6.20 59.31 47.21
CA ALA C 40 7.40 60.06 47.58
C ALA C 40 8.57 59.13 47.81
N SER C 41 9.74 59.56 47.34
CA SER C 41 10.99 58.81 47.44
C SER C 41 11.81 59.30 48.65
N THR C 42 11.46 60.48 49.14
CA THR C 42 12.17 61.12 50.26
C THR C 42 11.16 61.76 51.20
N GLY C 43 11.62 62.13 52.39
CA GLY C 43 10.76 62.71 53.43
C GLY C 43 10.78 61.84 54.68
N SER C 44 10.39 62.42 55.80
CA SER C 44 10.52 61.73 57.09
C SER C 44 9.18 61.39 57.77
N ARG C 45 8.07 61.64 57.07
CA ARG C 45 6.75 61.44 57.65
C ARG C 45 5.93 60.31 57.03
N GLU C 46 6.13 60.06 55.74
CA GLU C 46 5.33 59.05 55.02
C GLU C 46 6.17 57.83 54.64
N ALA C 47 5.49 56.73 54.30
CA ALA C 47 6.18 55.58 53.70
C ALA C 47 6.83 55.98 52.37
N LEU C 48 8.04 55.47 52.12
CA LEU C 48 8.78 55.90 50.96
C LEU C 48 8.78 54.83 49.87
N GLU C 49 8.58 55.27 48.63
CA GLU C 49 8.76 54.38 47.50
C GLU C 49 10.26 54.30 47.22
N LEU C 50 10.70 53.18 46.66
CA LEU C 50 12.09 53.04 46.30
C LEU C 50 12.26 53.32 44.81
N ARG C 51 13.14 54.28 44.51
CA ARG C 51 13.54 54.63 43.15
C ARG C 51 15.02 54.33 42.96
N ASP C 52 15.39 53.98 41.73
CA ASP C 52 16.76 53.55 41.44
C ASP C 52 17.78 54.68 41.47
N GLY C 53 17.40 55.86 40.98
CA GLY C 53 18.32 56.99 40.85
C GLY C 53 19.40 56.80 39.80
N ASP C 54 19.14 55.94 38.81
CA ASP C 54 20.08 55.74 37.72
C ASP C 54 19.75 56.74 36.63
N LYS C 55 20.61 57.75 36.44
CA LYS C 55 20.34 58.81 35.46
C LYS C 55 20.21 58.31 34.02
N SER C 56 20.74 57.12 33.75
CA SER C 56 20.71 56.57 32.41
C SER C 56 19.40 55.83 32.06
N ARG C 57 18.52 55.64 33.04
CA ARG C 57 17.22 55.02 32.81
C ARG C 57 16.12 55.89 33.40
N PHE C 58 15.16 56.31 32.57
CA PHE C 58 13.95 56.95 33.06
C PHE C 58 14.24 58.20 33.92
N LEU C 59 15.32 58.92 33.58
CA LEU C 59 15.70 60.14 34.30
C LEU C 59 15.85 59.88 35.81
N GLY C 60 16.30 58.66 36.15
CA GLY C 60 16.56 58.31 37.54
C GLY C 60 15.35 57.73 38.27
N LYS C 61 14.26 57.52 37.54
CA LYS C 61 13.00 57.09 38.17
C LYS C 61 12.68 55.59 38.02
N GLY C 62 13.67 54.79 37.63
CA GLY C 62 13.45 53.35 37.52
C GLY C 62 13.05 52.73 38.85
N VAL C 63 12.36 51.60 38.79
CA VAL C 63 11.98 50.86 40.01
C VAL C 63 12.48 49.42 39.98
N THR C 64 13.63 49.20 39.33
CA THR C 64 14.24 47.87 39.31
C THR C 64 14.56 47.32 40.70
N LYS C 65 14.98 48.20 41.61
CA LYS C 65 15.33 47.78 42.97
C LYS C 65 14.08 47.32 43.73
N ALA C 66 12.99 48.08 43.64
CA ALA C 66 11.75 47.68 44.28
C ALA C 66 11.22 46.38 43.66
N VAL C 67 11.31 46.27 42.33
CA VAL C 67 10.87 45.05 41.65
C VAL C 67 11.73 43.84 42.10
N ALA C 68 13.03 44.06 42.28
CA ALA C 68 13.90 42.98 42.75
C ALA C 68 13.52 42.55 44.18
N ALA C 69 13.07 43.50 44.99
CA ALA C 69 12.64 43.18 46.35
C ALA C 69 11.41 42.28 46.30
N VAL C 70 10.48 42.59 45.40
CA VAL C 70 9.32 41.72 45.19
C VAL C 70 9.74 40.30 44.80
N ASN C 71 10.63 40.19 43.81
CA ASN C 71 10.96 38.90 43.23
C ASN C 71 11.87 38.03 44.09
N GLY C 72 12.63 38.67 44.97
CA GLY C 72 13.61 37.97 45.81
C GLY C 72 13.16 37.81 47.26
N PRO C 73 13.52 38.77 48.13
CA PRO C 73 13.26 38.64 49.57
C PRO C 73 11.77 38.58 49.94
N ILE C 74 10.94 39.37 49.28
CA ILE C 74 9.52 39.32 49.59
C ILE C 74 8.93 37.99 49.14
N ALA C 75 9.23 37.59 47.89
CA ALA C 75 8.68 36.37 47.35
C ALA C 75 9.00 35.20 48.27
N GLN C 76 10.26 35.06 48.64
CA GLN C 76 10.63 33.85 49.37
C GLN C 76 10.04 33.82 50.78
N ALA C 77 9.77 35.00 51.33
CA ALA C 77 9.19 35.09 52.67
C ALA C 77 7.71 34.72 52.66
N LEU C 78 7.04 35.04 51.55
CA LEU C 78 5.60 34.84 51.47
C LEU C 78 5.17 33.55 50.83
N ILE C 79 6.01 32.97 49.97
CA ILE C 79 5.60 31.74 49.29
C ILE C 79 5.35 30.66 50.37
N GLY C 80 4.29 29.89 50.18
CA GLY C 80 3.86 28.91 51.18
C GLY C 80 2.80 29.42 52.16
N LYS C 81 2.68 30.74 52.28
CA LYS C 81 1.77 31.35 53.28
C LYS C 81 0.33 31.38 52.75
N ASP C 82 -0.63 31.56 53.67
CA ASP C 82 -2.06 31.64 53.33
C ASP C 82 -2.44 33.07 52.93
N ALA C 83 -2.76 33.23 51.64
CA ALA C 83 -3.12 34.55 51.11
C ALA C 83 -4.34 35.15 51.81
N LYS C 84 -5.22 34.30 52.35
CA LYS C 84 -6.43 34.80 53.03
C LYS C 84 -6.08 35.58 54.29
N ASP C 85 -4.90 35.30 54.86
CA ASP C 85 -4.46 35.98 56.08
C ASP C 85 -3.75 37.30 55.77
N GLN C 86 -4.53 38.30 55.35
CA GLN C 86 -3.97 39.56 54.91
C GLN C 86 -3.05 40.23 55.94
N ALA C 87 -3.52 40.31 57.19
CA ALA C 87 -2.71 40.96 58.22
C ALA C 87 -1.40 40.21 58.39
N GLY C 88 -1.46 38.89 58.28
CA GLY C 88 -0.26 38.04 58.41
C GLY C 88 0.72 38.26 57.27
N ILE C 89 0.19 38.29 56.05
CA ILE C 89 1.00 38.59 54.86
C ILE C 89 1.65 39.97 54.97
N ASP C 90 0.86 40.98 55.31
CA ASP C 90 1.40 42.33 55.46
C ASP C 90 2.44 42.42 56.59
N LYS C 91 2.17 41.74 57.70
CA LYS C 91 3.12 41.73 58.82
C LYS C 91 4.48 41.16 58.40
N ILE C 92 4.45 40.08 57.63
CA ILE C 92 5.70 39.48 57.13
C ILE C 92 6.52 40.52 56.36
N MET C 93 5.87 41.24 55.45
CA MET C 93 6.59 42.20 54.63
C MET C 93 7.11 43.37 55.46
N ILE C 94 6.25 43.91 56.32
CA ILE C 94 6.61 45.04 57.17
C ILE C 94 7.81 44.66 58.06
N ASP C 95 7.74 43.50 58.70
CA ASP C 95 8.80 43.04 59.61
C ASP C 95 10.10 42.79 58.86
N LEU C 96 9.99 42.16 57.68
CA LEU C 96 11.15 41.87 56.85
C LEU C 96 11.86 43.13 56.37
N ASP C 97 11.10 44.10 55.89
CA ASP C 97 11.66 45.37 55.48
C ASP C 97 12.43 46.01 56.64
N GLY C 98 11.84 45.95 57.83
CA GLY C 98 12.53 46.30 59.07
C GLY C 98 12.69 47.78 59.39
N THR C 99 12.26 48.64 58.47
CA THR C 99 12.32 50.07 58.67
C THR C 99 10.94 50.58 59.08
N GLU C 100 10.88 51.84 59.54
CA GLU C 100 9.61 52.41 59.94
C GLU C 100 8.81 52.96 58.76
N ASN C 101 9.51 53.21 57.65
CA ASN C 101 8.90 53.88 56.49
C ASN C 101 9.00 53.07 55.20
N LYS C 102 9.20 51.77 55.34
CA LYS C 102 9.25 50.84 54.20
C LYS C 102 10.33 51.23 53.19
N SER C 103 11.42 51.84 53.66
CA SER C 103 12.43 52.37 52.74
C SER C 103 13.49 51.35 52.31
N LYS C 104 13.43 50.13 52.84
CA LYS C 104 14.35 49.09 52.39
C LYS C 104 13.86 48.49 51.07
N PHE C 105 12.64 47.95 51.07
CA PHE C 105 12.05 47.37 49.87
C PHE C 105 11.30 48.41 49.03
N GLY C 106 10.84 49.45 49.72
CA GLY C 106 9.96 50.45 49.09
C GLY C 106 8.49 50.15 49.38
N ALA C 107 7.77 51.21 49.71
CA ALA C 107 6.32 51.13 49.88
C ALA C 107 5.64 50.73 48.58
N ASN C 108 6.29 51.05 47.44
CA ASN C 108 5.81 50.59 46.12
C ASN C 108 5.84 49.08 45.96
N ALA C 109 6.95 48.45 46.35
CA ALA C 109 7.05 46.99 46.32
C ALA C 109 6.03 46.34 47.28
N ILE C 110 6.01 46.84 48.52
CA ILE C 110 5.15 46.23 49.54
C ILE C 110 3.67 46.39 49.20
N LEU C 111 3.26 47.59 48.77
CA LEU C 111 1.85 47.79 48.45
C LEU C 111 1.40 46.94 47.27
N ALA C 112 2.22 46.90 46.21
CA ALA C 112 1.82 46.14 45.03
C ALA C 112 1.55 44.67 45.40
N VAL C 113 2.44 44.09 46.21
CA VAL C 113 2.23 42.70 46.64
C VAL C 113 1.01 42.57 47.60
N SER C 114 0.86 43.54 48.49
CA SER C 114 -0.23 43.57 49.48
C SER C 114 -1.57 43.51 48.76
N LEU C 115 -1.72 44.36 47.74
CA LEU C 115 -2.97 44.40 46.98
C LEU C 115 -3.18 43.21 46.07
N ALA C 116 -2.11 42.78 45.39
CA ALA C 116 -2.21 41.61 44.53
C ALA C 116 -2.55 40.35 45.34
N ASN C 117 -2.02 40.27 46.56
CA ASN C 117 -2.35 39.16 47.46
C ASN C 117 -3.84 39.15 47.83
N ALA C 118 -4.37 40.33 48.18
CA ALA C 118 -5.78 40.47 48.52
C ALA C 118 -6.66 40.02 47.35
N LYS C 119 -6.29 40.42 46.12
CA LYS C 119 -7.05 40.00 44.93
C LYS C 119 -6.95 38.48 44.71
N ALA C 120 -5.76 37.92 44.92
CA ALA C 120 -5.59 36.48 44.79
C ALA C 120 -6.47 35.71 45.79
N ALA C 121 -6.47 36.17 47.04
CA ALA C 121 -7.26 35.55 48.11
C ALA C 121 -8.75 35.64 47.77
N ALA C 122 -9.18 36.79 47.30
CA ALA C 122 -10.57 37.00 46.90
C ALA C 122 -10.95 35.98 45.83
N ALA C 123 -10.10 35.84 44.81
CA ALA C 123 -10.34 34.83 43.77
C ALA C 123 -10.42 33.39 44.31
N ALA C 124 -9.57 33.06 45.28
CA ALA C 124 -9.58 31.74 45.91
C ALA C 124 -10.91 31.50 46.63
N LYS C 125 -11.46 32.57 47.20
CA LYS C 125 -12.72 32.55 47.96
C LYS C 125 -13.95 32.70 47.05
N GLY C 126 -13.73 32.80 45.74
CA GLY C 126 -14.80 32.90 44.75
C GLY C 126 -15.63 34.17 44.90
N MET C 127 -14.96 35.26 45.28
CA MET C 127 -15.66 36.52 45.50
C MET C 127 -14.89 37.69 44.91
N PRO C 128 -15.60 38.79 44.58
CA PRO C 128 -14.90 39.99 44.13
C PRO C 128 -14.11 40.64 45.26
N LEU C 129 -13.10 41.42 44.90
CA LEU C 129 -12.25 42.10 45.87
C LEU C 129 -13.04 42.89 46.91
N TYR C 130 -14.03 43.67 46.48
CA TYR C 130 -14.78 44.49 47.44
C TYR C 130 -15.42 43.64 48.54
N GLU C 131 -15.90 42.46 48.18
CA GLU C 131 -16.52 41.56 49.16
C GLU C 131 -15.47 41.03 50.14
N HIS C 132 -14.32 40.60 49.60
CA HIS C 132 -13.19 40.18 50.45
C HIS C 132 -12.71 41.29 51.39
N ILE C 133 -12.62 42.51 50.86
CA ILE C 133 -12.23 43.66 51.67
C ILE C 133 -13.18 43.88 52.84
N ALA C 134 -14.49 43.82 52.58
CA ALA C 134 -15.46 43.93 53.68
C ALA C 134 -15.21 42.86 54.76
N GLU C 135 -14.93 41.62 54.33
CA GLU C 135 -14.65 40.54 55.29
C GLU C 135 -13.36 40.81 56.07
N LEU C 136 -12.29 41.20 55.35
CA LEU C 136 -11.05 41.60 56.01
C LEU C 136 -11.26 42.73 57.01
N ASN C 137 -12.18 43.65 56.66
CA ASN C 137 -12.47 44.83 57.45
C ASN C 137 -13.30 44.51 58.69
N GLY C 138 -13.86 43.29 58.73
CA GLY C 138 -14.68 42.85 59.88
C GLY C 138 -16.06 43.47 59.80
N THR C 139 -16.45 43.87 58.59
CA THR C 139 -17.76 44.47 58.36
C THR C 139 -18.39 43.74 57.18
N PRO C 140 -18.60 42.41 57.30
CA PRO C 140 -18.98 41.59 56.16
C PRO C 140 -20.29 42.05 55.56
N GLY C 141 -20.34 42.19 54.24
CA GLY C 141 -21.54 42.66 53.56
C GLY C 141 -21.92 44.11 53.72
N LYS C 142 -21.11 44.89 54.43
CA LYS C 142 -21.37 46.34 54.60
C LYS C 142 -20.74 47.09 53.43
N TYR C 143 -21.55 47.80 52.65
CA TYR C 143 -21.04 48.50 51.47
C TYR C 143 -21.68 49.89 51.28
N SER C 144 -20.96 50.78 50.61
CA SER C 144 -21.57 51.97 50.03
C SER C 144 -20.85 52.28 48.71
N MET C 145 -21.52 53.00 47.80
CA MET C 145 -20.85 53.54 46.63
C MET C 145 -20.43 54.96 47.02
N PRO C 146 -19.13 55.30 46.85
CA PRO C 146 -18.59 56.57 47.34
C PRO C 146 -19.07 57.78 46.55
N VAL C 147 -19.23 58.89 47.25
CA VAL C 147 -19.51 60.16 46.61
C VAL C 147 -18.21 60.71 46.05
N PRO C 148 -18.12 60.81 44.71
CA PRO C 148 -16.89 61.33 44.11
C PRO C 148 -16.73 62.85 44.22
N MET C 149 -15.54 63.30 44.61
CA MET C 149 -15.13 64.67 44.35
C MET C 149 -14.20 64.65 43.14
N MET C 150 -14.62 65.34 42.08
CA MET C 150 -14.00 65.21 40.75
C MET C 150 -13.24 66.45 40.38
N ASN C 151 -11.94 66.29 40.12
CA ASN C 151 -11.11 67.39 39.66
C ASN C 151 -11.79 68.09 38.51
N ILE C 152 -11.72 69.41 38.48
CA ILE C 152 -12.29 70.17 37.37
C ILE C 152 -11.39 71.32 36.89
N ILE C 153 -10.85 72.10 37.82
CA ILE C 153 -9.93 73.19 37.51
C ILE C 153 -8.70 73.11 38.41
N ASN C 154 -7.50 73.16 37.82
CA ASN C 154 -6.24 73.20 38.56
C ASN C 154 -5.66 74.62 38.64
N GLY C 155 -4.96 74.91 39.74
CA GLY C 155 -4.26 76.19 39.91
C GLY C 155 -2.97 75.97 40.68
N GLY C 156 -2.41 77.05 41.23
CA GLY C 156 -1.18 76.99 42.03
C GLY C 156 -0.02 76.27 41.37
N GLU C 157 0.59 75.35 42.11
CA GLU C 157 1.74 74.58 41.64
C GLU C 157 1.35 73.52 40.60
N HIS C 158 0.05 73.31 40.43
CA HIS C 158 -0.49 72.34 39.48
C HIS C 158 -1.02 73.01 38.21
N ALA C 159 -0.55 74.22 37.94
CA ALA C 159 -0.98 74.98 36.76
C ALA C 159 0.01 76.10 36.46
N ASP C 160 -0.25 76.81 35.36
CA ASP C 160 0.52 78.00 35.01
C ASP C 160 -0.46 79.15 34.75
N ASN C 161 -1.25 79.46 35.78
CA ASN C 161 -2.22 80.55 35.73
C ASN C 161 -2.07 81.46 36.95
N ASN C 162 -3.04 82.34 37.18
CA ASN C 162 -2.99 83.18 38.38
C ASN C 162 -4.06 82.77 39.39
N VAL C 163 -4.29 81.46 39.48
CA VAL C 163 -5.11 80.88 40.53
C VAL C 163 -4.17 80.40 41.63
N ASP C 164 -4.40 80.85 42.86
CA ASP C 164 -3.58 80.44 44.02
C ASP C 164 -3.91 79.02 44.49
N ILE C 165 -5.20 78.74 44.61
CA ILE C 165 -5.72 77.44 45.06
C ILE C 165 -5.29 76.35 44.09
N GLN C 166 -4.91 75.18 44.62
CA GLN C 166 -4.29 74.16 43.80
C GLN C 166 -5.31 73.36 43.01
N GLU C 167 -6.47 73.11 43.62
CA GLU C 167 -7.48 72.27 42.99
C GLU C 167 -8.92 72.63 43.34
N PHE C 168 -9.76 72.78 42.31
CA PHE C 168 -11.21 72.84 42.50
C PHE C 168 -11.87 71.58 41.98
N MET C 169 -12.86 71.10 42.71
CA MET C 169 -13.53 69.82 42.42
C MET C 169 -15.05 69.96 42.47
N ILE C 170 -15.75 69.14 41.69
CA ILE C 170 -17.22 69.04 41.77
C ILE C 170 -17.66 67.75 42.45
N GLN C 171 -18.72 67.84 43.26
CA GLN C 171 -19.32 66.66 43.87
C GLN C 171 -20.78 66.51 43.46
N PRO C 172 -21.12 65.48 42.65
CA PRO C 172 -22.52 65.22 42.25
C PRO C 172 -23.38 64.59 43.37
N VAL C 173 -23.57 65.36 44.44
CA VAL C 173 -24.28 64.88 45.64
C VAL C 173 -25.75 64.54 45.38
N GLY C 174 -26.33 65.19 44.36
CA GLY C 174 -27.73 65.03 44.05
C GLY C 174 -28.06 63.75 43.33
N ALA C 175 -27.04 63.04 42.85
CA ALA C 175 -27.28 61.78 42.15
C ALA C 175 -27.84 60.73 43.08
N LYS C 176 -28.54 59.75 42.51
CA LYS C 176 -29.13 58.67 43.29
C LYS C 176 -28.31 57.39 43.28
N THR C 177 -27.44 57.27 42.27
CA THR C 177 -26.52 56.14 42.14
C THR C 177 -25.19 56.70 41.68
N VAL C 178 -24.12 55.92 41.84
CA VAL C 178 -22.80 56.38 41.37
C VAL C 178 -22.77 56.46 39.84
N LYS C 179 -23.52 55.58 39.17
CA LYS C 179 -23.62 55.62 37.72
C LYS C 179 -24.19 56.97 37.29
N GLU C 180 -25.21 57.46 38.00
CA GLU C 180 -25.75 58.77 37.70
C GLU C 180 -24.74 59.87 38.02
N ALA C 181 -24.02 59.73 39.14
CA ALA C 181 -23.02 60.72 39.55
C ALA C 181 -21.95 60.84 38.45
N ILE C 182 -21.59 59.71 37.87
CA ILE C 182 -20.57 59.66 36.82
C ILE C 182 -21.04 60.36 35.53
N ARG C 183 -22.29 60.10 35.14
CA ARG C 183 -22.88 60.80 34.00
C ARG C 183 -22.94 62.31 34.24
N MET C 184 -23.39 62.72 35.43
CA MET C 184 -23.42 64.13 35.79
C MET C 184 -22.04 64.77 35.67
N GLY C 185 -21.02 64.09 36.20
CA GLY C 185 -19.66 64.56 36.08
C GLY C 185 -19.21 64.71 34.64
N SER C 186 -19.52 63.72 33.81
CA SER C 186 -19.15 63.76 32.40
C SER C 186 -19.80 64.97 31.71
N GLU C 187 -21.10 65.16 31.98
CA GLU C 187 -21.84 66.24 31.35
C GLU C 187 -21.30 67.62 31.73
N VAL C 188 -21.01 67.82 33.02
CA VAL C 188 -20.43 69.08 33.46
C VAL C 188 -19.04 69.28 32.86
N PHE C 189 -18.25 68.19 32.85
CA PHE C 189 -16.93 68.20 32.26
C PHE C 189 -16.97 68.70 30.81
N HIS C 190 -17.86 68.14 30.00
CA HIS C 190 -17.97 68.54 28.60
C HIS C 190 -18.49 69.97 28.41
N HIS C 191 -19.44 70.37 29.25
CA HIS C 191 -19.91 71.75 29.21
C HIS C 191 -18.83 72.76 29.61
N LEU C 192 -17.98 72.41 30.56
CA LEU C 192 -16.87 73.29 30.90
C LEU C 192 -15.91 73.51 29.72
N ALA C 193 -15.60 72.45 28.98
CA ALA C 193 -14.77 72.57 27.79
C ALA C 193 -15.35 73.61 26.84
N LYS C 194 -16.66 73.53 26.63
CA LYS C 194 -17.38 74.48 25.80
C LYS C 194 -17.19 75.92 26.29
N VAL C 195 -17.39 76.13 27.60
CA VAL C 195 -17.25 77.45 28.22
C VAL C 195 -15.83 78.00 28.02
N LEU C 196 -14.84 77.16 28.30
CA LEU C 196 -13.44 77.57 28.17
C LEU C 196 -13.04 77.91 26.74
N LYS C 197 -13.51 77.10 25.79
CA LYS C 197 -13.24 77.32 24.38
C LYS C 197 -13.84 78.65 23.91
N ALA C 198 -15.04 78.94 24.41
CA ALA C 198 -15.71 80.21 24.10
C ALA C 198 -14.93 81.43 24.62
N LYS C 199 -14.13 81.22 25.67
CA LYS C 199 -13.31 82.28 26.26
C LYS C 199 -11.90 82.32 25.66
N GLY C 200 -11.65 81.46 24.67
CA GLY C 200 -10.34 81.36 24.02
C GLY C 200 -9.28 80.74 24.93
N MET C 201 -9.72 79.91 25.86
CA MET C 201 -8.79 79.26 26.80
C MET C 201 -8.47 77.82 26.40
N ASN C 202 -7.33 77.34 26.90
CA ASN C 202 -6.79 76.02 26.56
C ASN C 202 -7.57 74.94 27.31
N THR C 203 -7.93 73.86 26.59
CA THR C 203 -8.72 72.77 27.18
C THR C 203 -7.99 71.42 27.17
N ALA C 204 -6.67 71.45 27.02
CA ALA C 204 -5.83 70.27 27.23
C ALA C 204 -5.84 69.94 28.71
N VAL C 205 -5.53 68.70 29.07
CA VAL C 205 -5.74 68.25 30.45
C VAL C 205 -4.45 68.03 31.24
N GLY C 206 -4.58 68.11 32.56
CA GLY C 206 -3.45 67.84 33.44
C GLY C 206 -3.48 66.41 33.91
N ASP C 207 -2.66 66.13 34.93
CA ASP C 207 -2.43 64.76 35.41
C ASP C 207 -3.73 64.02 35.79
N GLU C 208 -4.68 64.78 36.33
CA GLU C 208 -5.95 64.23 36.85
C GLU C 208 -7.10 64.28 35.86
N GLY C 209 -6.83 64.73 34.62
CA GLY C 209 -7.84 64.71 33.56
C GLY C 209 -8.74 65.93 33.50
N GLY C 210 -8.43 66.95 34.30
CA GLY C 210 -9.17 68.22 34.28
C GLY C 210 -8.42 69.33 33.57
N TYR C 211 -8.98 70.54 33.62
CA TYR C 211 -8.43 71.64 32.85
C TYR C 211 -7.59 72.56 33.73
N ALA C 212 -6.62 73.24 33.11
CA ALA C 212 -5.81 74.24 33.81
C ALA C 212 -5.65 75.49 32.94
N PRO C 213 -6.77 76.14 32.61
CA PRO C 213 -6.71 77.30 31.72
C PRO C 213 -6.12 78.54 32.40
N ASN C 214 -5.80 79.56 31.60
CA ASN C 214 -5.14 80.76 32.11
C ASN C 214 -6.11 81.73 32.79
N LEU C 215 -6.70 81.28 33.90
CA LEU C 215 -7.63 82.08 34.69
C LEU C 215 -6.87 83.06 35.57
N GLY C 216 -7.44 84.23 35.78
CA GLY C 216 -6.75 85.33 36.45
C GLY C 216 -6.85 85.37 37.95
N SER C 217 -7.75 84.56 38.53
CA SER C 217 -8.01 84.58 39.97
C SER C 217 -8.86 83.40 40.43
N ASN C 218 -8.86 83.14 41.74
CA ASN C 218 -9.71 82.12 42.35
C ASN C 218 -11.19 82.37 42.03
N ALA C 219 -11.58 83.65 41.97
CA ALA C 219 -12.94 84.05 41.66
C ALA C 219 -13.34 83.66 40.24
N GLU C 220 -12.45 83.87 39.28
CA GLU C 220 -12.73 83.51 37.89
C GLU C 220 -12.86 81.99 37.73
N ALA C 221 -12.05 81.24 38.49
CA ALA C 221 -12.10 79.79 38.47
C ALA C 221 -13.46 79.26 38.90
N LEU C 222 -13.98 79.79 40.01
CA LEU C 222 -15.29 79.38 40.52
C LEU C 222 -16.44 79.81 39.61
N ALA C 223 -16.28 80.94 38.93
CA ALA C 223 -17.25 81.48 37.99
C ALA C 223 -17.49 80.53 36.80
N VAL C 224 -16.40 80.10 36.16
CA VAL C 224 -16.51 79.15 35.02
C VAL C 224 -17.09 77.79 35.42
N ILE C 225 -16.77 77.32 36.62
CA ILE C 225 -17.36 76.07 37.11
C ILE C 225 -18.86 76.22 37.30
N ALA C 226 -19.27 77.33 37.93
CA ALA C 226 -20.69 77.64 38.10
C ALA C 226 -21.39 77.68 36.74
N GLU C 227 -20.78 78.35 35.78
CA GLU C 227 -21.36 78.46 34.43
C GLU C 227 -21.56 77.09 33.78
N ALA C 228 -20.56 76.21 33.91
CA ALA C 228 -20.64 74.87 33.33
C ALA C 228 -21.72 74.00 33.97
N VAL C 229 -21.85 74.07 35.29
CA VAL C 229 -22.87 73.31 36.02
C VAL C 229 -24.27 73.71 35.53
N LYS C 230 -24.48 75.02 35.42
CA LYS C 230 -25.74 75.60 34.94
C LYS C 230 -26.02 75.20 33.48
N ALA C 231 -25.01 75.37 32.61
CA ALA C 231 -25.11 74.96 31.21
C ALA C 231 -25.48 73.49 31.03
N ALA C 232 -25.02 72.65 31.96
CA ALA C 232 -25.34 71.21 31.96
C ALA C 232 -26.75 70.88 32.47
N GLY C 233 -27.43 71.88 33.05
CA GLY C 233 -28.81 71.71 33.53
C GLY C 233 -28.92 71.24 34.96
N TYR C 234 -27.88 71.51 35.75
CA TYR C 234 -27.85 71.18 37.16
C TYR C 234 -27.78 72.43 38.01
N GLU C 235 -28.27 72.32 39.24
CA GLU C 235 -28.27 73.45 40.18
C GLU C 235 -27.14 73.32 41.17
N LEU C 236 -26.23 74.30 41.15
CA LEU C 236 -25.18 74.39 42.16
C LEU C 236 -25.77 74.44 43.57
N GLY C 237 -25.13 73.73 44.49
CA GLY C 237 -25.57 73.74 45.88
C GLY C 237 -26.62 72.68 46.17
N LYS C 238 -27.26 72.20 45.11
CA LYS C 238 -28.33 71.20 45.26
C LYS C 238 -27.90 69.88 44.61
N ASP C 239 -27.68 69.92 43.30
CA ASP C 239 -27.23 68.76 42.52
C ASP C 239 -25.73 68.55 42.71
N ILE C 240 -25.00 69.65 42.82
CA ILE C 240 -23.54 69.66 42.83
C ILE C 240 -22.95 70.64 43.85
N THR C 241 -22.09 70.15 44.72
CA THR C 241 -21.32 71.00 45.63
C THR C 241 -19.86 71.12 45.18
N LEU C 242 -19.10 71.98 45.84
CA LEU C 242 -17.71 72.23 45.47
C LEU C 242 -16.76 71.78 46.58
N ALA C 243 -15.65 71.17 46.17
CA ALA C 243 -14.56 70.85 47.09
C ALA C 243 -13.30 71.52 46.57
N MET C 244 -12.39 71.87 47.46
CA MET C 244 -11.13 72.49 47.02
C MET C 244 -9.93 71.96 47.81
N ASP C 245 -8.75 72.09 47.20
CA ASP C 245 -7.49 71.79 47.86
C ASP C 245 -6.65 73.05 47.79
N CYS C 246 -6.41 73.66 48.95
CA CYS C 246 -5.60 74.88 49.00
C CYS C 246 -4.12 74.65 48.80
N ALA C 247 -3.66 73.47 49.22
CA ALA C 247 -2.22 73.18 49.34
C ALA C 247 -1.51 74.38 49.98
N ALA C 248 -1.97 74.77 51.17
CA ALA C 248 -1.61 76.07 51.75
C ALA C 248 -0.13 76.22 52.13
N SER C 249 0.58 75.10 52.15
CA SER C 249 2.02 75.13 52.40
C SER C 249 2.74 75.89 51.28
N GLU C 250 2.15 75.87 50.09
CA GLU C 250 2.77 76.46 48.90
C GLU C 250 2.85 77.98 48.95
N PHE C 251 2.09 78.58 49.87
CA PHE C 251 2.23 80.02 50.10
C PHE C 251 2.51 80.40 51.56
N TYR C 252 3.01 79.44 52.33
CA TYR C 252 3.37 79.62 53.74
C TYR C 252 4.80 80.15 53.89
N LYS C 253 4.93 81.30 54.55
CA LYS C 253 6.21 81.99 54.68
C LYS C 253 6.23 82.80 55.96
N ASP C 254 7.25 82.56 56.80
CA ASP C 254 7.39 83.26 58.08
C ASP C 254 6.09 83.25 58.89
N GLY C 255 5.47 82.08 59.00
CA GLY C 255 4.23 81.92 59.75
C GLY C 255 2.99 82.55 59.13
N LYS C 256 3.17 83.16 57.96
CA LYS C 256 2.07 83.85 57.28
C LYS C 256 1.78 83.24 55.90
N TYR C 257 0.60 83.55 55.37
CA TYR C 257 0.13 83.00 54.10
C TYR C 257 0.06 84.11 53.04
N VAL C 258 0.97 84.03 52.07
CA VAL C 258 1.12 85.07 51.06
C VAL C 258 0.71 84.52 49.70
N LEU C 259 -0.39 85.03 49.16
CA LEU C 259 -1.10 84.38 48.08
C LEU C 259 -0.53 84.79 46.72
N ALA C 260 -0.22 86.07 46.59
CA ALA C 260 0.30 86.61 45.33
C ALA C 260 -0.69 86.40 44.19
N GLY C 261 -1.98 86.38 44.53
CA GLY C 261 -3.03 86.67 43.55
C GLY C 261 -4.28 87.21 44.20
N GLU C 262 -4.20 87.47 45.51
CA GLU C 262 -5.34 87.99 46.25
C GLU C 262 -4.92 89.10 47.21
N ALA C 266 -0.42 88.85 52.56
CA ALA C 266 0.19 88.25 53.75
C ALA C 266 -0.80 88.03 54.89
N PHE C 267 -1.50 86.90 54.82
CA PHE C 267 -2.51 86.54 55.82
C PHE C 267 -1.89 85.83 57.02
N THR C 268 -2.32 86.21 58.23
CA THR C 268 -2.02 85.41 59.41
C THR C 268 -2.87 84.15 59.31
N SER C 269 -2.57 83.17 60.16
CA SER C 269 -3.30 81.91 60.17
C SER C 269 -4.80 82.13 60.34
N GLU C 270 -5.17 82.97 61.30
CA GLU C 270 -6.56 83.31 61.57
C GLU C 270 -7.19 84.04 60.39
N GLU C 271 -6.42 84.94 59.78
CA GLU C 271 -6.88 85.77 58.67
C GLU C 271 -7.15 84.93 57.43
N PHE C 272 -6.29 83.94 57.19
CA PHE C 272 -6.50 83.04 56.06
C PHE C 272 -7.72 82.13 56.24
N THR C 273 -7.96 81.68 57.46
CA THR C 273 -9.17 80.92 57.79
C THR C 273 -10.43 81.72 57.45
N HIS C 274 -10.46 83.01 57.81
CA HIS C 274 -11.60 83.85 57.48
C HIS C 274 -11.70 84.22 56.00
N PHE C 275 -10.55 84.23 55.32
CA PHE C 275 -10.54 84.38 53.86
C PHE C 275 -11.26 83.19 53.21
N LEU C 276 -10.98 82.00 53.73
CA LEU C 276 -11.60 80.76 53.28
C LEU C 276 -13.08 80.74 53.65
N GLU C 277 -13.38 81.15 54.88
CA GLU C 277 -14.75 81.31 55.33
C GLU C 277 -15.57 82.20 54.39
N GLU C 278 -14.97 83.29 53.93
CA GLU C 278 -15.62 84.23 52.99
C GLU C 278 -15.97 83.55 51.68
N LEU C 279 -15.08 82.69 51.20
CA LEU C 279 -15.34 81.90 49.98
C LEU C 279 -16.50 80.92 50.13
N THR C 280 -16.61 80.30 51.31
CA THR C 280 -17.68 79.32 51.59
C THR C 280 -19.06 79.96 51.76
N LYS C 281 -19.08 81.27 51.98
CA LYS C 281 -20.36 81.98 52.03
C LYS C 281 -20.82 82.30 50.62
N GLN C 282 -19.86 82.67 49.78
CA GLN C 282 -20.11 83.08 48.42
C GLN C 282 -20.44 81.89 47.50
N TYR C 283 -19.75 80.77 47.72
CA TYR C 283 -19.96 79.57 46.90
C TYR C 283 -20.27 78.35 47.75
N PRO C 284 -20.97 77.33 47.18
CA PRO C 284 -21.25 76.15 47.99
C PRO C 284 -20.04 75.20 48.09
N ILE C 285 -18.92 75.77 48.55
CA ILE C 285 -17.73 75.01 48.91
C ILE C 285 -17.97 74.34 50.25
N VAL C 286 -17.99 73.02 50.24
CA VAL C 286 -18.32 72.25 51.43
C VAL C 286 -17.17 71.40 51.97
N SER C 287 -16.04 71.41 51.25
CA SER C 287 -14.88 70.61 51.64
C SER C 287 -13.60 71.36 51.30
N ILE C 288 -12.68 71.46 52.27
CA ILE C 288 -11.44 72.21 52.09
C ILE C 288 -10.25 71.37 52.55
N GLU C 289 -9.40 71.01 51.60
CA GLU C 289 -8.25 70.15 51.86
C GLU C 289 -7.01 71.00 52.09
N ASP C 290 -6.23 70.67 53.12
CA ASP C 290 -5.00 71.41 53.43
C ASP C 290 -5.16 72.93 53.39
N GLY C 291 -6.12 73.41 54.17
CA GLY C 291 -6.40 74.83 54.28
C GLY C 291 -5.33 75.63 54.99
N LEU C 292 -4.42 74.93 55.68
CA LEU C 292 -3.25 75.56 56.30
C LEU C 292 -2.03 74.65 56.13
N ASP C 293 -0.85 75.17 56.44
CA ASP C 293 0.39 74.39 56.35
C ASP C 293 0.35 73.26 57.39
N GLU C 294 0.85 72.10 57.00
CA GLU C 294 0.86 70.92 57.89
C GLU C 294 1.47 71.19 59.26
N SER C 295 2.38 72.16 59.33
CA SER C 295 3.07 72.47 60.60
C SER C 295 2.26 73.40 61.49
N ASP C 296 1.25 74.05 60.91
CA ASP C 296 0.47 75.07 61.60
C ASP C 296 -0.70 74.44 62.36
N TRP C 297 -0.38 73.73 63.44
CA TRP C 297 -1.37 73.01 64.24
C TRP C 297 -2.24 73.92 65.11
N ASP C 298 -1.65 75.01 65.62
CA ASP C 298 -2.44 76.02 66.33
C ASP C 298 -3.40 76.70 65.35
N GLY C 299 -2.94 76.93 64.12
CA GLY C 299 -3.80 77.46 63.07
C GLY C 299 -4.94 76.52 62.74
N PHE C 300 -4.62 75.24 62.57
CA PHE C 300 -5.62 74.21 62.25
C PHE C 300 -6.67 74.01 63.35
N ALA C 301 -6.25 74.13 64.60
CA ALA C 301 -7.21 74.04 65.70
C ALA C 301 -8.21 75.19 65.60
N TYR C 302 -7.73 76.37 65.22
CA TYR C 302 -8.57 77.55 65.04
C TYR C 302 -9.49 77.40 63.83
N GLN C 303 -8.94 76.94 62.71
CA GLN C 303 -9.74 76.71 61.50
C GLN C 303 -10.85 75.69 61.74
N THR C 304 -10.54 74.67 62.52
CA THR C 304 -11.48 73.59 62.84
C THR C 304 -12.59 74.11 63.75
N LYS C 305 -12.24 74.97 64.70
CA LYS C 305 -13.24 75.59 65.56
C LYS C 305 -14.19 76.48 64.76
N VAL C 306 -13.61 77.32 63.91
CA VAL C 306 -14.37 78.26 63.08
C VAL C 306 -15.25 77.57 62.04
N LEU C 307 -14.67 76.61 61.30
CA LEU C 307 -15.33 76.07 60.10
C LEU C 307 -15.84 74.64 60.24
N GLY C 308 -15.29 73.89 61.19
CA GLY C 308 -15.45 72.43 61.23
C GLY C 308 -16.85 71.88 61.42
N ASP C 309 -17.75 72.69 61.99
CA ASP C 309 -19.12 72.25 62.19
C ASP C 309 -19.92 72.19 60.89
N LYS C 310 -19.48 72.95 59.88
CA LYS C 310 -20.25 73.15 58.65
C LYS C 310 -19.44 72.87 57.38
N ILE C 311 -18.16 72.60 57.53
CA ILE C 311 -17.27 72.37 56.39
C ILE C 311 -16.40 71.15 56.69
N GLN C 312 -16.22 70.31 55.67
CA GLN C 312 -15.28 69.20 55.74
C GLN C 312 -13.87 69.74 55.55
N LEU C 313 -13.00 69.41 56.51
CA LEU C 313 -11.63 69.91 56.53
C LEU C 313 -10.71 68.72 56.41
N VAL C 314 -10.20 68.51 55.20
CA VAL C 314 -9.50 67.28 54.83
C VAL C 314 -8.00 67.45 54.99
N GLY C 315 -7.39 66.66 55.88
CA GLY C 315 -5.94 66.62 55.97
C GLY C 315 -5.37 65.72 54.87
N ASP C 316 -4.50 66.29 54.05
CA ASP C 316 -3.72 65.52 53.07
C ASP C 316 -2.26 65.56 53.52
N ASP C 317 -1.56 66.65 53.23
CA ASP C 317 -0.17 66.83 53.69
C ASP C 317 -0.16 66.87 55.22
N LEU C 318 -1.23 67.41 55.82
CA LEU C 318 -1.40 67.41 57.27
C LEU C 318 -1.21 66.03 57.91
N PHE C 319 -1.85 65.00 57.34
CA PHE C 319 -1.81 63.66 57.94
C PHE C 319 -0.95 62.59 57.25
N VAL C 320 -0.69 62.78 55.95
CA VAL C 320 0.01 61.79 55.10
C VAL C 320 -0.31 60.32 55.42
N THR C 321 -1.60 60.02 55.56
CA THR C 321 -2.13 58.67 55.78
C THR C 321 -1.40 57.97 56.94
N ASN C 322 -0.99 58.75 57.93
CA ASN C 322 -0.22 58.27 59.09
C ASN C 322 -1.09 58.29 60.35
N THR C 323 -1.42 57.10 60.86
CA THR C 323 -2.26 56.97 62.06
C THR C 323 -1.66 57.60 63.32
N LYS C 324 -0.34 57.70 63.40
CA LYS C 324 0.30 58.33 64.55
C LYS C 324 -0.02 59.82 64.53
N ILE C 325 0.01 60.41 63.33
CA ILE C 325 -0.34 61.82 63.15
C ILE C 325 -1.84 62.04 63.30
N LEU C 326 -2.63 61.14 62.72
CA LEU C 326 -4.09 61.26 62.82
C LEU C 326 -4.54 61.19 64.28
N LYS C 327 -3.95 60.30 65.06
CA LYS C 327 -4.30 60.16 66.48
C LYS C 327 -4.07 61.45 67.25
N GLU C 328 -2.89 62.04 67.08
CA GLU C 328 -2.55 63.33 67.69
C GLU C 328 -3.48 64.46 67.20
N GLY C 329 -3.79 64.44 65.89
CA GLY C 329 -4.75 65.40 65.33
C GLY C 329 -6.13 65.31 65.97
N ILE C 330 -6.65 64.09 66.09
CA ILE C 330 -7.96 63.84 66.69
C ILE C 330 -8.05 64.40 68.12
N GLU C 331 -7.06 64.08 68.95
CA GLU C 331 -7.06 64.56 70.32
C GLU C 331 -6.87 66.07 70.44
N LYS C 332 -6.18 66.68 69.47
CA LYS C 332 -5.92 68.12 69.52
C LYS C 332 -6.97 68.96 68.78
N GLY C 333 -8.01 68.29 68.27
CA GLY C 333 -9.09 68.97 67.56
C GLY C 333 -8.67 69.53 66.21
N ILE C 334 -7.93 68.72 65.45
CA ILE C 334 -7.28 69.14 64.20
C ILE C 334 -7.96 68.49 63.01
N ALA C 335 -8.62 69.32 62.18
CA ALA C 335 -9.37 68.86 61.00
C ALA C 335 -10.55 67.94 61.36
N ASN C 336 -11.27 67.45 60.35
CA ASN C 336 -12.35 66.48 60.59
C ASN C 336 -12.48 65.43 59.48
N SER C 337 -11.41 65.32 58.68
CA SER C 337 -11.38 64.46 57.51
C SER C 337 -9.94 64.14 57.15
N ILE C 338 -9.74 63.02 56.46
CA ILE C 338 -8.40 62.60 56.08
C ILE C 338 -8.43 61.96 54.71
N LEU C 339 -7.49 62.36 53.86
CA LEU C 339 -7.30 61.75 52.56
C LEU C 339 -6.55 60.42 52.77
N ILE C 340 -7.07 59.34 52.20
CA ILE C 340 -6.44 58.02 52.32
C ILE C 340 -5.70 57.65 51.04
N LYS C 341 -4.38 57.64 51.11
CA LYS C 341 -3.54 57.25 49.99
C LYS C 341 -2.83 55.96 50.42
N PHE C 342 -3.30 54.80 49.95
CA PHE C 342 -2.73 53.52 50.43
C PHE C 342 -1.23 53.35 50.20
N ASN C 343 -0.70 54.01 49.17
CA ASN C 343 0.74 53.93 48.95
C ASN C 343 1.57 54.79 49.92
N GLN C 344 0.88 55.69 50.61
CA GLN C 344 1.51 56.59 51.58
C GLN C 344 1.75 55.88 52.91
N ILE C 345 0.99 54.82 53.15
CA ILE C 345 1.23 53.95 54.32
C ILE C 345 1.87 52.63 53.89
N GLY C 346 1.38 52.02 52.79
CA GLY C 346 2.13 50.96 52.15
C GLY C 346 1.58 49.54 52.18
N SER C 347 0.46 49.34 52.86
CA SER C 347 -0.16 48.02 52.91
C SER C 347 -1.66 48.15 53.07
N LEU C 348 -2.37 47.11 52.62
CA LEU C 348 -3.82 47.07 52.79
C LEU C 348 -4.20 47.04 54.27
N THR C 349 -3.52 46.23 55.07
CA THR C 349 -3.89 46.12 56.48
C THR C 349 -3.81 47.46 57.17
N GLU C 350 -2.73 48.20 56.93
CA GLU C 350 -2.52 49.52 57.57
C GLU C 350 -3.51 50.55 57.04
N THR C 351 -3.86 50.42 55.76
CA THR C 351 -4.90 51.25 55.16
C THR C 351 -6.27 51.03 55.82
N LEU C 352 -6.63 49.76 56.06
CA LEU C 352 -7.88 49.48 56.78
C LEU C 352 -7.85 50.12 58.17
N ALA C 353 -6.69 50.08 58.83
CA ALA C 353 -6.55 50.69 60.17
C ALA C 353 -6.71 52.22 60.17
N ALA C 354 -6.22 52.87 59.12
CA ALA C 354 -6.37 54.33 58.99
C ALA C 354 -7.82 54.74 58.79
N ILE C 355 -8.51 54.00 57.91
CA ILE C 355 -9.94 54.27 57.64
C ILE C 355 -10.76 54.07 58.92
N LYS C 356 -10.50 52.98 59.64
CA LYS C 356 -11.17 52.68 60.91
C LYS C 356 -10.92 53.74 61.99
N MET C 357 -9.66 54.16 62.16
CA MET C 357 -9.32 55.21 63.12
C MET C 357 -10.08 56.51 62.82
N ALA C 358 -10.12 56.89 61.54
CA ALA C 358 -10.89 58.06 61.11
C ALA C 358 -12.36 57.92 61.49
N LYS C 359 -12.96 56.81 61.11
CA LYS C 359 -14.38 56.57 61.34
C LYS C 359 -14.74 56.55 62.81
N ASP C 360 -13.91 55.91 63.62
CA ASP C 360 -14.14 55.83 65.07
C ASP C 360 -14.17 57.20 65.75
N ALA C 361 -13.43 58.16 65.20
CA ALA C 361 -13.36 59.50 65.77
C ALA C 361 -14.37 60.46 65.15
N GLY C 362 -15.25 59.93 64.31
CA GLY C 362 -16.20 60.76 63.57
C GLY C 362 -15.64 61.52 62.38
N TYR C 363 -14.35 61.32 62.09
CA TYR C 363 -13.72 61.90 60.89
C TYR C 363 -14.21 61.16 59.64
N THR C 364 -14.16 61.83 58.47
CA THR C 364 -14.44 61.15 57.21
C THR C 364 -13.13 60.73 56.54
N ALA C 365 -13.20 59.59 55.86
CA ALA C 365 -12.08 59.08 55.07
C ALA C 365 -12.41 59.20 53.58
N VAL C 366 -11.59 59.95 52.85
CA VAL C 366 -11.77 60.16 51.41
C VAL C 366 -10.68 59.31 50.73
N ILE C 367 -11.10 58.25 50.04
CA ILE C 367 -10.14 57.37 49.33
C ILE C 367 -9.57 58.09 48.10
N SER C 368 -8.24 58.18 48.01
CA SER C 368 -7.60 59.06 47.02
C SER C 368 -6.74 58.32 45.99
N HIS C 369 -6.79 58.83 44.75
CA HIS C 369 -5.80 58.53 43.73
C HIS C 369 -4.48 59.23 44.06
N ARG C 370 -3.46 58.99 43.22
CA ARG C 370 -2.25 59.79 43.21
C ARG C 370 -2.11 60.49 41.85
N SER C 371 -1.18 61.44 41.76
CA SER C 371 -0.95 62.13 40.49
C SER C 371 -0.53 61.13 39.39
N GLY C 372 0.35 60.20 39.76
CA GLY C 372 0.77 59.13 38.86
C GLY C 372 -0.04 57.90 39.16
N GLU C 373 -0.89 57.52 38.20
CA GLU C 373 -1.79 56.38 38.36
C GLU C 373 -1.54 55.32 37.31
N THR C 374 -2.29 54.21 37.41
CA THR C 374 -2.39 53.26 36.30
C THR C 374 -3.87 52.94 36.07
N GLU C 375 -4.11 52.02 35.15
CA GLU C 375 -5.44 51.44 34.90
C GLU C 375 -5.98 50.64 36.11
N ASP C 376 -5.12 50.33 37.07
CA ASP C 376 -5.55 49.63 38.30
C ASP C 376 -6.72 50.37 38.94
N ALA C 377 -7.71 49.63 39.41
CA ALA C 377 -8.88 50.29 40.01
C ALA C 377 -9.14 49.80 41.42
N THR C 378 -8.09 49.37 42.12
CA THR C 378 -8.23 48.85 43.47
C THR C 378 -8.96 49.84 44.38
N ILE C 379 -8.71 51.15 44.21
CA ILE C 379 -9.31 52.12 45.15
C ILE C 379 -10.84 52.12 45.08
N ALA C 380 -11.39 51.71 43.94
CA ALA C 380 -12.84 51.54 43.80
C ALA C 380 -13.36 50.45 44.74
N ASP C 381 -12.77 49.25 44.64
CA ASP C 381 -13.09 48.14 45.55
C ASP C 381 -12.85 48.50 47.02
N LEU C 382 -11.76 49.23 47.28
CA LEU C 382 -11.44 49.65 48.65
C LEU C 382 -12.53 50.58 49.21
N ALA C 383 -12.97 51.55 48.40
CA ALA C 383 -13.96 52.53 48.89
C ALA C 383 -15.28 51.84 49.19
N VAL C 384 -15.66 50.90 48.33
CA VAL C 384 -16.92 50.16 48.48
C VAL C 384 -16.86 49.21 49.67
N GLY C 385 -15.81 48.40 49.72
CA GLY C 385 -15.65 47.41 50.78
C GLY C 385 -15.46 47.92 52.20
N THR C 386 -15.08 49.19 52.36
CA THR C 386 -14.97 49.82 53.68
C THR C 386 -16.09 50.82 53.93
N ALA C 387 -17.00 50.93 52.97
CA ALA C 387 -18.05 51.97 52.98
C ALA C 387 -17.51 53.33 53.38
N ALA C 388 -16.38 53.71 52.78
CA ALA C 388 -15.67 54.94 53.12
C ALA C 388 -16.56 56.16 52.91
N GLY C 389 -17.31 56.12 51.82
CA GLY C 389 -18.33 57.13 51.51
C GLY C 389 -17.97 58.22 50.53
N GLN C 390 -16.65 58.42 50.33
CA GLN C 390 -16.14 59.43 49.41
C GLN C 390 -14.89 58.92 48.69
N ILE C 391 -14.70 59.39 47.47
CA ILE C 391 -13.55 59.01 46.65
C ILE C 391 -13.08 60.25 45.90
N LYS C 392 -11.77 60.35 45.69
CA LYS C 392 -11.16 61.45 44.97
C LYS C 392 -10.26 60.78 43.96
N THR C 393 -10.78 60.59 42.75
CA THR C 393 -10.08 59.77 41.74
C THR C 393 -10.02 60.39 40.35
N GLY C 394 -10.27 61.70 40.29
CA GLY C 394 -9.96 62.49 39.10
C GLY C 394 -11.14 63.10 38.38
N SER C 395 -10.81 63.86 37.35
CA SER C 395 -11.84 64.34 36.44
C SER C 395 -12.40 63.18 35.59
N MET C 396 -13.35 63.49 34.71
CA MET C 396 -13.97 62.48 33.85
C MET C 396 -13.24 62.36 32.51
N SER C 397 -11.92 62.31 32.56
CA SER C 397 -11.13 61.93 31.39
C SER C 397 -9.80 61.33 31.84
N ARG C 398 -9.14 60.65 30.90
CA ARG C 398 -7.95 59.82 31.11
C ARG C 398 -8.37 58.49 31.74
N SER C 399 -8.04 57.38 31.11
CA SER C 399 -8.44 56.10 31.68
C SER C 399 -7.74 55.79 33.02
N ASP C 400 -6.66 56.50 33.34
CA ASP C 400 -6.07 56.40 34.70
C ASP C 400 -7.07 56.83 35.77
N ARG C 401 -7.98 57.72 35.39
CA ARG C 401 -9.05 58.20 36.27
C ARG C 401 -10.31 57.39 35.99
N VAL C 402 -10.68 57.34 34.72
CA VAL C 402 -11.96 56.78 34.32
C VAL C 402 -12.06 55.26 34.57
N ALA C 403 -10.92 54.56 34.62
CA ALA C 403 -10.96 53.15 34.97
C ALA C 403 -11.57 52.91 36.35
N LYS C 404 -11.34 53.84 37.29
CA LYS C 404 -11.93 53.73 38.63
C LYS C 404 -13.45 53.94 38.55
N TYR C 405 -13.88 54.94 37.77
CA TYR C 405 -15.32 55.17 37.59
C TYR C 405 -15.99 53.97 36.93
N ASN C 406 -15.35 53.38 35.92
CA ASN C 406 -15.84 52.16 35.30
C ASN C 406 -15.97 50.99 36.24
N GLN C 407 -14.96 50.83 37.12
CA GLN C 407 -15.02 49.79 38.14
C GLN C 407 -16.17 50.05 39.11
N LEU C 408 -16.36 51.30 39.52
CA LEU C 408 -17.52 51.65 40.36
C LEU C 408 -18.83 51.26 39.66
N ILE C 409 -18.94 51.57 38.37
CA ILE C 409 -20.11 51.14 37.60
C ILE C 409 -20.29 49.62 37.63
N ARG C 410 -19.21 48.87 37.41
CA ARG C 410 -19.28 47.41 37.48
C ARG C 410 -19.73 46.90 38.85
N ILE C 411 -19.21 47.53 39.91
CA ILE C 411 -19.51 47.11 41.30
C ILE C 411 -20.99 47.40 41.65
N GLU C 412 -21.44 48.62 41.32
CA GLU C 412 -22.84 49.01 41.57
C GLU C 412 -23.82 48.14 40.78
N GLU C 413 -23.45 47.80 39.54
CA GLU C 413 -24.24 46.88 38.74
C GLU C 413 -24.46 45.57 39.50
N ALA C 414 -23.42 45.08 40.16
CA ALA C 414 -23.51 43.84 40.90
C ALA C 414 -24.27 43.99 42.22
N LEU C 415 -23.94 45.04 42.98
CA LEU C 415 -24.45 45.16 44.35
C LEU C 415 -25.84 45.77 44.43
N GLY C 416 -26.17 46.68 43.52
CA GLY C 416 -27.46 47.40 43.60
C GLY C 416 -27.68 48.08 44.94
N GLU C 417 -28.88 47.91 45.50
CA GLU C 417 -29.25 48.51 46.79
C GLU C 417 -28.37 48.10 47.97
N LYS C 418 -27.57 47.04 47.79
CA LYS C 418 -26.62 46.60 48.82
C LYS C 418 -25.47 47.59 49.00
N ALA C 419 -25.24 48.42 47.98
CA ALA C 419 -24.27 49.51 48.10
C ALA C 419 -24.95 50.86 47.84
N PRO C 420 -25.60 51.43 48.86
CA PRO C 420 -26.26 52.71 48.65
C PRO C 420 -25.31 53.86 48.29
N TYR C 421 -25.77 54.74 47.40
CA TYR C 421 -25.13 56.03 47.19
C TYR C 421 -25.83 57.05 48.12
N ASN C 422 -25.15 57.43 49.20
CA ASN C 422 -25.81 58.24 50.26
C ASN C 422 -25.82 59.75 50.03
N GLY C 423 -25.06 60.19 49.04
CA GLY C 423 -25.04 61.59 48.63
C GLY C 423 -24.44 62.55 49.64
N ARG C 424 -25.09 63.70 49.78
CA ARG C 424 -24.56 64.83 50.51
C ARG C 424 -24.10 64.50 51.92
N LYS C 425 -24.83 63.61 52.58
CA LYS C 425 -24.63 63.35 54.01
C LYS C 425 -23.29 62.66 54.31
N GLU C 426 -22.63 62.15 53.28
CA GLU C 426 -21.34 61.52 53.48
C GLU C 426 -20.29 62.55 53.88
N ILE C 427 -20.50 63.78 53.43
CA ILE C 427 -19.54 64.85 53.63
C ILE C 427 -19.62 65.37 55.06
N LYS C 428 -18.46 65.52 55.71
CA LYS C 428 -18.41 66.03 57.09
C LYS C 428 -18.91 67.46 57.15
N GLY C 429 -19.80 67.73 58.11
CA GLY C 429 -20.44 69.04 58.22
C GLY C 429 -21.77 69.14 57.50
N GLN C 430 -22.06 68.15 56.64
CA GLN C 430 -23.33 68.09 55.90
C GLN C 430 -24.30 67.10 56.52
N SER D 1 8.08 -31.99 -54.53
CA SER D 1 7.25 -32.07 -53.29
C SER D 1 8.05 -31.54 -52.10
N LYS D 2 7.75 -30.30 -51.73
CA LYS D 2 8.60 -29.53 -50.83
C LYS D 2 8.51 -29.92 -49.35
N ILE D 3 9.65 -30.24 -48.75
CA ILE D 3 9.73 -30.53 -47.32
C ILE D 3 9.45 -29.25 -46.51
N VAL D 4 8.45 -29.31 -45.62
CA VAL D 4 8.11 -28.14 -44.78
C VAL D 4 8.31 -28.34 -43.28
N LYS D 5 8.41 -29.60 -42.83
CA LYS D 5 8.67 -29.87 -41.41
C LYS D 5 9.32 -31.23 -41.24
N ILE D 6 10.33 -31.27 -40.39
CA ILE D 6 10.95 -32.55 -39.99
C ILE D 6 11.00 -32.59 -38.47
N ILE D 7 10.50 -33.68 -37.90
CA ILE D 7 10.39 -33.81 -36.44
C ILE D 7 11.09 -35.10 -36.03
N GLY D 8 12.01 -35.00 -35.09
CA GLY D 8 12.61 -36.20 -34.48
C GLY D 8 12.10 -36.37 -33.07
N ARG D 9 11.96 -37.62 -32.65
CA ARG D 9 11.62 -37.91 -31.27
C ARG D 9 12.25 -39.22 -30.81
N GLU D 10 12.43 -39.30 -29.49
CA GLU D 10 12.95 -40.48 -28.85
C GLU D 10 11.77 -41.37 -28.45
N ILE D 11 11.72 -42.54 -29.06
CA ILE D 11 10.74 -43.59 -28.74
C ILE D 11 11.46 -44.82 -28.19
N ILE D 12 10.70 -45.88 -27.93
CA ILE D 12 11.28 -47.07 -27.30
C ILE D 12 11.25 -48.27 -28.26
N ASP D 13 12.33 -49.05 -28.31
CA ASP D 13 12.41 -50.21 -29.17
C ASP D 13 11.90 -51.49 -28.47
N SER D 14 11.93 -52.59 -29.21
CA SER D 14 11.35 -53.84 -28.75
C SER D 14 12.09 -54.50 -27.57
N ARG D 15 13.28 -54.00 -27.27
CA ARG D 15 14.08 -54.48 -26.14
C ARG D 15 14.01 -53.48 -24.97
N GLY D 16 13.22 -52.43 -25.12
CA GLY D 16 13.08 -51.41 -24.07
C GLY D 16 14.11 -50.30 -24.11
N ASN D 17 14.86 -50.21 -25.20
CA ASN D 17 15.91 -49.17 -25.33
C ASN D 17 15.46 -48.06 -26.27
N PRO D 18 15.92 -46.83 -26.01
CA PRO D 18 15.53 -45.74 -26.88
C PRO D 18 15.96 -45.95 -28.32
N THR D 19 15.15 -45.42 -29.25
CA THR D 19 15.62 -45.21 -30.62
C THR D 19 14.99 -43.94 -31.22
N VAL D 20 15.41 -43.61 -32.42
CA VAL D 20 14.97 -42.40 -33.11
C VAL D 20 13.79 -42.68 -34.02
N GLU D 21 12.75 -41.87 -33.91
CA GLU D 21 11.64 -41.83 -34.87
C GLU D 21 11.67 -40.46 -35.53
N ALA D 22 11.40 -40.41 -36.83
CA ALA D 22 11.32 -39.14 -37.53
C ALA D 22 10.02 -39.05 -38.34
N GLU D 23 9.52 -37.83 -38.48
CA GLU D 23 8.41 -37.52 -39.40
C GLU D 23 8.92 -36.51 -40.39
N VAL D 24 8.57 -36.71 -41.66
CA VAL D 24 8.82 -35.71 -42.68
C VAL D 24 7.48 -35.27 -43.26
N HIS D 25 7.22 -33.97 -43.20
CA HIS D 25 5.95 -33.36 -43.66
C HIS D 25 6.24 -32.50 -44.89
N LEU D 26 5.38 -32.64 -45.91
CA LEU D 26 5.53 -31.91 -47.16
C LEU D 26 4.37 -30.94 -47.37
N GLU D 27 4.62 -29.93 -48.20
CA GLU D 27 3.56 -29.05 -48.67
C GLU D 27 2.40 -29.89 -49.20
N GLY D 28 1.17 -29.55 -48.81
CA GLY D 28 0.00 -30.34 -49.22
C GLY D 28 -0.44 -31.34 -48.16
N GLY D 29 0.36 -31.48 -47.10
CA GLY D 29 -0.01 -32.31 -45.97
C GLY D 29 0.59 -33.71 -45.95
N PHE D 30 1.20 -34.11 -47.05
CA PHE D 30 1.79 -35.46 -47.13
C PHE D 30 2.81 -35.69 -46.03
N VAL D 31 2.75 -36.86 -45.38
CA VAL D 31 3.62 -37.14 -44.25
C VAL D 31 4.11 -38.59 -44.31
N GLY D 32 5.35 -38.77 -43.85
CA GLY D 32 5.91 -40.11 -43.67
C GLY D 32 6.52 -40.20 -42.28
N MET D 33 6.44 -41.38 -41.66
CA MET D 33 7.05 -41.59 -40.35
C MET D 33 7.78 -42.92 -40.33
N ALA D 34 8.97 -42.93 -39.74
CA ALA D 34 9.80 -44.14 -39.69
C ALA D 34 10.71 -44.10 -38.47
N ALA D 35 11.16 -45.27 -38.05
CA ALA D 35 12.07 -45.36 -36.92
C ALA D 35 13.30 -46.18 -37.31
N ALA D 36 14.40 -45.92 -36.62
CA ALA D 36 15.63 -46.69 -36.80
C ALA D 36 15.59 -47.88 -35.84
N PRO D 37 16.01 -49.05 -36.32
CA PRO D 37 16.23 -50.15 -35.37
C PRO D 37 17.56 -49.96 -34.61
N SER D 38 17.81 -50.82 -33.63
CA SER D 38 19.06 -50.76 -32.84
C SER D 38 20.28 -51.09 -33.71
N GLY D 39 21.43 -50.51 -33.36
CA GLY D 39 22.67 -50.77 -34.10
C GLY D 39 23.86 -50.70 -33.17
N ALA D 40 25.02 -50.40 -33.74
CA ALA D 40 26.26 -50.31 -32.98
C ALA D 40 26.65 -48.85 -32.88
N SER D 41 27.16 -48.46 -31.73
CA SER D 41 27.60 -47.09 -31.49
C SER D 41 29.13 -46.99 -31.46
N THR D 42 29.78 -48.15 -31.51
CA THR D 42 31.24 -48.23 -31.63
C THR D 42 31.58 -49.26 -32.70
N GLY D 43 32.77 -49.14 -33.28
CA GLY D 43 33.19 -50.05 -34.34
C GLY D 43 33.89 -49.30 -35.45
N SER D 44 34.79 -50.00 -36.15
CA SER D 44 35.61 -49.36 -37.19
C SER D 44 35.09 -49.61 -38.61
N ARG D 45 34.03 -50.40 -38.74
CA ARG D 45 33.62 -50.90 -40.06
C ARG D 45 32.23 -50.47 -40.54
N GLU D 46 31.32 -50.19 -39.60
CA GLU D 46 29.95 -49.91 -39.98
C GLU D 46 29.54 -48.47 -39.63
N ALA D 47 28.38 -48.07 -40.12
CA ALA D 47 27.82 -46.77 -39.75
C ALA D 47 27.43 -46.86 -38.29
N LEU D 48 27.71 -45.80 -37.55
CA LEU D 48 27.50 -45.80 -36.10
C LEU D 48 26.29 -44.98 -35.68
N GLU D 49 25.43 -45.57 -34.86
CA GLU D 49 24.34 -44.83 -34.25
C GLU D 49 24.93 -43.95 -33.14
N LEU D 50 24.24 -42.87 -32.81
CA LEU D 50 24.70 -41.99 -31.72
C LEU D 50 23.86 -42.22 -30.47
N ARG D 51 24.56 -42.51 -29.35
CA ARG D 51 23.94 -42.72 -28.06
C ARG D 51 24.45 -41.64 -27.10
N ASP D 52 23.64 -41.30 -26.11
CA ASP D 52 23.97 -40.19 -25.22
C ASP D 52 25.07 -40.50 -24.22
N GLY D 53 25.07 -41.73 -23.71
CA GLY D 53 26.01 -42.14 -22.67
C GLY D 53 25.79 -41.50 -21.32
N ASP D 54 24.57 -41.02 -21.08
CA ASP D 54 24.20 -40.42 -19.79
C ASP D 54 23.70 -41.56 -18.90
N LYS D 55 24.49 -41.90 -17.88
CA LYS D 55 24.15 -43.01 -17.00
C LYS D 55 22.85 -42.83 -16.21
N SER D 56 22.39 -41.58 -16.08
CA SER D 56 21.16 -41.28 -15.36
C SER D 56 19.88 -41.48 -16.19
N ARG D 57 20.04 -41.76 -17.49
CA ARG D 57 18.89 -42.00 -18.37
C ARG D 57 19.13 -43.28 -19.18
N PHE D 58 18.19 -44.23 -19.06
CA PHE D 58 18.18 -45.43 -19.90
C PHE D 58 19.50 -46.17 -19.86
N LEU D 59 20.18 -46.15 -18.70
CA LEU D 59 21.45 -46.86 -18.55
C LEU D 59 22.46 -46.44 -19.63
N GLY D 60 22.39 -45.15 -19.99
CA GLY D 60 23.32 -44.56 -20.95
C GLY D 60 22.91 -44.67 -22.42
N LYS D 61 21.71 -45.19 -22.68
CA LYS D 61 21.30 -45.52 -24.06
C LYS D 61 20.30 -44.53 -24.67
N GLY D 62 20.17 -43.35 -24.06
CA GLY D 62 19.37 -42.28 -24.62
C GLY D 62 19.80 -41.90 -26.02
N VAL D 63 18.85 -41.38 -26.79
CA VAL D 63 19.18 -40.86 -28.12
C VAL D 63 18.77 -39.39 -28.28
N THR D 64 18.86 -38.63 -27.18
CA THR D 64 18.59 -37.18 -27.17
C THR D 64 19.44 -36.43 -28.20
N LYS D 65 20.70 -36.82 -28.33
CA LYS D 65 21.65 -36.12 -29.21
C LYS D 65 21.30 -36.38 -30.69
N ALA D 66 21.03 -37.64 -31.02
CA ALA D 66 20.57 -38.00 -32.37
C ALA D 66 19.27 -37.28 -32.72
N VAL D 67 18.35 -37.25 -31.77
CA VAL D 67 17.08 -36.56 -31.99
C VAL D 67 17.30 -35.05 -32.22
N ALA D 68 18.21 -34.47 -31.45
CA ALA D 68 18.56 -33.06 -31.64
C ALA D 68 19.17 -32.78 -33.02
N ALA D 69 19.97 -33.72 -33.51
CA ALA D 69 20.50 -33.62 -34.89
C ALA D 69 19.36 -33.60 -35.91
N VAL D 70 18.37 -34.46 -35.72
CA VAL D 70 17.20 -34.44 -36.61
C VAL D 70 16.47 -33.09 -36.60
N ASN D 71 16.19 -32.59 -35.39
CA ASN D 71 15.36 -31.40 -35.24
C ASN D 71 16.07 -30.10 -35.57
N GLY D 72 17.40 -30.13 -35.51
CA GLY D 72 18.22 -28.92 -35.70
C GLY D 72 18.92 -28.89 -37.04
N PRO D 73 20.19 -29.35 -37.08
CA PRO D 73 20.99 -29.22 -38.32
C PRO D 73 20.43 -29.98 -39.51
N ILE D 74 19.91 -31.19 -39.28
CA ILE D 74 19.32 -31.94 -40.41
C ILE D 74 18.05 -31.26 -40.96
N ALA D 75 17.12 -30.91 -40.06
CA ALA D 75 15.87 -30.26 -40.47
C ALA D 75 16.14 -29.00 -41.29
N GLN D 76 17.02 -28.14 -40.79
CA GLN D 76 17.21 -26.88 -41.52
C GLN D 76 17.91 -27.06 -42.87
N ALA D 77 18.77 -28.08 -42.99
CA ALA D 77 19.39 -28.39 -44.28
C ALA D 77 18.39 -28.93 -45.31
N LEU D 78 17.43 -29.73 -44.84
CA LEU D 78 16.49 -30.36 -45.76
C LEU D 78 15.21 -29.61 -46.06
N ILE D 79 14.80 -28.72 -45.15
CA ILE D 79 13.55 -28.01 -45.36
C ILE D 79 13.64 -27.21 -46.68
N GLY D 80 12.58 -27.27 -47.47
CA GLY D 80 12.53 -26.61 -48.78
C GLY D 80 12.97 -27.50 -49.93
N LYS D 81 13.61 -28.61 -49.61
CA LYS D 81 14.06 -29.56 -50.66
C LYS D 81 12.94 -30.46 -51.16
N ASP D 82 13.16 -31.07 -52.32
CA ASP D 82 12.21 -31.98 -52.93
C ASP D 82 12.39 -33.39 -52.36
N ALA D 83 11.39 -33.85 -51.58
CA ALA D 83 11.44 -35.19 -50.98
C ALA D 83 11.51 -36.32 -52.01
N LYS D 84 11.07 -36.04 -53.24
CA LYS D 84 11.11 -37.06 -54.30
C LYS D 84 12.55 -37.40 -54.69
N ASP D 85 13.45 -36.43 -54.48
CA ASP D 85 14.84 -36.61 -54.83
C ASP D 85 15.58 -37.31 -53.69
N GLN D 86 15.30 -38.61 -53.53
CA GLN D 86 15.84 -39.37 -52.40
C GLN D 86 17.38 -39.32 -52.32
N ALA D 87 18.05 -39.51 -53.46
CA ALA D 87 19.52 -39.48 -53.48
C ALA D 87 20.03 -38.10 -53.07
N GLY D 88 19.35 -37.04 -53.51
CA GLY D 88 19.71 -35.66 -53.10
C GLY D 88 19.54 -35.41 -51.60
N ILE D 89 18.42 -35.88 -51.05
CA ILE D 89 18.14 -35.77 -49.62
C ILE D 89 19.20 -36.52 -48.81
N ASP D 90 19.47 -37.78 -49.20
CA ASP D 90 20.46 -38.57 -48.50
C ASP D 90 21.85 -37.94 -48.58
N LYS D 91 22.22 -37.45 -49.77
CA LYS D 91 23.51 -36.81 -49.96
C LYS D 91 23.69 -35.58 -49.06
N ILE D 92 22.65 -34.75 -48.95
CA ILE D 92 22.71 -33.57 -48.08
C ILE D 92 23.07 -33.98 -46.66
N MET D 93 22.39 -35.02 -46.16
CA MET D 93 22.62 -35.48 -44.80
C MET D 93 24.01 -36.07 -44.63
N ILE D 94 24.42 -36.90 -45.60
CA ILE D 94 25.73 -37.53 -45.54
C ILE D 94 26.84 -36.47 -45.55
N ASP D 95 26.74 -35.48 -46.44
CA ASP D 95 27.77 -34.45 -46.56
C ASP D 95 27.84 -33.57 -45.30
N LEU D 96 26.67 -33.30 -44.74
CA LEU D 96 26.56 -32.41 -43.58
C LEU D 96 27.14 -33.07 -42.34
N ASP D 97 26.84 -34.36 -42.15
CA ASP D 97 27.43 -35.14 -41.08
C ASP D 97 28.95 -35.10 -41.21
N GLY D 98 29.43 -35.30 -42.45
CA GLY D 98 30.85 -35.07 -42.76
C GLY D 98 31.82 -36.17 -42.40
N THR D 99 31.32 -37.22 -41.75
CA THR D 99 32.16 -38.37 -41.37
C THR D 99 31.86 -39.57 -42.28
N GLU D 100 32.80 -40.50 -42.39
CA GLU D 100 32.60 -41.66 -43.25
C GLU D 100 31.54 -42.62 -42.68
N ASN D 101 31.36 -42.59 -41.36
CA ASN D 101 30.53 -43.59 -40.67
C ASN D 101 29.29 -43.01 -40.00
N LYS D 102 28.88 -41.80 -40.41
CA LYS D 102 27.67 -41.13 -39.90
C LYS D 102 27.67 -40.94 -38.37
N SER D 103 28.86 -40.76 -37.80
CA SER D 103 29.04 -40.72 -36.35
C SER D 103 28.87 -39.34 -35.71
N LYS D 104 28.69 -38.30 -36.51
CA LYS D 104 28.41 -36.98 -35.95
C LYS D 104 26.92 -36.84 -35.58
N PHE D 105 26.03 -37.05 -36.55
CA PHE D 105 24.59 -37.04 -36.26
C PHE D 105 24.07 -38.40 -35.79
N GLY D 106 24.76 -39.48 -36.13
CA GLY D 106 24.29 -40.83 -35.85
C GLY D 106 23.59 -41.42 -37.06
N ALA D 107 23.93 -42.68 -37.37
CA ALA D 107 23.22 -43.43 -38.43
C ALA D 107 21.74 -43.59 -38.09
N ASN D 108 21.43 -43.59 -36.79
CA ASN D 108 20.03 -43.61 -36.36
C ASN D 108 19.24 -42.36 -36.75
N ALA D 109 19.83 -41.18 -36.55
CA ALA D 109 19.20 -39.94 -37.00
C ALA D 109 19.02 -39.91 -38.52
N ILE D 110 20.11 -40.17 -39.23
CA ILE D 110 20.11 -40.11 -40.68
C ILE D 110 19.14 -41.14 -41.29
N LEU D 111 19.20 -42.39 -40.84
CA LEU D 111 18.32 -43.40 -41.41
C LEU D 111 16.83 -43.08 -41.13
N ALA D 112 16.51 -42.64 -39.92
CA ALA D 112 15.09 -42.38 -39.60
C ALA D 112 14.53 -41.32 -40.54
N VAL D 113 15.32 -40.25 -40.77
CA VAL D 113 14.91 -39.21 -41.69
C VAL D 113 14.85 -39.73 -43.12
N SER D 114 15.85 -40.51 -43.52
CA SER D 114 15.92 -41.05 -44.88
C SER D 114 14.65 -41.83 -45.22
N LEU D 115 14.21 -42.67 -44.28
CA LEU D 115 13.01 -43.51 -44.52
C LEU D 115 11.74 -42.70 -44.43
N ALA D 116 11.66 -41.79 -43.46
CA ALA D 116 10.48 -40.94 -43.31
C ALA D 116 10.29 -40.08 -44.56
N ASN D 117 11.40 -39.57 -45.09
CA ASN D 117 11.36 -38.82 -46.33
C ASN D 117 10.79 -39.64 -47.49
N ALA D 118 11.28 -40.87 -47.65
CA ALA D 118 10.80 -41.74 -48.72
C ALA D 118 9.31 -42.01 -48.58
N LYS D 119 8.86 -42.27 -47.35
CA LYS D 119 7.42 -42.45 -47.11
C LYS D 119 6.60 -41.20 -47.44
N ALA D 120 7.10 -40.01 -47.07
CA ALA D 120 6.40 -38.77 -47.40
C ALA D 120 6.32 -38.57 -48.92
N ALA D 121 7.43 -38.81 -49.62
CA ALA D 121 7.47 -38.71 -51.10
C ALA D 121 6.46 -39.66 -51.74
N ALA D 122 6.41 -40.90 -51.23
CA ALA D 122 5.47 -41.88 -51.75
C ALA D 122 4.05 -41.32 -51.62
N ALA D 123 3.73 -40.77 -50.44
CA ALA D 123 2.40 -40.22 -50.20
C ALA D 123 2.10 -39.08 -51.16
N ALA D 124 3.07 -38.20 -51.39
CA ALA D 124 2.90 -37.11 -52.35
C ALA D 124 2.61 -37.62 -53.76
N LYS D 125 3.21 -38.76 -54.10
CA LYS D 125 3.07 -39.38 -55.42
C LYS D 125 1.85 -40.28 -55.51
N GLY D 126 1.10 -40.39 -54.41
CA GLY D 126 -0.14 -41.15 -54.34
C GLY D 126 0.08 -42.65 -54.50
N MET D 127 1.18 -43.14 -53.93
CA MET D 127 1.51 -44.55 -54.08
C MET D 127 2.07 -45.12 -52.79
N PRO D 128 1.96 -46.45 -52.61
CA PRO D 128 2.54 -47.04 -51.41
C PRO D 128 4.06 -47.05 -51.46
N LEU D 129 4.69 -47.17 -50.29
CA LEU D 129 6.14 -47.11 -50.24
C LEU D 129 6.84 -48.12 -51.18
N TYR D 130 6.36 -49.37 -51.22
CA TYR D 130 7.03 -50.35 -52.08
C TYR D 130 7.08 -49.92 -53.55
N GLU D 131 6.00 -49.27 -54.01
CA GLU D 131 5.93 -48.82 -55.40
C GLU D 131 6.92 -47.67 -55.62
N HIS D 132 6.98 -46.76 -54.66
CA HIS D 132 7.94 -45.65 -54.70
C HIS D 132 9.39 -46.16 -54.67
N ILE D 133 9.66 -47.16 -53.83
CA ILE D 133 10.98 -47.77 -53.75
C ILE D 133 11.40 -48.35 -55.12
N ALA D 134 10.50 -49.06 -55.79
CA ALA D 134 10.83 -49.58 -57.13
C ALA D 134 11.15 -48.43 -58.10
N GLU D 135 10.41 -47.33 -58.01
CA GLU D 135 10.73 -46.15 -58.83
C GLU D 135 12.10 -45.56 -58.48
N LEU D 136 12.37 -45.36 -57.19
CA LEU D 136 13.71 -44.93 -56.78
C LEU D 136 14.81 -45.84 -57.29
N ASN D 137 14.50 -47.13 -57.42
CA ASN D 137 15.49 -48.13 -57.82
C ASN D 137 15.71 -48.13 -59.32
N GLY D 138 14.88 -47.39 -60.04
CA GLY D 138 14.94 -47.35 -61.52
C GLY D 138 14.30 -48.57 -62.15
N THR D 139 13.53 -49.31 -61.36
CA THR D 139 12.89 -50.55 -61.82
C THR D 139 11.40 -50.55 -61.46
N PRO D 140 10.64 -49.56 -61.98
CA PRO D 140 9.23 -49.44 -61.61
C PRO D 140 8.44 -50.71 -61.91
N GLY D 141 7.60 -51.11 -60.96
CA GLY D 141 6.72 -52.25 -61.15
C GLY D 141 7.38 -53.60 -61.05
N LYS D 142 8.67 -53.64 -60.75
CA LYS D 142 9.38 -54.90 -60.57
C LYS D 142 9.36 -55.32 -59.10
N TYR D 143 8.62 -56.38 -58.80
CA TYR D 143 8.40 -56.80 -57.42
C TYR D 143 8.53 -58.30 -57.23
N SER D 144 8.79 -58.70 -55.99
CA SER D 144 8.59 -60.08 -55.56
C SER D 144 8.23 -60.07 -54.08
N MET D 145 7.52 -61.10 -53.64
CA MET D 145 7.30 -61.29 -52.20
C MET D 145 8.47 -62.16 -51.70
N PRO D 146 9.20 -61.67 -50.68
CA PRO D 146 10.41 -62.37 -50.23
C PRO D 146 10.12 -63.70 -49.52
N VAL D 147 11.04 -64.65 -49.73
CA VAL D 147 11.03 -65.92 -48.99
C VAL D 147 11.64 -65.67 -47.61
N PRO D 148 10.81 -65.81 -46.56
CA PRO D 148 11.33 -65.54 -45.21
C PRO D 148 12.13 -66.71 -44.65
N MET D 149 13.24 -66.40 -44.01
CA MET D 149 13.89 -67.32 -43.09
C MET D 149 13.51 -66.86 -41.71
N MET D 150 12.86 -67.75 -40.97
CA MET D 150 12.24 -67.38 -39.70
C MET D 150 12.97 -68.02 -38.54
N ASN D 151 13.47 -67.18 -37.63
CA ASN D 151 14.07 -67.65 -36.38
C ASN D 151 13.17 -68.69 -35.74
N ILE D 152 13.77 -69.75 -35.25
CA ILE D 152 12.99 -70.77 -34.57
C ILE D 152 13.64 -71.27 -33.27
N ILE D 153 14.96 -71.44 -33.27
CA ILE D 153 15.71 -71.85 -32.08
C ILE D 153 16.97 -71.01 -31.97
N ASN D 154 17.20 -70.44 -30.79
CA ASN D 154 18.42 -69.71 -30.50
C ASN D 154 19.39 -70.57 -29.69
N GLY D 155 20.67 -70.30 -29.90
CA GLY D 155 21.75 -70.95 -29.15
C GLY D 155 22.90 -69.97 -29.00
N GLY D 156 24.09 -70.48 -28.71
CA GLY D 156 25.28 -69.66 -28.53
C GLY D 156 25.09 -68.44 -27.62
N GLU D 157 25.59 -67.28 -28.08
CA GLU D 157 25.51 -66.04 -27.31
C GLU D 157 24.08 -65.51 -27.22
N HIS D 158 23.15 -66.13 -27.92
CA HIS D 158 21.75 -65.70 -27.92
C HIS D 158 20.86 -66.63 -27.10
N ALA D 159 21.47 -67.44 -26.24
CA ALA D 159 20.72 -68.33 -25.35
C ALA D 159 21.55 -68.69 -24.13
N ASP D 160 20.96 -69.51 -23.27
CA ASP D 160 21.60 -70.06 -22.10
C ASP D 160 21.49 -71.59 -22.13
N ASN D 161 21.91 -72.18 -23.26
CA ASN D 161 21.80 -73.61 -23.47
C ASN D 161 23.12 -74.20 -23.97
N ASN D 162 23.12 -75.48 -24.35
CA ASN D 162 24.30 -76.16 -24.90
C ASN D 162 24.27 -76.30 -26.44
N VAL D 163 23.63 -75.34 -27.10
CA VAL D 163 23.64 -75.25 -28.56
C VAL D 163 24.72 -74.23 -28.93
N ASP D 164 25.63 -74.62 -29.81
CA ASP D 164 26.75 -73.75 -30.18
C ASP D 164 26.39 -72.73 -31.28
N ILE D 165 25.60 -73.18 -32.24
CA ILE D 165 25.10 -72.34 -33.34
C ILE D 165 24.21 -71.23 -32.78
N GLN D 166 24.34 -70.03 -33.32
CA GLN D 166 23.61 -68.86 -32.77
C GLN D 166 22.10 -68.90 -33.04
N GLU D 167 21.70 -69.30 -34.24
CA GLU D 167 20.28 -69.53 -34.51
C GLU D 167 20.03 -70.48 -35.66
N PHE D 168 18.94 -71.22 -35.53
CA PHE D 168 18.36 -71.99 -36.62
C PHE D 168 17.07 -71.32 -37.04
N MET D 169 16.79 -71.36 -38.35
CA MET D 169 15.60 -70.73 -38.94
C MET D 169 14.89 -71.72 -39.86
N ILE D 170 13.59 -71.54 -40.05
CA ILE D 170 12.84 -72.30 -41.06
C ILE D 170 12.48 -71.40 -42.25
N GLN D 171 12.43 -72.01 -43.45
CA GLN D 171 12.10 -71.29 -44.68
C GLN D 171 10.97 -72.05 -45.38
N PRO D 172 9.74 -71.50 -45.40
CA PRO D 172 8.59 -72.15 -46.06
C PRO D 172 8.63 -72.03 -47.59
N VAL D 173 9.64 -72.64 -48.19
CA VAL D 173 9.88 -72.57 -49.63
C VAL D 173 8.72 -73.15 -50.45
N GLY D 174 7.99 -74.10 -49.88
CA GLY D 174 6.89 -74.78 -50.57
C GLY D 174 5.62 -73.96 -50.72
N ALA D 175 5.52 -72.84 -49.99
CA ALA D 175 4.38 -71.95 -50.10
C ALA D 175 4.27 -71.35 -51.50
N LYS D 176 3.05 -71.01 -51.92
CA LYS D 176 2.82 -70.39 -53.23
C LYS D 176 2.59 -68.89 -53.16
N THR D 177 2.35 -68.39 -51.94
CA THR D 177 2.19 -66.95 -51.67
C THR D 177 2.89 -66.68 -50.35
N VAL D 178 3.23 -65.41 -50.08
CA VAL D 178 3.82 -65.09 -48.77
C VAL D 178 2.80 -65.30 -47.64
N LYS D 179 1.52 -65.13 -47.94
CA LYS D 179 0.46 -65.33 -46.96
C LYS D 179 0.48 -66.80 -46.49
N GLU D 180 0.63 -67.71 -47.45
CA GLU D 180 0.73 -69.13 -47.12
C GLU D 180 2.01 -69.43 -46.34
N ALA D 181 3.12 -68.78 -46.74
CA ALA D 181 4.40 -68.93 -46.06
C ALA D 181 4.29 -68.54 -44.58
N ILE D 182 3.56 -67.47 -44.33
CA ILE D 182 3.35 -66.94 -42.99
C ILE D 182 2.52 -67.94 -42.17
N ARG D 183 1.45 -68.45 -42.76
CA ARG D 183 0.62 -69.49 -42.11
C ARG D 183 1.46 -70.73 -41.77
N MET D 184 2.21 -71.24 -42.74
CA MET D 184 3.11 -72.39 -42.46
C MET D 184 4.06 -72.13 -41.30
N GLY D 185 4.73 -70.97 -41.31
CA GLY D 185 5.62 -70.59 -40.22
C GLY D 185 4.90 -70.56 -38.87
N SER D 186 3.69 -70.00 -38.85
CA SER D 186 2.88 -69.95 -37.64
C SER D 186 2.57 -71.33 -37.11
N GLU D 187 2.10 -72.19 -38.00
CA GLU D 187 1.76 -73.56 -37.61
C GLU D 187 2.94 -74.34 -37.05
N VAL D 188 4.11 -74.24 -37.68
CA VAL D 188 5.31 -74.91 -37.17
C VAL D 188 5.73 -74.33 -35.81
N PHE D 189 5.69 -73.00 -35.71
CA PHE D 189 5.97 -72.31 -34.46
C PHE D 189 5.15 -72.86 -33.30
N HIS D 190 3.85 -73.03 -33.52
CA HIS D 190 2.96 -73.51 -32.46
C HIS D 190 3.18 -74.99 -32.14
N HIS D 191 3.38 -75.80 -33.17
CA HIS D 191 3.72 -77.22 -32.97
C HIS D 191 5.05 -77.38 -32.22
N LEU D 192 6.01 -76.49 -32.47
CA LEU D 192 7.27 -76.55 -31.73
C LEU D 192 7.07 -76.27 -30.23
N ALA D 193 6.17 -75.33 -29.90
CA ALA D 193 5.84 -75.07 -28.50
C ALA D 193 5.30 -76.34 -27.83
N LYS D 194 4.42 -77.05 -28.53
CA LYS D 194 3.88 -78.32 -28.01
C LYS D 194 4.99 -79.34 -27.77
N VAL D 195 5.87 -79.49 -28.76
CA VAL D 195 7.03 -80.38 -28.67
C VAL D 195 7.90 -80.03 -27.44
N LEU D 196 8.27 -78.75 -27.32
CA LEU D 196 9.10 -78.31 -26.20
C LEU D 196 8.41 -78.51 -24.84
N LYS D 197 7.12 -78.21 -24.76
CA LYS D 197 6.36 -78.34 -23.52
C LYS D 197 6.32 -79.80 -23.07
N ALA D 198 6.18 -80.70 -24.04
CA ALA D 198 6.19 -82.15 -23.76
C ALA D 198 7.53 -82.62 -23.18
N LYS D 199 8.61 -81.94 -23.56
CA LYS D 199 9.96 -82.26 -23.09
C LYS D 199 10.31 -81.52 -21.81
N GLY D 200 9.34 -80.78 -21.27
CA GLY D 200 9.54 -79.99 -20.05
C GLY D 200 10.47 -78.81 -20.26
N MET D 201 10.53 -78.31 -21.49
CA MET D 201 11.39 -77.19 -21.79
C MET D 201 10.60 -75.89 -21.85
N ASN D 202 11.32 -74.79 -21.70
CA ASN D 202 10.76 -73.45 -21.59
C ASN D 202 10.42 -72.89 -22.97
N THR D 203 9.24 -72.30 -23.09
CA THR D 203 8.78 -71.75 -24.36
C THR D 203 8.64 -70.23 -24.38
N ALA D 204 9.24 -69.56 -23.39
CA ALA D 204 9.40 -68.09 -23.47
C ALA D 204 10.29 -67.78 -24.67
N VAL D 205 10.23 -66.53 -25.13
CA VAL D 205 10.89 -66.17 -26.38
C VAL D 205 12.03 -65.17 -26.22
N GLY D 206 12.95 -65.19 -27.18
CA GLY D 206 14.07 -64.24 -27.21
C GLY D 206 13.73 -63.01 -28.02
N ASP D 207 14.76 -62.23 -28.34
CA ASP D 207 14.59 -60.93 -28.99
C ASP D 207 13.84 -61.01 -30.33
N GLU D 208 14.05 -62.11 -31.05
CA GLU D 208 13.48 -62.36 -32.39
C GLU D 208 12.15 -63.10 -32.36
N GLY D 209 11.71 -63.49 -31.17
CA GLY D 209 10.39 -64.12 -31.02
C GLY D 209 10.37 -65.63 -31.11
N GLY D 210 11.56 -66.23 -31.17
CA GLY D 210 11.68 -67.70 -31.20
C GLY D 210 12.08 -68.24 -29.84
N TYR D 211 12.23 -69.56 -29.76
CA TYR D 211 12.49 -70.19 -28.48
C TYR D 211 13.98 -70.33 -28.21
N ALA D 212 14.36 -70.40 -26.93
CA ALA D 212 15.74 -70.64 -26.55
C ALA D 212 15.77 -71.68 -25.43
N PRO D 213 15.24 -72.89 -25.70
CA PRO D 213 15.12 -73.85 -24.61
C PRO D 213 16.46 -74.47 -24.28
N ASN D 214 16.52 -75.17 -23.15
CA ASN D 214 17.75 -75.79 -22.66
C ASN D 214 18.08 -77.08 -23.40
N LEU D 215 18.32 -76.95 -24.70
CA LEU D 215 18.72 -78.07 -25.56
C LEU D 215 20.19 -78.40 -25.35
N GLY D 216 20.52 -79.69 -25.45
CA GLY D 216 21.87 -80.16 -25.14
C GLY D 216 22.89 -80.11 -26.26
N SER D 217 22.43 -79.88 -27.49
CA SER D 217 23.31 -79.93 -28.67
C SER D 217 22.63 -79.35 -29.92
N ASN D 218 23.46 -79.02 -30.91
CA ASN D 218 22.97 -78.68 -32.25
C ASN D 218 22.01 -79.75 -32.78
N ALA D 219 22.40 -81.02 -32.60
CA ALA D 219 21.58 -82.16 -33.02
C ALA D 219 20.20 -82.18 -32.38
N GLU D 220 20.12 -81.94 -31.05
CA GLU D 220 18.82 -81.91 -30.38
C GLU D 220 17.94 -80.77 -30.90
N ALA D 221 18.57 -79.62 -31.19
CA ALA D 221 17.86 -78.47 -31.75
C ALA D 221 17.26 -78.83 -33.10
N LEU D 222 18.07 -79.44 -33.94
CA LEU D 222 17.62 -79.82 -35.27
C LEU D 222 16.53 -80.88 -35.20
N ALA D 223 16.61 -81.76 -34.21
CA ALA D 223 15.61 -82.81 -34.02
C ALA D 223 14.22 -82.28 -33.64
N VAL D 224 14.17 -81.33 -32.69
CA VAL D 224 12.88 -80.77 -32.28
C VAL D 224 12.26 -79.92 -33.40
N ILE D 225 13.10 -79.27 -34.19
CA ILE D 225 12.61 -78.52 -35.35
C ILE D 225 11.96 -79.51 -36.32
N ALA D 226 12.69 -80.59 -36.64
CA ALA D 226 12.16 -81.65 -37.51
C ALA D 226 10.85 -82.23 -36.96
N GLU D 227 10.80 -82.51 -35.65
CA GLU D 227 9.58 -83.05 -35.05
C GLU D 227 8.40 -82.11 -35.22
N ALA D 228 8.62 -80.81 -35.00
CA ALA D 228 7.57 -79.81 -35.12
C ALA D 228 7.06 -79.64 -36.54
N VAL D 229 7.98 -79.65 -37.50
CA VAL D 229 7.67 -79.57 -38.92
C VAL D 229 6.79 -80.76 -39.33
N LYS D 230 7.20 -81.95 -38.90
CA LYS D 230 6.41 -83.16 -39.16
C LYS D 230 5.01 -83.10 -38.50
N ALA D 231 4.98 -82.70 -37.22
CA ALA D 231 3.70 -82.59 -36.49
C ALA D 231 2.76 -81.59 -37.16
N ALA D 232 3.33 -80.54 -37.76
CA ALA D 232 2.54 -79.53 -38.44
C ALA D 232 2.00 -80.00 -39.80
N GLY D 233 2.45 -81.18 -40.25
CA GLY D 233 1.95 -81.77 -41.48
C GLY D 233 2.77 -81.42 -42.71
N TYR D 234 3.96 -80.86 -42.52
CA TYR D 234 4.82 -80.45 -43.62
C TYR D 234 6.01 -81.38 -43.82
N GLU D 235 6.55 -81.37 -45.03
CA GLU D 235 7.67 -82.24 -45.34
C GLU D 235 8.98 -81.46 -45.30
N LEU D 236 9.85 -81.85 -44.38
CA LEU D 236 11.17 -81.23 -44.26
C LEU D 236 12.02 -81.48 -45.51
N GLY D 237 12.57 -80.40 -46.07
CA GLY D 237 13.39 -80.51 -47.27
C GLY D 237 12.60 -80.24 -48.53
N LYS D 238 11.28 -80.36 -48.44
CA LYS D 238 10.40 -80.09 -49.57
C LYS D 238 9.52 -78.86 -49.32
N ASP D 239 8.74 -78.88 -48.24
CA ASP D 239 7.90 -77.74 -47.87
C ASP D 239 8.71 -76.68 -47.12
N ILE D 240 9.64 -77.15 -46.31
CA ILE D 240 10.40 -76.31 -45.39
C ILE D 240 11.87 -76.67 -45.42
N THR D 241 12.73 -75.69 -45.72
CA THR D 241 14.17 -75.88 -45.59
C THR D 241 14.72 -75.15 -44.35
N LEU D 242 16.00 -75.37 -44.07
CA LEU D 242 16.62 -74.80 -42.89
C LEU D 242 17.74 -73.82 -43.22
N ALA D 243 17.82 -72.75 -42.43
CA ALA D 243 18.92 -71.81 -42.50
C ALA D 243 19.51 -71.64 -41.12
N MET D 244 20.78 -71.28 -41.04
CA MET D 244 21.40 -71.06 -39.74
C MET D 244 22.37 -69.89 -39.78
N ASP D 245 22.66 -69.37 -38.59
CA ASP D 245 23.64 -68.34 -38.39
C ASP D 245 24.61 -68.91 -37.36
N CYS D 246 25.85 -69.16 -37.80
CA CYS D 246 26.86 -69.74 -36.94
C CYS D 246 27.44 -68.74 -35.97
N ALA D 247 27.40 -67.46 -36.37
CA ALA D 247 28.11 -66.40 -35.65
C ALA D 247 29.49 -66.90 -35.22
N ALA D 248 30.26 -67.41 -36.19
CA ALA D 248 31.49 -68.15 -35.93
C ALA D 248 32.60 -67.35 -35.25
N SER D 249 32.50 -66.03 -35.27
CA SER D 249 33.41 -65.18 -34.52
C SER D 249 33.36 -65.48 -33.03
N GLU D 250 32.21 -65.94 -32.56
CA GLU D 250 32.00 -66.21 -31.13
C GLU D 250 32.87 -67.36 -30.60
N PHE D 251 33.20 -68.32 -31.45
CA PHE D 251 34.11 -69.40 -31.01
C PHE D 251 35.50 -69.39 -31.68
N TYR D 252 35.83 -68.26 -32.29
CA TYR D 252 37.13 -68.05 -32.91
C TYR D 252 38.19 -67.66 -31.87
N LYS D 253 39.20 -68.53 -31.71
CA LYS D 253 40.30 -68.29 -30.77
C LYS D 253 41.61 -68.83 -31.33
N ASP D 254 42.64 -67.97 -31.37
CA ASP D 254 43.97 -68.32 -31.86
C ASP D 254 43.93 -68.96 -33.26
N GLY D 255 43.13 -68.38 -34.15
CA GLY D 255 43.00 -68.85 -35.52
C GLY D 255 42.15 -70.10 -35.71
N LYS D 256 41.63 -70.63 -34.61
CA LYS D 256 40.83 -71.86 -34.64
C LYS D 256 39.40 -71.66 -34.16
N TYR D 257 38.56 -72.67 -34.40
CA TYR D 257 37.14 -72.60 -34.02
C TYR D 257 36.82 -73.63 -32.95
N VAL D 258 36.57 -73.12 -31.74
CA VAL D 258 36.39 -73.97 -30.56
C VAL D 258 34.91 -74.15 -30.23
N LEU D 259 34.38 -75.34 -30.51
CA LEU D 259 32.98 -75.63 -30.19
C LEU D 259 32.84 -76.37 -28.87
N ALA D 260 32.23 -75.70 -27.90
CA ALA D 260 32.08 -76.24 -26.55
C ALA D 260 31.07 -77.38 -26.50
N ASN D 264 35.58 -79.36 -26.24
CA ASN D 264 36.04 -78.07 -26.76
C ASN D 264 37.08 -78.21 -27.87
N LYS D 265 36.78 -79.05 -28.86
CA LYS D 265 37.65 -79.28 -30.02
C LYS D 265 37.89 -77.98 -30.79
N ALA D 266 39.15 -77.71 -31.11
CA ALA D 266 39.53 -76.50 -31.84
C ALA D 266 39.77 -76.82 -33.32
N PHE D 267 38.71 -76.68 -34.12
CA PHE D 267 38.74 -76.93 -35.56
C PHE D 267 39.54 -75.86 -36.29
N THR D 268 40.29 -76.27 -37.31
CA THR D 268 40.84 -75.30 -38.26
C THR D 268 39.70 -74.74 -39.12
N SER D 269 39.97 -73.67 -39.87
CA SER D 269 38.99 -73.11 -40.81
C SER D 269 38.44 -74.17 -41.77
N GLU D 270 39.33 -74.99 -42.33
CA GLU D 270 38.95 -76.05 -43.25
C GLU D 270 38.14 -77.13 -42.53
N GLU D 271 38.60 -77.54 -41.36
CA GLU D 271 37.91 -78.55 -40.57
C GLU D 271 36.50 -78.10 -40.18
N PHE D 272 36.36 -76.83 -39.81
CA PHE D 272 35.07 -76.31 -39.43
C PHE D 272 34.14 -76.24 -40.63
N THR D 273 34.69 -75.86 -41.79
CA THR D 273 33.96 -75.91 -43.04
C THR D 273 33.36 -77.30 -43.27
N HIS D 274 34.16 -78.35 -43.02
CA HIS D 274 33.66 -79.72 -43.19
C HIS D 274 32.69 -80.19 -42.11
N PHE D 275 32.83 -79.63 -40.91
CA PHE D 275 31.84 -79.84 -39.85
C PHE D 275 30.47 -79.33 -40.29
N LEU D 276 30.45 -78.12 -40.86
CA LEU D 276 29.21 -77.56 -41.40
C LEU D 276 28.72 -78.39 -42.57
N GLU D 277 29.66 -78.81 -43.44
CA GLU D 277 29.34 -79.67 -44.59
C GLU D 277 28.58 -80.92 -44.12
N GLU D 278 29.08 -81.54 -43.06
CA GLU D 278 28.44 -82.72 -42.47
C GLU D 278 27.00 -82.42 -42.06
N LEU D 279 26.79 -81.28 -41.40
CA LEU D 279 25.44 -80.86 -41.03
C LEU D 279 24.51 -80.73 -42.23
N THR D 280 25.03 -80.20 -43.33
CA THR D 280 24.22 -80.00 -44.55
C THR D 280 23.86 -81.31 -45.25
N LYS D 281 24.62 -82.37 -44.92
CA LYS D 281 24.35 -83.73 -45.40
C LYS D 281 23.28 -84.42 -44.56
N GLN D 282 23.27 -84.13 -43.26
CA GLN D 282 22.31 -84.73 -42.33
C GLN D 282 20.94 -84.06 -42.34
N TYR D 283 20.94 -82.74 -42.51
CA TYR D 283 19.72 -81.95 -42.46
C TYR D 283 19.65 -81.04 -43.68
N PRO D 284 18.42 -80.67 -44.11
CA PRO D 284 18.27 -79.80 -45.28
C PRO D 284 18.56 -78.33 -44.96
N ILE D 285 19.77 -78.11 -44.44
CA ILE D 285 20.32 -76.77 -44.22
C ILE D 285 20.86 -76.25 -45.55
N VAL D 286 20.23 -75.20 -46.08
CA VAL D 286 20.56 -74.67 -47.39
C VAL D 286 21.13 -73.25 -47.36
N SER D 287 21.25 -72.71 -46.15
CA SER D 287 21.77 -71.37 -45.96
C SER D 287 22.54 -71.30 -44.65
N ILE D 288 23.77 -70.79 -44.72
CA ILE D 288 24.63 -70.66 -43.55
C ILE D 288 25.20 -69.25 -43.50
N GLU D 289 24.90 -68.53 -42.42
CA GLU D 289 25.33 -67.16 -42.20
C GLU D 289 26.55 -67.13 -41.30
N ASP D 290 27.54 -66.32 -41.68
CA ASP D 290 28.77 -66.13 -40.91
C ASP D 290 29.39 -67.46 -40.45
N GLY D 291 29.63 -68.32 -41.43
CA GLY D 291 30.20 -69.66 -41.17
C GLY D 291 31.66 -69.66 -40.75
N LEU D 292 32.32 -68.53 -40.86
CA LEU D 292 33.66 -68.31 -40.31
C LEU D 292 33.75 -66.89 -39.76
N ASP D 293 34.85 -66.58 -39.08
CA ASP D 293 35.09 -65.23 -38.57
C ASP D 293 35.25 -64.25 -39.74
N GLU D 294 34.74 -63.03 -39.56
CA GLU D 294 34.79 -61.99 -40.60
C GLU D 294 36.19 -61.73 -41.11
N SER D 295 37.19 -61.92 -40.24
CA SER D 295 38.59 -61.68 -40.60
C SER D 295 39.18 -62.84 -41.41
N ASP D 296 38.56 -64.02 -41.31
CA ASP D 296 39.08 -65.25 -41.90
C ASP D 296 38.74 -65.38 -43.39
N TRP D 297 39.30 -64.50 -44.21
CA TRP D 297 39.06 -64.50 -45.65
C TRP D 297 39.69 -65.68 -46.41
N ASP D 298 40.88 -66.12 -45.98
CA ASP D 298 41.46 -67.36 -46.53
C ASP D 298 40.50 -68.51 -46.25
N GLY D 299 40.01 -68.57 -45.01
CA GLY D 299 39.02 -69.58 -44.62
C GLY D 299 37.75 -69.49 -45.45
N PHE D 300 37.22 -68.27 -45.62
CA PHE D 300 35.99 -68.07 -46.39
C PHE D 300 36.11 -68.47 -47.86
N ALA D 301 37.29 -68.23 -48.44
CA ALA D 301 37.59 -68.67 -49.80
C ALA D 301 37.43 -70.19 -49.91
N TYR D 302 37.98 -70.90 -48.92
CA TYR D 302 37.86 -72.36 -48.83
C TYR D 302 36.41 -72.79 -48.65
N GLN D 303 35.71 -72.19 -47.69
CA GLN D 303 34.31 -72.54 -47.46
C GLN D 303 33.44 -72.31 -48.69
N THR D 304 33.72 -71.24 -49.43
CA THR D 304 32.93 -70.92 -50.62
C THR D 304 33.23 -71.96 -51.72
N LYS D 305 34.48 -72.39 -51.79
CA LYS D 305 34.89 -73.42 -52.75
C LYS D 305 34.15 -74.73 -52.45
N VAL D 306 34.15 -75.13 -51.19
CA VAL D 306 33.56 -76.40 -50.77
C VAL D 306 32.03 -76.42 -50.84
N LEU D 307 31.39 -75.39 -50.27
CA LEU D 307 29.94 -75.39 -50.04
C LEU D 307 29.15 -74.50 -51.00
N GLY D 308 29.84 -73.57 -51.64
CA GLY D 308 29.20 -72.47 -52.37
C GLY D 308 28.27 -72.81 -53.51
N ASP D 309 28.55 -73.92 -54.20
CA ASP D 309 27.70 -74.33 -55.32
C ASP D 309 26.34 -74.85 -54.88
N LYS D 310 26.25 -75.35 -53.65
CA LYS D 310 25.04 -76.01 -53.15
C LYS D 310 24.42 -75.35 -51.93
N ILE D 311 25.12 -74.38 -51.35
CA ILE D 311 24.67 -73.73 -50.13
C ILE D 311 24.78 -72.22 -50.27
N GLN D 312 23.77 -71.52 -49.77
CA GLN D 312 23.82 -70.06 -49.65
C GLN D 312 24.71 -69.70 -48.47
N LEU D 313 25.71 -68.86 -48.74
CA LEU D 313 26.68 -68.49 -47.72
C LEU D 313 26.52 -67.00 -47.51
N VAL D 314 25.90 -66.65 -46.39
CA VAL D 314 25.48 -65.28 -46.12
C VAL D 314 26.48 -64.55 -45.23
N GLY D 315 27.05 -63.48 -45.75
CA GLY D 315 27.89 -62.60 -44.93
C GLY D 315 27.02 -61.63 -44.16
N ASP D 316 27.15 -61.66 -42.82
CA ASP D 316 26.54 -60.64 -41.95
C ASP D 316 27.67 -59.79 -41.39
N ASP D 317 28.29 -60.26 -40.31
CA ASP D 317 29.47 -59.62 -39.72
C ASP D 317 30.61 -59.56 -40.76
N LEU D 318 30.56 -60.49 -41.73
CA LEU D 318 31.51 -60.51 -42.83
C LEU D 318 31.52 -59.21 -43.64
N PHE D 319 30.32 -58.72 -44.01
CA PHE D 319 30.21 -57.56 -44.90
C PHE D 319 29.70 -56.28 -44.24
N VAL D 320 28.98 -56.42 -43.12
CA VAL D 320 28.30 -55.30 -42.45
C VAL D 320 27.64 -54.26 -43.39
N THR D 321 26.94 -54.77 -44.40
CA THR D 321 26.20 -53.95 -45.38
C THR D 321 27.09 -52.83 -45.99
N ASN D 322 28.36 -53.17 -46.17
CA ASN D 322 29.39 -52.24 -46.65
C ASN D 322 29.77 -52.63 -48.07
N THR D 323 29.50 -51.75 -49.04
CA THR D 323 29.72 -52.05 -50.45
C THR D 323 31.19 -52.17 -50.82
N LYS D 324 32.06 -51.49 -50.07
CA LYS D 324 33.51 -51.59 -50.28
C LYS D 324 34.00 -52.99 -49.91
N ILE D 325 33.48 -53.54 -48.80
CA ILE D 325 33.86 -54.89 -48.37
C ILE D 325 33.21 -55.92 -49.29
N LEU D 326 31.95 -55.68 -49.67
CA LEU D 326 31.26 -56.59 -50.60
C LEU D 326 32.00 -56.67 -51.95
N LYS D 327 32.43 -55.52 -52.45
CA LYS D 327 33.22 -55.48 -53.69
C LYS D 327 34.46 -56.35 -53.60
N GLU D 328 35.19 -56.24 -52.49
CA GLU D 328 36.41 -57.02 -52.29
C GLU D 328 36.10 -58.51 -52.16
N GLY D 329 34.97 -58.82 -51.51
CA GLY D 329 34.50 -60.21 -51.38
C GLY D 329 34.12 -60.85 -52.70
N ILE D 330 33.42 -60.11 -53.54
CA ILE D 330 33.04 -60.58 -54.88
C ILE D 330 34.31 -60.88 -55.69
N GLU D 331 35.27 -59.96 -55.62
CA GLU D 331 36.56 -60.11 -56.33
C GLU D 331 37.32 -61.36 -55.89
N LYS D 332 37.21 -61.71 -54.62
CA LYS D 332 38.00 -62.80 -54.05
C LYS D 332 37.26 -64.13 -53.91
N GLY D 333 36.02 -64.18 -54.41
CA GLY D 333 35.19 -65.39 -54.34
C GLY D 333 34.81 -65.74 -52.91
N ILE D 334 34.42 -64.71 -52.16
CA ILE D 334 34.10 -64.80 -50.73
C ILE D 334 32.58 -64.77 -50.54
N ALA D 335 32.00 -65.87 -50.04
CA ALA D 335 30.55 -66.00 -49.83
C ALA D 335 29.74 -65.86 -51.12
N ASN D 336 28.41 -65.89 -51.03
CA ASN D 336 27.58 -65.68 -52.22
C ASN D 336 26.24 -64.98 -51.92
N SER D 337 26.16 -64.37 -50.75
CA SER D 337 24.94 -63.77 -50.25
C SER D 337 25.33 -62.73 -49.21
N ILE D 338 24.49 -61.71 -49.04
CA ILE D 338 24.79 -60.65 -48.08
C ILE D 338 23.52 -60.27 -47.31
N LEU D 339 23.67 -60.14 -46.00
CA LEU D 339 22.59 -59.68 -45.15
C LEU D 339 22.53 -58.16 -45.29
N ILE D 340 21.33 -57.62 -45.50
CA ILE D 340 21.17 -56.17 -45.65
C ILE D 340 20.50 -55.61 -44.39
N LYS D 341 21.29 -54.88 -43.61
CA LYS D 341 20.81 -54.17 -42.43
C LYS D 341 20.92 -52.69 -42.75
N PHE D 342 19.78 -52.05 -43.06
CA PHE D 342 19.86 -50.69 -43.60
C PHE D 342 20.39 -49.65 -42.61
N ASN D 343 20.29 -49.93 -41.31
CA ASN D 343 20.85 -49.01 -40.33
C ASN D 343 22.36 -49.13 -40.18
N GLN D 344 22.93 -50.20 -40.76
CA GLN D 344 24.36 -50.43 -40.73
C GLN D 344 25.07 -49.62 -41.82
N ILE D 345 24.32 -49.21 -42.83
CA ILE D 345 24.83 -48.32 -43.87
C ILE D 345 24.30 -46.89 -43.67
N GLY D 346 23.00 -46.74 -43.39
CA GLY D 346 22.48 -45.51 -42.80
C GLY D 346 21.57 -44.65 -43.65
N SER D 347 21.38 -45.03 -44.92
CA SER D 347 20.47 -44.30 -45.79
C SER D 347 19.77 -45.23 -46.76
N LEU D 348 18.60 -44.82 -47.21
CA LEU D 348 17.88 -45.60 -48.22
C LEU D 348 18.65 -45.68 -49.53
N THR D 349 19.21 -44.55 -49.99
CA THR D 349 19.94 -44.54 -51.25
C THR D 349 21.07 -45.55 -51.24
N GLU D 350 21.85 -45.56 -50.16
CA GLU D 350 22.99 -46.48 -50.05
C GLU D 350 22.53 -47.93 -49.94
N THR D 351 21.38 -48.12 -49.29
CA THR D 351 20.84 -49.47 -49.13
C THR D 351 20.46 -50.02 -50.49
N LEU D 352 19.78 -49.21 -51.31
CA LEU D 352 19.40 -49.63 -52.67
C LEU D 352 20.65 -49.99 -53.47
N ALA D 353 21.71 -49.21 -53.29
CA ALA D 353 22.97 -49.46 -54.00
C ALA D 353 23.58 -50.81 -53.64
N ALA D 354 23.57 -51.14 -52.36
CA ALA D 354 24.08 -52.41 -51.86
C ALA D 354 23.28 -53.59 -52.43
N ILE D 355 21.96 -53.48 -52.43
CA ILE D 355 21.08 -54.54 -52.93
C ILE D 355 21.36 -54.77 -54.40
N LYS D 356 21.50 -53.67 -55.16
CA LYS D 356 21.79 -53.73 -56.60
C LYS D 356 23.14 -54.36 -56.91
N MET D 357 24.17 -53.94 -56.17
CA MET D 357 25.51 -54.49 -56.33
C MET D 357 25.50 -55.99 -56.13
N ALA D 358 24.81 -56.44 -55.08
CA ALA D 358 24.66 -57.87 -54.82
C ALA D 358 24.04 -58.61 -56.01
N LYS D 359 22.91 -58.12 -56.51
CA LYS D 359 22.26 -58.78 -57.66
C LYS D 359 23.17 -58.84 -58.87
N ASP D 360 23.85 -57.72 -59.14
CA ASP D 360 24.75 -57.61 -60.28
C ASP D 360 25.86 -58.66 -60.24
N ALA D 361 26.33 -58.98 -59.04
CA ALA D 361 27.37 -59.99 -58.85
C ALA D 361 26.80 -61.42 -58.80
N GLY D 362 25.48 -61.55 -58.81
CA GLY D 362 24.82 -62.84 -58.69
C GLY D 362 24.72 -63.32 -57.26
N TYR D 363 25.10 -62.45 -56.32
CA TYR D 363 24.87 -62.70 -54.90
C TYR D 363 23.40 -62.45 -54.57
N THR D 364 22.89 -63.15 -53.57
CA THR D 364 21.53 -62.87 -53.08
C THR D 364 21.62 -61.87 -51.94
N ALA D 365 20.59 -61.04 -51.85
CA ALA D 365 20.44 -60.08 -50.77
C ALA D 365 19.30 -60.53 -49.87
N VAL D 366 19.57 -60.63 -48.58
CA VAL D 366 18.57 -61.02 -47.57
C VAL D 366 18.30 -59.78 -46.72
N ILE D 367 17.10 -59.21 -46.83
CA ILE D 367 16.75 -58.01 -46.06
C ILE D 367 16.53 -58.39 -44.59
N SER D 368 17.23 -57.68 -43.69
CA SER D 368 17.28 -58.11 -42.29
C SER D 368 16.67 -57.14 -41.28
N HIS D 369 16.08 -57.71 -40.24
CA HIS D 369 15.78 -57.01 -38.98
C HIS D 369 17.06 -56.75 -38.16
N ARG D 370 16.89 -56.07 -37.03
CA ARG D 370 17.91 -56.02 -35.97
C ARG D 370 17.35 -56.61 -34.69
N SER D 371 18.23 -56.86 -33.71
CA SER D 371 17.74 -57.39 -32.43
C SER D 371 16.74 -56.44 -31.75
N GLY D 372 17.07 -55.15 -31.82
CA GLY D 372 16.17 -54.10 -31.34
C GLY D 372 15.38 -53.55 -32.50
N GLU D 373 14.08 -53.80 -32.49
CA GLU D 373 13.21 -53.36 -33.56
C GLU D 373 12.08 -52.46 -33.04
N THR D 374 11.27 -51.95 -33.96
CA THR D 374 10.01 -51.35 -33.58
C THR D 374 8.91 -51.99 -34.43
N GLU D 375 7.68 -51.50 -34.26
CA GLU D 375 6.51 -51.84 -35.07
C GLU D 375 6.67 -51.43 -36.55
N ASP D 376 7.66 -50.55 -36.82
CA ASP D 376 7.96 -50.10 -38.18
C ASP D 376 8.15 -51.30 -39.12
N ALA D 377 7.56 -51.23 -40.31
CA ALA D 377 7.65 -52.36 -41.23
C ALA D 377 8.28 -52.00 -42.56
N THR D 378 9.13 -50.98 -42.56
CA THR D 378 9.78 -50.51 -43.78
C THR D 378 10.52 -51.63 -44.50
N ILE D 379 11.12 -52.57 -43.75
CA ILE D 379 11.90 -53.60 -44.45
C ILE D 379 11.06 -54.49 -45.35
N ALA D 380 9.76 -54.61 -45.03
CA ALA D 380 8.82 -55.34 -45.88
C ALA D 380 8.67 -54.64 -47.24
N ASP D 381 8.33 -53.35 -47.20
CA ASP D 381 8.30 -52.54 -48.44
C ASP D 381 9.62 -52.54 -49.18
N LEU D 382 10.73 -52.47 -48.44
CA LEU D 382 12.05 -52.52 -49.06
C LEU D 382 12.27 -53.83 -49.81
N ALA D 383 11.93 -54.95 -49.17
CA ALA D 383 12.16 -56.27 -49.78
C ALA D 383 11.34 -56.41 -51.06
N VAL D 384 10.08 -55.97 -51.01
CA VAL D 384 9.18 -56.08 -52.15
C VAL D 384 9.59 -55.13 -53.27
N GLY D 385 9.83 -53.86 -52.92
CA GLY D 385 10.17 -52.84 -53.91
C GLY D 385 11.52 -52.95 -54.59
N THR D 386 12.43 -53.78 -54.05
CA THR D 386 13.71 -54.09 -54.71
C THR D 386 13.74 -55.50 -55.27
N ALA D 387 12.64 -56.23 -55.09
CA ALA D 387 12.56 -57.65 -55.44
C ALA D 387 13.80 -58.41 -54.93
N ALA D 388 14.17 -58.13 -53.69
CA ALA D 388 15.38 -58.71 -53.10
C ALA D 388 15.29 -60.23 -53.07
N GLY D 389 14.11 -60.74 -52.72
CA GLY D 389 13.85 -62.18 -52.80
C GLY D 389 13.81 -62.93 -51.49
N GLN D 390 14.42 -62.37 -50.45
CA GLN D 390 14.46 -63.02 -49.14
C GLN D 390 14.43 -61.98 -48.04
N ILE D 391 13.93 -62.41 -46.89
CA ILE D 391 13.81 -61.55 -45.73
C ILE D 391 14.11 -62.37 -44.48
N LYS D 392 14.74 -61.73 -43.49
CA LYS D 392 15.02 -62.33 -42.19
C LYS D 392 14.47 -61.36 -41.16
N THR D 393 13.26 -61.61 -40.69
CA THR D 393 12.57 -60.61 -39.86
C THR D 393 11.89 -61.19 -38.62
N GLY D 394 12.28 -62.40 -38.25
CA GLY D 394 11.90 -62.94 -36.94
C GLY D 394 11.12 -64.23 -36.96
N SER D 395 10.89 -64.76 -35.76
CA SER D 395 9.98 -65.89 -35.62
C SER D 395 8.55 -65.34 -35.77
N MET D 396 7.56 -66.20 -35.56
CA MET D 396 6.16 -65.80 -35.73
C MET D 396 5.55 -65.40 -34.39
N SER D 397 6.29 -64.62 -33.60
CA SER D 397 5.72 -63.97 -32.43
C SER D 397 6.47 -62.66 -32.19
N ARG D 398 5.85 -61.81 -31.36
CA ARG D 398 6.31 -60.41 -31.08
C ARG D 398 5.95 -59.53 -32.27
N SER D 399 5.19 -58.47 -32.01
CA SER D 399 4.79 -57.58 -33.12
C SER D 399 5.94 -56.80 -33.76
N ASP D 400 7.08 -56.71 -33.07
CA ASP D 400 8.31 -56.19 -33.68
C ASP D 400 8.77 -57.04 -34.86
N ARG D 401 8.36 -58.32 -34.87
CA ARG D 401 8.59 -59.24 -36.00
C ARG D 401 7.32 -59.34 -36.86
N VAL D 402 6.21 -59.66 -36.21
CA VAL D 402 4.98 -59.95 -36.90
C VAL D 402 4.41 -58.74 -37.68
N ALA D 403 4.69 -57.52 -37.22
CA ALA D 403 4.28 -56.36 -38.03
C ALA D 403 4.83 -56.40 -39.44
N LYS D 404 6.02 -56.97 -39.62
CA LYS D 404 6.61 -57.07 -40.95
C LYS D 404 5.86 -58.09 -41.78
N TYR D 405 5.55 -59.24 -41.16
CA TYR D 405 4.74 -60.25 -41.84
C TYR D 405 3.37 -59.71 -42.23
N ASN D 406 2.74 -58.95 -41.32
CA ASN D 406 1.46 -58.31 -41.61
C ASN D 406 1.54 -57.35 -42.78
N GLN D 407 2.60 -56.55 -42.81
CA GLN D 407 2.81 -55.65 -43.93
C GLN D 407 2.97 -56.41 -45.24
N LEU D 408 3.74 -57.51 -45.22
CA LEU D 408 3.87 -58.38 -46.42
C LEU D 408 2.49 -58.88 -46.86
N ILE D 409 1.63 -59.27 -45.91
CA ILE D 409 0.27 -59.67 -46.24
C ILE D 409 -0.49 -58.54 -46.96
N ARG D 410 -0.42 -57.32 -46.42
CA ARG D 410 -1.12 -56.19 -47.01
C ARG D 410 -0.60 -55.91 -48.43
N ILE D 411 0.72 -56.02 -48.60
CA ILE D 411 1.34 -55.71 -49.89
C ILE D 411 0.92 -56.76 -50.92
N GLU D 412 1.00 -58.03 -50.54
CA GLU D 412 0.60 -59.13 -51.43
C GLU D 412 -0.88 -59.04 -51.79
N GLU D 413 -1.72 -58.62 -50.84
CA GLU D 413 -3.14 -58.40 -51.09
C GLU D 413 -3.38 -57.42 -52.24
N ALA D 414 -2.65 -56.31 -52.25
CA ALA D 414 -2.80 -55.30 -53.31
C ALA D 414 -2.15 -55.74 -54.62
N LEU D 415 -0.98 -56.36 -54.55
CA LEU D 415 -0.20 -56.65 -55.75
C LEU D 415 -0.59 -57.96 -56.44
N GLY D 416 -0.94 -58.98 -55.67
CA GLY D 416 -1.25 -60.28 -56.25
C GLY D 416 -0.13 -60.77 -57.17
N GLU D 417 -0.50 -61.14 -58.40
CA GLU D 417 0.46 -61.72 -59.34
C GLU D 417 1.61 -60.79 -59.77
N LYS D 418 1.46 -59.48 -59.52
CA LYS D 418 2.53 -58.50 -59.78
C LYS D 418 3.77 -58.75 -58.89
N ALA D 419 3.56 -59.45 -57.77
CA ALA D 419 4.63 -59.74 -56.83
C ALA D 419 4.68 -61.25 -56.57
N PRO D 420 5.32 -62.00 -57.46
CA PRO D 420 5.39 -63.45 -57.27
C PRO D 420 6.17 -63.85 -56.03
N TYR D 421 5.73 -64.93 -55.40
CA TYR D 421 6.52 -65.61 -54.38
C TYR D 421 7.21 -66.76 -55.10
N ASN D 422 8.51 -66.66 -55.28
CA ASN D 422 9.26 -67.59 -56.13
C ASN D 422 9.77 -68.85 -55.43
N GLY D 423 9.65 -68.87 -54.11
CA GLY D 423 10.02 -70.04 -53.32
C GLY D 423 11.50 -70.37 -53.36
N ARG D 424 11.80 -71.66 -53.37
CA ARG D 424 13.14 -72.21 -53.15
C ARG D 424 14.22 -71.57 -54.01
N LYS D 425 13.90 -71.29 -55.27
CA LYS D 425 14.89 -70.79 -56.23
C LYS D 425 15.46 -69.41 -55.88
N GLU D 426 14.81 -68.68 -54.97
CA GLU D 426 15.39 -67.41 -54.50
C GLU D 426 16.72 -67.63 -53.79
N ILE D 427 16.84 -68.79 -53.15
CA ILE D 427 18.00 -69.11 -52.33
C ILE D 427 19.20 -69.45 -53.21
N LYS D 428 20.34 -68.84 -52.90
CA LYS D 428 21.58 -69.08 -53.67
C LYS D 428 22.02 -70.53 -53.50
N GLY D 429 22.25 -71.20 -54.63
CA GLY D 429 22.58 -72.63 -54.60
C GLY D 429 21.38 -73.50 -54.93
N GLN D 430 20.17 -72.93 -54.88
CA GLN D 430 18.94 -73.67 -55.21
C GLN D 430 18.44 -73.27 -56.58
N ALA E 1 -3.61 -45.75 -47.93
CA ALA E 1 -2.88 -44.94 -46.91
C ALA E 1 -1.77 -45.78 -46.30
N SER E 2 -0.74 -45.10 -45.79
CA SER E 2 0.37 -45.78 -45.13
C SER E 2 -0.13 -46.43 -43.85
N PRO E 3 0.56 -47.48 -43.39
CA PRO E 3 0.18 -48.09 -42.11
C PRO E 3 0.20 -47.07 -40.96
N GLU E 4 1.19 -46.17 -40.94
CA GLU E 4 1.30 -45.17 -39.86
C GLU E 4 0.12 -44.19 -39.88
N LEU E 5 -0.23 -43.70 -41.05
CA LEU E 5 -1.33 -42.73 -41.16
C LEU E 5 -2.66 -43.42 -40.87
N ALA E 6 -2.89 -44.57 -41.51
CA ALA E 6 -4.18 -45.25 -41.36
C ALA E 6 -4.43 -45.70 -39.91
N SER E 7 -3.39 -46.20 -39.26
CA SER E 7 -3.50 -46.62 -37.87
C SER E 7 -3.64 -45.46 -36.88
N GLY E 8 -3.24 -44.26 -37.30
CA GLY E 8 -3.33 -43.06 -36.47
C GLY E 8 -2.13 -42.85 -35.57
N LYS E 9 -0.94 -43.19 -36.06
CA LYS E 9 0.30 -42.98 -35.31
C LYS E 9 1.02 -41.71 -35.76
N VAL E 10 0.65 -41.23 -36.94
CA VAL E 10 1.15 -39.96 -37.46
C VAL E 10 -0.05 -39.21 -38.01
N TRP E 11 -0.01 -37.88 -37.97
CA TRP E 11 -1.13 -37.08 -38.42
C TRP E 11 -0.69 -36.00 -39.39
N ILE E 12 -1.60 -35.66 -40.29
CA ILE E 12 -1.38 -34.59 -41.26
C ILE E 12 -1.48 -33.25 -40.52
N ARG E 13 -0.58 -32.32 -40.87
CA ARG E 13 -0.44 -31.03 -40.19
C ARG E 13 -0.69 -29.86 -41.13
N TYR E 14 -0.71 -30.13 -42.43
CA TYR E 14 -0.81 -29.06 -43.44
C TYR E 14 -1.98 -29.34 -44.40
N PRO E 15 -2.65 -28.28 -44.87
CA PRO E 15 -3.81 -28.51 -45.75
C PRO E 15 -3.42 -28.88 -47.19
N SER F 1 -17.70 -38.00 -42.44
CA SER F 1 -17.90 -38.27 -43.89
C SER F 1 -18.68 -39.56 -44.11
N LYS F 2 -19.23 -39.74 -45.31
CA LYS F 2 -19.92 -40.98 -45.67
C LYS F 2 -18.92 -42.11 -45.91
N ILE F 3 -19.24 -43.31 -45.42
CA ILE F 3 -18.43 -44.50 -45.65
C ILE F 3 -18.54 -44.96 -47.10
N VAL F 4 -17.40 -45.20 -47.75
CA VAL F 4 -17.42 -45.66 -49.14
C VAL F 4 -16.94 -47.10 -49.34
N LYS F 5 -16.11 -47.61 -48.43
CA LYS F 5 -15.45 -48.88 -48.63
C LYS F 5 -15.03 -49.38 -47.26
N ILE F 6 -15.27 -50.66 -46.99
CA ILE F 6 -14.76 -51.31 -45.77
C ILE F 6 -14.05 -52.58 -46.18
N ILE F 7 -12.83 -52.75 -45.69
CA ILE F 7 -11.99 -53.89 -46.00
C ILE F 7 -11.64 -54.62 -44.70
N GLY F 8 -11.87 -55.92 -44.67
CA GLY F 8 -11.36 -56.75 -43.58
C GLY F 8 -10.28 -57.67 -44.11
N ARG F 9 -9.33 -58.02 -43.25
CA ARG F 9 -8.28 -58.97 -43.60
C ARG F 9 -7.80 -59.74 -42.39
N GLU F 10 -7.26 -60.92 -42.67
CA GLU F 10 -6.68 -61.77 -41.65
C GLU F 10 -5.19 -61.45 -41.54
N ILE F 11 -4.83 -60.85 -40.41
CA ILE F 11 -3.41 -60.65 -40.07
C ILE F 11 -3.01 -61.52 -38.90
N ILE F 12 -1.77 -61.36 -38.42
CA ILE F 12 -1.22 -62.19 -37.37
C ILE F 12 -0.99 -61.39 -36.08
N ASP F 13 -1.38 -61.98 -34.94
CA ASP F 13 -1.18 -61.33 -33.65
C ASP F 13 0.19 -61.67 -33.06
N SER F 14 0.45 -61.08 -31.91
CA SER F 14 1.78 -61.14 -31.31
C SER F 14 2.16 -62.52 -30.76
N ARG F 15 1.18 -63.41 -30.71
CA ARG F 15 1.40 -64.80 -30.30
C ARG F 15 1.44 -65.75 -31.50
N GLY F 16 1.30 -65.18 -32.71
CA GLY F 16 1.36 -65.97 -33.94
C GLY F 16 0.02 -66.48 -34.40
N ASN F 17 -1.05 -66.01 -33.77
CA ASN F 17 -2.42 -66.42 -34.14
C ASN F 17 -3.16 -65.37 -34.97
N PRO F 18 -4.02 -65.83 -35.90
CA PRO F 18 -4.77 -64.90 -36.74
C PRO F 18 -5.65 -63.93 -35.95
N THR F 19 -5.82 -62.73 -36.49
CA THR F 19 -6.86 -61.83 -35.98
C THR F 19 -7.38 -60.94 -37.10
N VAL F 20 -8.37 -60.13 -36.79
CA VAL F 20 -9.04 -59.33 -37.81
C VAL F 20 -8.48 -57.91 -37.81
N GLU F 21 -8.10 -57.43 -38.99
CA GLU F 21 -7.81 -56.02 -39.23
C GLU F 21 -8.88 -55.44 -40.16
N ALA F 22 -9.35 -54.23 -39.88
CA ALA F 22 -10.32 -53.56 -40.75
C ALA F 22 -9.84 -52.18 -41.15
N GLU F 23 -10.18 -51.78 -42.37
CA GLU F 23 -10.01 -50.41 -42.84
C GLU F 23 -11.38 -49.86 -43.15
N VAL F 24 -11.64 -48.63 -42.73
CA VAL F 24 -12.85 -47.90 -43.12
C VAL F 24 -12.40 -46.71 -43.96
N HIS F 25 -12.92 -46.63 -45.19
CA HIS F 25 -12.59 -45.55 -46.11
C HIS F 25 -13.80 -44.64 -46.29
N LEU F 26 -13.56 -43.33 -46.25
CA LEU F 26 -14.63 -42.32 -46.36
C LEU F 26 -14.47 -41.52 -47.65
N GLU F 27 -15.55 -40.89 -48.08
CA GLU F 27 -15.45 -39.92 -49.17
C GLU F 27 -14.49 -38.79 -48.75
N GLY F 28 -13.62 -38.41 -49.67
CA GLY F 28 -12.60 -37.42 -49.37
C GLY F 28 -11.26 -38.06 -49.09
N GLY F 29 -11.23 -39.39 -49.09
CA GLY F 29 -9.99 -40.16 -49.04
C GLY F 29 -9.48 -40.49 -47.64
N PHE F 30 -10.28 -40.18 -46.63
CA PHE F 30 -9.92 -40.47 -45.22
C PHE F 30 -9.99 -41.96 -44.91
N VAL F 31 -8.97 -42.46 -44.21
CA VAL F 31 -8.87 -43.91 -43.94
C VAL F 31 -8.55 -44.11 -42.47
N GLY F 32 -9.25 -45.04 -41.83
CA GLY F 32 -8.88 -45.47 -40.46
C GLY F 32 -8.60 -46.96 -40.52
N MET F 33 -7.61 -47.44 -39.77
CA MET F 33 -7.32 -48.87 -39.73
C MET F 33 -7.10 -49.31 -38.29
N ALA F 34 -7.64 -50.48 -37.94
CA ALA F 34 -7.50 -51.01 -36.59
C ALA F 34 -7.55 -52.53 -36.63
N ALA F 35 -7.02 -53.15 -35.59
CA ALA F 35 -7.09 -54.59 -35.45
C ALA F 35 -7.68 -54.94 -34.10
N ALA F 36 -8.36 -56.08 -34.06
CA ALA F 36 -8.85 -56.65 -32.82
C ALA F 36 -7.72 -57.41 -32.14
N PRO F 37 -7.55 -57.23 -30.82
CA PRO F 37 -6.62 -58.11 -30.13
C PRO F 37 -7.33 -59.47 -30.00
N SER F 38 -6.61 -60.52 -29.68
CA SER F 38 -7.29 -61.82 -29.66
C SER F 38 -8.12 -61.93 -28.37
N GLY F 39 -9.13 -62.79 -28.35
CA GLY F 39 -10.05 -62.87 -27.21
C GLY F 39 -10.56 -64.29 -27.08
N ALA F 40 -11.79 -64.43 -26.61
CA ALA F 40 -12.41 -65.74 -26.38
C ALA F 40 -13.43 -65.99 -27.46
N SER F 41 -13.48 -67.23 -27.95
CA SER F 41 -14.48 -67.66 -28.94
C SER F 41 -15.60 -68.50 -28.32
N THR F 42 -15.42 -68.89 -27.06
CA THR F 42 -16.41 -69.66 -26.32
C THR F 42 -16.61 -69.02 -24.95
N GLY F 43 -17.73 -69.31 -24.29
CA GLY F 43 -17.99 -68.75 -22.97
C GLY F 43 -19.33 -68.08 -22.88
N SER F 44 -19.76 -67.78 -21.66
CA SER F 44 -21.18 -67.42 -21.41
C SER F 44 -21.50 -65.96 -21.13
N ARG F 45 -20.47 -65.12 -20.97
CA ARG F 45 -20.66 -63.75 -20.45
C ARG F 45 -20.11 -62.65 -21.35
N GLU F 46 -18.91 -62.87 -21.87
CA GLU F 46 -18.24 -61.84 -22.68
C GLU F 46 -18.60 -61.96 -24.15
N ALA F 47 -18.33 -60.90 -24.89
CA ALA F 47 -18.52 -60.93 -26.32
C ALA F 47 -17.56 -61.96 -26.90
N LEU F 48 -18.04 -62.73 -27.87
CA LEU F 48 -17.20 -63.77 -28.43
C LEU F 48 -16.62 -63.42 -29.79
N GLU F 49 -15.33 -63.67 -29.97
CA GLU F 49 -14.76 -63.54 -31.31
C GLU F 49 -15.16 -64.78 -32.09
N LEU F 50 -15.19 -64.66 -33.41
CA LEU F 50 -15.51 -65.79 -34.26
C LEU F 50 -14.19 -66.41 -34.75
N ARG F 51 -14.02 -67.69 -34.49
CA ARG F 51 -12.88 -68.45 -34.99
C ARG F 51 -13.40 -69.53 -35.95
N ASP F 52 -12.58 -69.91 -36.91
CA ASP F 52 -13.02 -70.82 -37.98
C ASP F 52 -13.16 -72.27 -37.52
N GLY F 53 -12.23 -72.72 -36.67
CA GLY F 53 -12.20 -74.13 -36.23
C GLY F 53 -11.81 -75.11 -37.32
N ASP F 54 -11.07 -74.62 -38.31
CA ASP F 54 -10.56 -75.46 -39.38
C ASP F 54 -9.18 -75.97 -38.99
N LYS F 55 -9.10 -77.25 -38.63
CA LYS F 55 -7.85 -77.83 -38.15
C LYS F 55 -6.72 -77.78 -39.16
N SER F 56 -7.05 -77.60 -40.44
CA SER F 56 -6.02 -77.54 -41.48
C SER F 56 -5.39 -76.14 -41.64
N ARG F 57 -5.93 -75.15 -40.93
CA ARG F 57 -5.36 -73.79 -40.96
C ARG F 57 -5.18 -73.25 -39.56
N PHE F 58 -3.94 -72.91 -39.22
CA PHE F 58 -3.65 -72.21 -37.95
C PHE F 58 -4.13 -72.97 -36.71
N LEU F 59 -4.09 -74.31 -36.77
CA LEU F 59 -4.57 -75.15 -35.66
C LEU F 59 -6.00 -74.79 -35.25
N GLY F 60 -6.79 -74.39 -36.23
CA GLY F 60 -8.21 -74.09 -35.98
C GLY F 60 -8.52 -72.66 -35.61
N LYS F 61 -7.49 -71.80 -35.63
CA LYS F 61 -7.64 -70.42 -35.15
C LYS F 61 -7.77 -69.36 -36.23
N GLY F 62 -8.09 -69.77 -37.46
CA GLY F 62 -8.33 -68.83 -38.55
C GLY F 62 -9.48 -67.89 -38.23
N VAL F 63 -9.44 -66.71 -38.85
CA VAL F 63 -10.54 -65.76 -38.70
C VAL F 63 -11.15 -65.37 -40.05
N THR F 64 -11.12 -66.30 -41.02
CA THR F 64 -11.72 -66.07 -42.35
C THR F 64 -13.23 -65.75 -42.27
N LYS F 65 -13.96 -66.38 -41.36
CA LYS F 65 -15.37 -66.12 -41.21
C LYS F 65 -15.63 -64.70 -40.73
N ALA F 66 -14.91 -64.29 -39.68
CA ALA F 66 -15.03 -62.92 -39.17
C ALA F 66 -14.67 -61.91 -40.25
N VAL F 67 -13.61 -62.21 -41.00
CA VAL F 67 -13.16 -61.34 -42.09
C VAL F 67 -14.23 -61.25 -43.18
N ALA F 68 -14.85 -62.37 -43.54
CA ALA F 68 -15.97 -62.37 -44.49
C ALA F 68 -17.17 -61.56 -43.99
N ALA F 69 -17.40 -61.56 -42.68
CA ALA F 69 -18.45 -60.72 -42.09
C ALA F 69 -18.18 -59.23 -42.33
N VAL F 70 -16.92 -58.83 -42.13
CA VAL F 70 -16.53 -57.43 -42.37
C VAL F 70 -16.74 -57.03 -43.84
N ASN F 71 -16.20 -57.82 -44.74
CA ASN F 71 -16.24 -57.52 -46.17
C ASN F 71 -17.62 -57.66 -46.80
N GLY F 72 -18.48 -58.44 -46.15
CA GLY F 72 -19.83 -58.74 -46.66
C GLY F 72 -20.93 -57.96 -45.99
N PRO F 73 -21.65 -58.61 -45.05
CA PRO F 73 -22.81 -57.98 -44.42
C PRO F 73 -22.52 -56.68 -43.69
N ILE F 74 -21.38 -56.61 -43.00
CA ILE F 74 -21.07 -55.38 -42.28
C ILE F 74 -20.83 -54.23 -43.24
N ALA F 75 -19.97 -54.43 -44.22
CA ALA F 75 -19.69 -53.39 -45.22
C ALA F 75 -20.99 -52.93 -45.88
N GLN F 76 -21.82 -53.88 -46.29
CA GLN F 76 -23.11 -53.57 -46.95
C GLN F 76 -24.04 -52.72 -46.07
N ALA F 77 -24.06 -52.99 -44.77
CA ALA F 77 -24.92 -52.26 -43.85
C ALA F 77 -24.38 -50.85 -43.59
N LEU F 78 -23.08 -50.65 -43.82
CA LEU F 78 -22.46 -49.39 -43.44
C LEU F 78 -22.12 -48.40 -44.56
N ILE F 79 -21.97 -48.90 -45.78
CA ILE F 79 -21.68 -48.03 -46.93
C ILE F 79 -22.75 -46.95 -47.01
N GLY F 80 -22.31 -45.71 -47.15
CA GLY F 80 -23.20 -44.55 -47.21
C GLY F 80 -23.51 -43.91 -45.86
N LYS F 81 -23.13 -44.57 -44.77
CA LYS F 81 -23.46 -44.07 -43.44
C LYS F 81 -22.44 -43.03 -42.97
N ASP F 82 -22.82 -42.20 -42.00
CA ASP F 82 -21.97 -41.13 -41.49
C ASP F 82 -21.05 -41.68 -40.41
N ALA F 83 -19.77 -41.82 -40.75
CA ALA F 83 -18.76 -42.35 -39.82
C ALA F 83 -18.64 -41.55 -38.53
N LYS F 84 -18.96 -40.25 -38.57
CA LYS F 84 -18.91 -39.41 -37.38
C LYS F 84 -19.91 -39.83 -36.28
N ASP F 85 -21.01 -40.47 -36.70
CA ASP F 85 -22.03 -40.94 -35.77
C ASP F 85 -21.62 -42.30 -35.23
N GLN F 86 -20.66 -42.29 -34.31
CA GLN F 86 -20.12 -43.56 -33.79
C GLN F 86 -21.21 -44.46 -33.19
N ALA F 87 -22.10 -43.89 -32.38
CA ALA F 87 -23.15 -44.69 -31.73
C ALA F 87 -24.06 -45.31 -32.79
N GLY F 88 -24.36 -44.54 -33.84
CA GLY F 88 -25.18 -45.04 -34.94
C GLY F 88 -24.55 -46.18 -35.72
N ILE F 89 -23.24 -46.05 -36.01
CA ILE F 89 -22.48 -47.08 -36.72
C ILE F 89 -22.41 -48.34 -35.87
N ASP F 90 -22.09 -48.16 -34.59
CA ASP F 90 -22.03 -49.31 -33.67
C ASP F 90 -23.39 -50.01 -33.53
N LYS F 91 -24.46 -49.22 -33.42
CA LYS F 91 -25.82 -49.77 -33.34
C LYS F 91 -26.17 -50.62 -34.56
N ILE F 92 -25.80 -50.14 -35.75
CA ILE F 92 -26.10 -50.86 -36.97
C ILE F 92 -25.49 -52.27 -36.91
N MET F 93 -24.23 -52.34 -36.50
CA MET F 93 -23.52 -53.60 -36.44
C MET F 93 -24.11 -54.50 -35.37
N ILE F 94 -24.38 -53.92 -34.20
CA ILE F 94 -24.93 -54.66 -33.06
C ILE F 94 -26.28 -55.27 -33.43
N ASP F 95 -27.15 -54.45 -34.04
CA ASP F 95 -28.49 -54.93 -34.42
C ASP F 95 -28.43 -55.96 -35.55
N LEU F 96 -27.54 -55.75 -36.52
CA LEU F 96 -27.37 -56.69 -37.63
C LEU F 96 -26.92 -58.07 -37.14
N ASP F 97 -25.95 -58.08 -36.21
CA ASP F 97 -25.49 -59.33 -35.61
C ASP F 97 -26.64 -59.99 -34.85
N GLY F 98 -27.37 -59.20 -34.06
CA GLY F 98 -28.58 -59.67 -33.41
C GLY F 98 -28.41 -60.56 -32.19
N THR F 99 -27.17 -60.87 -31.82
CA THR F 99 -26.88 -61.70 -30.65
C THR F 99 -26.27 -60.86 -29.54
N GLU F 100 -26.59 -61.22 -28.29
CA GLU F 100 -26.12 -60.49 -27.13
C GLU F 100 -24.60 -60.41 -27.08
N ASN F 101 -23.94 -61.51 -27.46
CA ASN F 101 -22.48 -61.66 -27.33
C ASN F 101 -21.71 -61.51 -28.65
N LYS F 102 -22.36 -60.92 -29.65
CA LYS F 102 -21.74 -60.63 -30.95
C LYS F 102 -21.15 -61.88 -31.61
N SER F 103 -21.80 -63.02 -31.38
CA SER F 103 -21.27 -64.31 -31.81
C SER F 103 -21.75 -64.77 -33.19
N LYS F 104 -22.49 -63.93 -33.89
CA LYS F 104 -22.81 -64.24 -35.29
C LYS F 104 -21.67 -63.78 -36.22
N PHE F 105 -21.33 -62.49 -36.17
CA PHE F 105 -20.21 -61.95 -36.95
C PHE F 105 -18.87 -62.06 -36.22
N GLY F 106 -18.95 -62.08 -34.89
CA GLY F 106 -17.74 -62.11 -34.05
C GLY F 106 -17.46 -60.72 -33.50
N ALA F 107 -17.13 -60.66 -32.21
CA ALA F 107 -16.72 -59.40 -31.58
C ALA F 107 -15.45 -58.87 -32.22
N ASN F 108 -14.66 -59.79 -32.77
CA ASN F 108 -13.46 -59.38 -33.50
C ASN F 108 -13.77 -58.62 -34.78
N ALA F 109 -14.75 -59.09 -35.55
CA ALA F 109 -15.19 -58.36 -36.74
C ALA F 109 -15.75 -56.99 -36.37
N ILE F 110 -16.67 -56.98 -35.43
CA ILE F 110 -17.39 -55.76 -35.07
C ILE F 110 -16.43 -54.73 -34.45
N LEU F 111 -15.59 -55.16 -33.51
CA LEU F 111 -14.64 -54.23 -32.88
C LEU F 111 -13.68 -53.63 -33.89
N ALA F 112 -13.11 -54.45 -34.77
CA ALA F 112 -12.14 -53.95 -35.73
C ALA F 112 -12.76 -52.85 -36.58
N VAL F 113 -13.98 -53.08 -37.06
CA VAL F 113 -14.69 -52.04 -37.82
C VAL F 113 -15.01 -50.82 -36.95
N SER F 114 -15.49 -51.07 -35.73
CA SER F 114 -15.83 -50.00 -34.80
C SER F 114 -14.66 -49.03 -34.61
N LEU F 115 -13.48 -49.57 -34.35
CA LEU F 115 -12.30 -48.74 -34.12
C LEU F 115 -11.78 -48.08 -35.39
N ALA F 116 -11.77 -48.84 -36.50
CA ALA F 116 -11.33 -48.28 -37.78
C ALA F 116 -12.24 -47.12 -38.17
N ASN F 117 -13.54 -47.29 -37.92
CA ASN F 117 -14.52 -46.23 -38.18
C ASN F 117 -14.20 -44.94 -37.41
N ALA F 118 -13.95 -45.08 -36.11
CA ALA F 118 -13.65 -43.93 -35.26
C ALA F 118 -12.40 -43.23 -35.78
N LYS F 119 -11.37 -44.01 -36.16
CA LYS F 119 -10.16 -43.40 -36.69
C LYS F 119 -10.44 -42.65 -38.00
N ALA F 120 -11.22 -43.26 -38.89
CA ALA F 120 -11.57 -42.62 -40.15
C ALA F 120 -12.35 -41.31 -39.93
N ALA F 121 -13.32 -41.35 -39.01
CA ALA F 121 -14.12 -40.17 -38.65
C ALA F 121 -13.25 -39.05 -38.09
N ALA F 122 -12.30 -39.42 -37.22
CA ALA F 122 -11.38 -38.44 -36.66
C ALA F 122 -10.61 -37.74 -37.79
N ALA F 123 -10.08 -38.53 -38.73
CA ALA F 123 -9.34 -38.00 -39.88
C ALA F 123 -10.21 -37.05 -40.69
N ALA F 124 -11.45 -37.43 -40.95
CA ALA F 124 -12.40 -36.55 -41.70
C ALA F 124 -12.62 -35.23 -40.97
N LYS F 125 -12.62 -35.26 -39.64
CA LYS F 125 -12.81 -34.09 -38.81
C LYS F 125 -11.53 -33.27 -38.59
N GLY F 126 -10.43 -33.74 -39.19
CA GLY F 126 -9.12 -33.10 -39.08
C GLY F 126 -8.55 -33.11 -37.67
N MET F 127 -8.77 -34.20 -36.96
CA MET F 127 -8.30 -34.30 -35.58
C MET F 127 -7.82 -35.71 -35.28
N PRO F 128 -6.90 -35.86 -34.31
CA PRO F 128 -6.47 -37.21 -33.95
C PRO F 128 -7.55 -37.98 -33.21
N LEU F 129 -7.43 -39.30 -33.22
CA LEU F 129 -8.43 -40.17 -32.57
C LEU F 129 -8.70 -39.77 -31.12
N TYR F 130 -7.65 -39.51 -30.34
CA TYR F 130 -7.88 -39.15 -28.93
C TYR F 130 -8.79 -37.92 -28.76
N GLU F 131 -8.65 -36.94 -29.65
CA GLU F 131 -9.48 -35.74 -29.57
C GLU F 131 -10.92 -36.05 -29.97
N HIS F 132 -11.06 -36.88 -31.00
CA HIS F 132 -12.37 -37.34 -31.45
C HIS F 132 -13.06 -38.16 -30.36
N ILE F 133 -12.31 -39.02 -29.67
CA ILE F 133 -12.90 -39.77 -28.57
C ILE F 133 -13.46 -38.85 -27.46
N ALA F 134 -12.72 -37.81 -27.09
CA ALA F 134 -13.19 -36.88 -26.06
C ALA F 134 -14.49 -36.20 -26.52
N GLU F 135 -14.57 -35.88 -27.81
CA GLU F 135 -15.80 -35.30 -28.36
C GLU F 135 -16.94 -36.31 -28.30
N LEU F 136 -16.68 -37.55 -28.72
CA LEU F 136 -17.71 -38.62 -28.64
C LEU F 136 -18.20 -38.83 -27.21
N ASN F 137 -17.27 -38.67 -26.27
CA ASN F 137 -17.50 -38.88 -24.85
C ASN F 137 -18.30 -37.74 -24.21
N GLY F 138 -18.45 -36.64 -24.94
CA GLY F 138 -19.14 -35.45 -24.42
C GLY F 138 -18.27 -34.69 -23.43
N THR F 139 -16.96 -34.89 -23.54
CA THR F 139 -16.00 -34.24 -22.66
C THR F 139 -14.84 -33.64 -23.48
N PRO F 140 -15.17 -32.78 -24.46
CA PRO F 140 -14.15 -32.28 -25.38
C PRO F 140 -13.01 -31.57 -24.64
N GLY F 141 -11.79 -31.85 -25.07
CA GLY F 141 -10.61 -31.20 -24.51
C GLY F 141 -10.20 -31.65 -23.12
N LYS F 142 -10.87 -32.69 -22.60
CA LYS F 142 -10.51 -33.23 -21.29
C LYS F 142 -9.65 -34.48 -21.48
N TYR F 143 -8.39 -34.37 -21.07
CA TYR F 143 -7.40 -35.42 -21.29
C TYR F 143 -6.56 -35.66 -20.06
N SER F 144 -5.98 -36.86 -20.00
CA SER F 144 -4.86 -37.09 -19.08
C SER F 144 -3.99 -38.14 -19.73
N MET F 145 -2.72 -38.16 -19.32
CA MET F 145 -1.81 -39.26 -19.69
C MET F 145 -1.92 -40.31 -18.61
N PRO F 146 -2.25 -41.55 -18.97
CA PRO F 146 -2.53 -42.56 -17.94
C PRO F 146 -1.27 -43.05 -17.20
N VAL F 147 -1.50 -43.44 -15.94
CA VAL F 147 -0.45 -44.04 -15.10
C VAL F 147 -0.38 -45.52 -15.47
N PRO F 148 0.75 -45.96 -16.06
CA PRO F 148 0.82 -47.36 -16.47
C PRO F 148 1.12 -48.32 -15.33
N MET F 149 0.46 -49.48 -15.35
CA MET F 149 0.89 -50.61 -14.52
C MET F 149 1.55 -51.61 -15.47
N MET F 150 2.82 -51.90 -15.20
CA MET F 150 3.68 -52.60 -16.16
C MET F 150 4.06 -53.97 -15.68
N ASN F 151 3.64 -54.98 -16.44
CA ASN F 151 4.01 -56.34 -16.16
C ASN F 151 5.54 -56.41 -16.01
N ILE F 152 5.97 -57.14 -15.00
CA ILE F 152 7.39 -57.29 -14.77
C ILE F 152 7.73 -58.77 -14.46
N ILE F 153 6.90 -59.39 -13.62
CA ILE F 153 7.11 -60.79 -13.22
C ILE F 153 5.81 -61.53 -13.38
N ASN F 154 5.88 -62.72 -13.98
CA ASN F 154 4.73 -63.57 -14.23
C ASN F 154 4.74 -64.89 -13.49
N GLY F 155 3.52 -65.37 -13.20
CA GLY F 155 3.31 -66.65 -12.51
C GLY F 155 2.04 -67.33 -12.98
N GLY F 156 1.54 -68.24 -12.15
CA GLY F 156 0.34 -69.02 -12.41
C GLY F 156 0.41 -69.71 -13.75
N GLU F 157 -0.69 -69.62 -14.48
CA GLU F 157 -0.83 -70.23 -15.79
C GLU F 157 0.07 -69.59 -16.83
N HIS F 158 0.70 -68.47 -16.45
CA HIS F 158 1.55 -67.70 -17.36
C HIS F 158 3.04 -67.93 -17.10
N ALA F 159 3.37 -69.04 -16.45
CA ALA F 159 4.76 -69.38 -16.16
C ALA F 159 4.89 -70.85 -15.83
N ASP F 160 6.13 -71.29 -15.64
CA ASP F 160 6.41 -72.63 -15.16
C ASP F 160 7.27 -72.48 -13.92
N ASN F 161 6.70 -71.83 -12.90
CA ASN F 161 7.39 -71.58 -11.64
C ASN F 161 6.47 -71.88 -10.45
N ASN F 162 6.91 -71.52 -9.24
CA ASN F 162 6.08 -71.74 -8.06
C ASN F 162 5.44 -70.45 -7.54
N VAL F 163 5.15 -69.54 -8.48
CA VAL F 163 4.44 -68.30 -8.21
C VAL F 163 2.98 -68.48 -8.65
N ASP F 164 2.04 -68.24 -7.75
CA ASP F 164 0.62 -68.45 -8.06
C ASP F 164 -0.04 -67.25 -8.72
N ILE F 165 0.34 -66.06 -8.25
CA ILE F 165 -0.18 -64.81 -8.77
C ILE F 165 0.23 -64.69 -10.24
N GLN F 166 -0.72 -64.33 -11.11
CA GLN F 166 -0.46 -64.39 -12.55
C GLN F 166 0.52 -63.32 -12.97
N GLU F 167 0.35 -62.13 -12.38
CA GLU F 167 1.34 -61.10 -12.63
C GLU F 167 1.52 -60.05 -11.56
N PHE F 168 2.77 -59.63 -11.45
CA PHE F 168 3.19 -58.50 -10.64
C PHE F 168 3.60 -57.39 -11.58
N MET F 169 3.22 -56.17 -11.21
CA MET F 169 3.40 -54.98 -12.06
C MET F 169 3.96 -53.83 -11.24
N ILE F 170 4.73 -52.96 -11.91
CA ILE F 170 5.21 -51.73 -11.33
C ILE F 170 4.40 -50.54 -11.88
N GLN F 171 4.18 -49.53 -11.03
CA GLN F 171 3.51 -48.29 -11.43
C GLN F 171 4.44 -47.13 -11.09
N PRO F 172 4.97 -46.43 -12.11
CA PRO F 172 5.82 -45.25 -11.84
C PRO F 172 5.01 -44.01 -11.47
N VAL F 173 4.38 -44.08 -10.30
CA VAL F 173 3.51 -43.00 -9.82
C VAL F 173 4.26 -41.69 -9.60
N GLY F 174 5.57 -41.81 -9.33
CA GLY F 174 6.42 -40.65 -9.04
C GLY F 174 6.85 -39.82 -10.25
N ALA F 175 6.65 -40.37 -11.45
CA ALA F 175 6.95 -39.64 -12.67
C ALA F 175 6.08 -38.40 -12.78
N LYS F 176 6.56 -37.38 -13.50
CA LYS F 176 5.78 -36.18 -13.72
C LYS F 176 5.22 -36.06 -15.13
N THR F 177 5.64 -36.96 -16.01
CA THR F 177 5.10 -37.06 -17.36
C THR F 177 5.02 -38.53 -17.73
N VAL F 178 4.24 -38.86 -18.78
CA VAL F 178 4.20 -40.28 -19.19
C VAL F 178 5.53 -40.69 -19.81
N LYS F 179 6.22 -39.74 -20.45
CA LYS F 179 7.56 -40.04 -20.99
C LYS F 179 8.51 -40.47 -19.85
N GLU F 180 8.48 -39.73 -18.74
CA GLU F 180 9.27 -40.14 -17.57
C GLU F 180 8.85 -41.51 -17.02
N ALA F 181 7.54 -41.73 -16.94
CA ALA F 181 7.01 -43.01 -16.43
C ALA F 181 7.59 -44.17 -17.27
N ILE F 182 7.57 -43.99 -18.59
CA ILE F 182 8.09 -44.98 -19.52
C ILE F 182 9.60 -45.21 -19.33
N ARG F 183 10.37 -44.13 -19.17
CA ARG F 183 11.80 -44.26 -18.89
C ARG F 183 12.04 -45.01 -17.59
N MET F 184 11.32 -44.63 -16.53
CA MET F 184 11.49 -45.33 -15.26
C MET F 184 11.21 -46.83 -15.41
N GLY F 185 10.14 -47.15 -16.14
CA GLY F 185 9.78 -48.54 -16.38
C GLY F 185 10.88 -49.30 -17.10
N SER F 186 11.42 -48.67 -18.15
CA SER F 186 12.51 -49.25 -18.93
C SER F 186 13.71 -49.56 -18.03
N GLU F 187 14.07 -48.58 -17.21
CA GLU F 187 15.25 -48.73 -16.36
C GLU F 187 15.08 -49.87 -15.36
N VAL F 188 13.92 -49.94 -14.72
CA VAL F 188 13.67 -51.02 -13.76
C VAL F 188 13.68 -52.36 -14.49
N PHE F 189 13.08 -52.41 -15.67
CA PHE F 189 13.03 -53.62 -16.47
C PHE F 189 14.43 -54.15 -16.77
N HIS F 190 15.35 -53.25 -17.13
CA HIS F 190 16.73 -53.68 -17.45
C HIS F 190 17.50 -54.06 -16.19
N HIS F 191 17.25 -53.35 -15.10
CA HIS F 191 17.89 -53.75 -13.83
C HIS F 191 17.37 -55.10 -13.34
N LEU F 192 16.09 -55.37 -13.58
CA LEU F 192 15.54 -56.67 -13.23
C LEU F 192 16.21 -57.79 -14.03
N ALA F 193 16.46 -57.55 -15.33
CA ALA F 193 17.17 -58.54 -16.14
C ALA F 193 18.55 -58.83 -15.55
N LYS F 194 19.24 -57.79 -15.08
CA LYS F 194 20.56 -57.96 -14.46
C LYS F 194 20.46 -58.81 -13.19
N VAL F 195 19.45 -58.52 -12.38
CA VAL F 195 19.22 -59.22 -11.12
C VAL F 195 18.94 -60.70 -11.40
N LEU F 196 18.09 -60.95 -12.38
CA LEU F 196 17.73 -62.33 -12.70
C LEU F 196 18.90 -63.11 -13.29
N LYS F 197 19.66 -62.47 -14.18
CA LYS F 197 20.88 -63.05 -14.75
C LYS F 197 21.87 -63.42 -13.65
N ALA F 198 22.01 -62.55 -12.64
CA ALA F 198 22.96 -62.80 -11.55
C ALA F 198 22.53 -64.01 -10.72
N LYS F 199 21.21 -64.25 -10.68
CA LYS F 199 20.63 -65.42 -10.02
C LYS F 199 20.65 -66.67 -10.92
N GLY F 200 21.14 -66.51 -12.15
CA GLY F 200 21.18 -67.61 -13.13
C GLY F 200 19.80 -68.00 -13.62
N MET F 201 18.85 -67.07 -13.49
CA MET F 201 17.48 -67.34 -13.91
C MET F 201 17.23 -66.90 -15.35
N ASN F 202 16.15 -67.43 -15.92
CA ASN F 202 15.83 -67.16 -17.31
C ASN F 202 15.25 -65.76 -17.55
N THR F 203 15.77 -65.10 -18.58
CA THR F 203 15.32 -63.75 -18.92
C THR F 203 14.66 -63.68 -20.30
N ALA F 204 14.32 -64.83 -20.87
CA ALA F 204 13.40 -64.87 -22.02
C ALA F 204 12.03 -64.32 -21.57
N VAL F 205 11.25 -63.78 -22.48
CA VAL F 205 10.02 -63.09 -22.10
C VAL F 205 8.73 -63.81 -22.48
N GLY F 206 7.69 -63.57 -21.70
CA GLY F 206 6.35 -64.07 -22.00
C GLY F 206 5.57 -63.16 -22.92
N ASP F 207 4.27 -63.43 -23.01
CA ASP F 207 3.39 -62.81 -23.99
C ASP F 207 3.35 -61.28 -23.85
N GLU F 208 3.50 -60.80 -22.61
CA GLU F 208 3.40 -59.36 -22.33
C GLU F 208 4.75 -58.71 -22.13
N GLY F 209 5.81 -59.44 -22.44
CA GLY F 209 7.16 -58.87 -22.49
C GLY F 209 7.89 -58.82 -21.18
N GLY F 210 7.32 -59.42 -20.13
CA GLY F 210 7.99 -59.49 -18.83
C GLY F 210 8.62 -60.86 -18.62
N TYR F 211 9.16 -61.08 -17.43
CA TYR F 211 9.92 -62.30 -17.15
C TYR F 211 9.10 -63.31 -16.34
N ALA F 212 9.42 -64.59 -16.51
CA ALA F 212 8.81 -65.65 -15.73
C ALA F 212 9.89 -66.58 -15.17
N PRO F 213 10.77 -66.03 -14.32
CA PRO F 213 11.86 -66.85 -13.79
C PRO F 213 11.34 -67.92 -12.82
N ASN F 214 12.19 -68.91 -12.59
CA ASN F 214 11.86 -70.04 -11.72
C ASN F 214 11.96 -69.70 -10.24
N LEU F 215 11.12 -68.77 -9.80
CA LEU F 215 11.02 -68.37 -8.41
C LEU F 215 10.22 -69.40 -7.62
N GLY F 216 10.51 -69.50 -6.33
CA GLY F 216 9.96 -70.57 -5.51
C GLY F 216 8.77 -70.18 -4.65
N SER F 217 8.36 -68.91 -4.75
CA SER F 217 7.25 -68.40 -3.94
C SER F 217 6.73 -67.07 -4.46
N ASN F 218 5.52 -66.72 -4.03
CA ASN F 218 4.96 -65.41 -4.32
C ASN F 218 5.84 -64.31 -3.71
N ALA F 219 6.36 -64.58 -2.51
CA ALA F 219 7.30 -63.70 -1.79
C ALA F 219 8.60 -63.42 -2.57
N GLU F 220 9.18 -64.44 -3.17
CA GLU F 220 10.40 -64.26 -3.97
C GLU F 220 10.16 -63.27 -5.12
N ALA F 221 8.96 -63.28 -5.71
CA ALA F 221 8.65 -62.41 -6.84
C ALA F 221 8.64 -60.93 -6.43
N LEU F 222 8.04 -60.65 -5.29
CA LEU F 222 8.02 -59.28 -4.78
C LEU F 222 9.43 -58.82 -4.39
N ALA F 223 10.20 -59.71 -3.78
CA ALA F 223 11.59 -59.43 -3.37
C ALA F 223 12.44 -59.02 -4.56
N VAL F 224 12.37 -59.78 -5.66
CA VAL F 224 13.21 -59.49 -6.82
C VAL F 224 12.84 -58.15 -7.47
N ILE F 225 11.54 -57.85 -7.53
CA ILE F 225 11.09 -56.54 -8.02
C ILE F 225 11.65 -55.42 -7.14
N ALA F 226 11.55 -55.60 -5.82
CA ALA F 226 12.13 -54.60 -4.91
C ALA F 226 13.64 -54.41 -5.18
N GLU F 227 14.35 -55.52 -5.40
CA GLU F 227 15.79 -55.44 -5.69
C GLU F 227 16.04 -54.62 -6.94
N ALA F 228 15.24 -54.88 -8.00
CA ALA F 228 15.40 -54.18 -9.27
C ALA F 228 15.09 -52.69 -9.16
N VAL F 229 14.03 -52.36 -8.43
CA VAL F 229 13.64 -50.98 -8.22
C VAL F 229 14.75 -50.20 -7.51
N LYS F 230 15.33 -50.81 -6.48
CA LYS F 230 16.43 -50.19 -5.73
C LYS F 230 17.69 -50.06 -6.61
N ALA F 231 18.02 -51.13 -7.34
CA ALA F 231 19.15 -51.12 -8.28
C ALA F 231 19.01 -49.98 -9.29
N ALA F 232 17.78 -49.66 -9.67
CA ALA F 232 17.52 -48.62 -10.65
C ALA F 232 17.61 -47.22 -10.04
N GLY F 233 17.77 -47.15 -8.70
CA GLY F 233 17.87 -45.86 -8.02
C GLY F 233 16.53 -45.23 -7.67
N TYR F 234 15.48 -46.04 -7.64
CA TYR F 234 14.15 -45.57 -7.26
C TYR F 234 13.72 -46.05 -5.89
N GLU F 235 12.79 -45.32 -5.30
CA GLU F 235 12.29 -45.61 -3.96
C GLU F 235 10.94 -46.30 -4.05
N LEU F 236 10.92 -47.57 -3.66
CA LEU F 236 9.69 -48.35 -3.64
C LEU F 236 8.70 -47.69 -2.69
N GLY F 237 7.47 -47.57 -3.13
CA GLY F 237 6.41 -46.95 -2.34
C GLY F 237 6.25 -45.45 -2.49
N LYS F 238 7.29 -44.79 -2.99
CA LYS F 238 7.24 -43.37 -3.31
C LYS F 238 7.29 -43.16 -4.82
N ASP F 239 8.38 -43.62 -5.46
CA ASP F 239 8.54 -43.44 -6.89
C ASP F 239 7.71 -44.45 -7.66
N ILE F 240 7.63 -45.66 -7.10
CA ILE F 240 7.08 -46.82 -7.78
C ILE F 240 6.24 -47.59 -6.79
N THR F 241 4.98 -47.84 -7.15
CA THR F 241 4.10 -48.72 -6.37
C THR F 241 3.88 -50.00 -7.14
N LEU F 242 3.21 -50.95 -6.49
CA LEU F 242 3.02 -52.27 -7.06
C LEU F 242 1.56 -52.58 -7.28
N ALA F 243 1.28 -53.32 -8.34
CA ALA F 243 -0.06 -53.81 -8.65
C ALA F 243 0.07 -55.28 -8.99
N MET F 244 -1.00 -56.05 -8.76
CA MET F 244 -0.99 -57.47 -9.08
C MET F 244 -2.30 -57.86 -9.76
N ASP F 245 -2.22 -58.91 -10.57
CA ASP F 245 -3.39 -59.58 -11.11
C ASP F 245 -3.31 -61.03 -10.65
N CYS F 246 -4.23 -61.41 -9.76
CA CYS F 246 -4.22 -62.74 -9.19
C CYS F 246 -4.72 -63.77 -10.17
N ALA F 247 -5.60 -63.34 -11.08
CA ALA F 247 -6.35 -64.25 -11.94
C ALA F 247 -6.80 -65.46 -11.10
N ALA F 248 -7.54 -65.15 -10.04
CA ALA F 248 -7.83 -66.16 -9.00
C ALA F 248 -8.72 -67.32 -9.49
N SER F 249 -9.44 -67.11 -10.59
CA SER F 249 -10.20 -68.21 -11.22
C SER F 249 -9.31 -69.41 -11.53
N GLU F 250 -8.03 -69.16 -11.79
CA GLU F 250 -7.12 -70.21 -12.23
C GLU F 250 -6.72 -71.19 -11.12
N PHE F 251 -6.79 -70.75 -9.87
CA PHE F 251 -6.51 -71.64 -8.76
C PHE F 251 -7.75 -71.92 -7.86
N TYR F 252 -8.94 -71.61 -8.39
CA TYR F 252 -10.22 -71.88 -7.74
C TYR F 252 -10.71 -73.31 -8.03
N LYS F 253 -10.97 -74.06 -6.99
CA LYS F 253 -11.39 -75.46 -7.11
C LYS F 253 -12.19 -75.87 -5.88
N ASP F 254 -13.40 -76.36 -6.11
CA ASP F 254 -14.30 -76.82 -5.04
C ASP F 254 -14.58 -75.71 -4.01
N GLY F 255 -14.69 -74.48 -4.49
CA GLY F 255 -15.04 -73.34 -3.65
C GLY F 255 -13.89 -72.76 -2.87
N LYS F 256 -12.69 -73.32 -3.08
CA LYS F 256 -11.47 -72.85 -2.42
C LYS F 256 -10.38 -72.42 -3.39
N TYR F 257 -9.38 -71.75 -2.84
CA TYR F 257 -8.26 -71.23 -3.62
C TYR F 257 -6.98 -71.95 -3.22
N VAL F 258 -6.44 -72.73 -4.15
CA VAL F 258 -5.31 -73.62 -3.85
C VAL F 258 -4.01 -73.02 -4.38
N LEU F 259 -3.08 -72.74 -3.46
CA LEU F 259 -1.82 -72.09 -3.78
C LEU F 259 -0.63 -73.05 -3.73
N ALA F 260 -0.11 -73.38 -4.91
CA ALA F 260 1.10 -74.20 -5.03
C ALA F 260 2.33 -73.49 -4.45
N GLY F 261 2.39 -72.18 -4.63
CA GLY F 261 3.49 -71.37 -4.07
C GLY F 261 3.46 -71.24 -2.56
N GLU F 262 2.34 -71.65 -1.96
CA GLU F 262 2.21 -71.69 -0.50
C GLU F 262 2.00 -73.14 -0.05
N GLY F 263 2.73 -74.05 -0.71
CA GLY F 263 2.73 -75.47 -0.37
C GLY F 263 1.43 -76.19 -0.69
N ASN F 264 0.83 -75.83 -1.83
CA ASN F 264 -0.46 -76.37 -2.28
C ASN F 264 -1.61 -76.30 -1.24
N LYS F 265 -1.51 -75.32 -0.35
CA LYS F 265 -2.52 -75.07 0.67
C LYS F 265 -3.81 -74.53 0.06
N ALA F 266 -4.95 -74.93 0.62
CA ALA F 266 -6.25 -74.46 0.16
C ALA F 266 -6.79 -73.39 1.09
N PHE F 267 -7.25 -72.29 0.50
CA PHE F 267 -7.72 -71.12 1.24
C PHE F 267 -9.21 -70.91 0.96
N THR F 268 -9.98 -70.57 1.99
CA THR F 268 -11.33 -70.08 1.75
C THR F 268 -11.21 -68.70 1.10
N SER F 269 -12.32 -68.17 0.58
CA SER F 269 -12.35 -66.80 0.02
C SER F 269 -11.83 -65.79 1.05
N GLU F 270 -12.23 -65.99 2.30
CA GLU F 270 -11.84 -65.09 3.39
C GLU F 270 -10.36 -65.25 3.71
N GLU F 271 -9.90 -66.49 3.82
CA GLU F 271 -8.47 -66.74 4.08
C GLU F 271 -7.59 -66.14 2.98
N PHE F 272 -8.02 -66.27 1.72
CA PHE F 272 -7.21 -65.78 0.60
C PHE F 272 -7.15 -64.27 0.64
N THR F 273 -8.28 -63.66 0.98
CA THR F 273 -8.35 -62.22 1.18
C THR F 273 -7.34 -61.78 2.24
N HIS F 274 -7.24 -62.54 3.33
CA HIS F 274 -6.29 -62.18 4.37
C HIS F 274 -4.82 -62.40 3.99
N PHE F 275 -4.58 -63.41 3.13
CA PHE F 275 -3.26 -63.64 2.53
C PHE F 275 -2.85 -62.40 1.72
N LEU F 276 -3.80 -61.89 0.92
CA LEU F 276 -3.55 -60.69 0.11
C LEU F 276 -3.34 -59.49 1.00
N GLU F 277 -4.16 -59.37 2.04
CA GLU F 277 -4.03 -58.26 2.98
C GLU F 277 -2.61 -58.24 3.57
N GLU F 278 -2.11 -59.41 3.98
CA GLU F 278 -0.73 -59.53 4.49
C GLU F 278 0.31 -59.03 3.48
N LEU F 279 0.14 -59.41 2.22
CA LEU F 279 1.05 -58.94 1.19
C LEU F 279 1.03 -57.41 1.10
N THR F 280 -0.16 -56.81 1.20
CA THR F 280 -0.27 -55.34 1.11
C THR F 280 0.36 -54.64 2.31
N LYS F 281 0.58 -55.38 3.40
CA LYS F 281 1.27 -54.83 4.57
C LYS F 281 2.79 -54.92 4.47
N GLN F 282 3.27 -55.87 3.68
CA GLN F 282 4.71 -56.11 3.54
C GLN F 282 5.34 -55.36 2.36
N TYR F 283 4.52 -55.12 1.33
CA TYR F 283 4.95 -54.42 0.12
C TYR F 283 3.93 -53.35 -0.26
N PRO F 284 4.39 -52.30 -0.97
CA PRO F 284 3.46 -51.24 -1.35
C PRO F 284 2.58 -51.62 -2.55
N ILE F 285 1.80 -52.69 -2.37
CA ILE F 285 0.80 -53.14 -3.33
C ILE F 285 -0.45 -52.30 -3.13
N VAL F 286 -0.83 -51.58 -4.17
CA VAL F 286 -1.95 -50.64 -4.07
C VAL F 286 -3.10 -51.00 -5.01
N SER F 287 -2.91 -52.05 -5.81
CA SER F 287 -3.93 -52.50 -6.75
C SER F 287 -3.88 -54.00 -6.87
N ILE F 288 -5.06 -54.62 -6.76
CA ILE F 288 -5.19 -56.08 -6.88
C ILE F 288 -6.35 -56.41 -7.80
N GLU F 289 -6.02 -57.09 -8.89
CA GLU F 289 -6.99 -57.44 -9.93
C GLU F 289 -7.42 -58.89 -9.80
N ASP F 290 -8.72 -59.13 -9.96
CA ASP F 290 -9.31 -60.48 -9.91
C ASP F 290 -8.79 -61.29 -8.72
N GLY F 291 -8.91 -60.71 -7.53
CA GLY F 291 -8.42 -61.36 -6.30
C GLY F 291 -9.25 -62.53 -5.83
N LEU F 292 -10.40 -62.74 -6.46
CA LEU F 292 -11.24 -63.95 -6.24
C LEU F 292 -11.81 -64.38 -7.60
N ASP F 293 -12.40 -65.58 -7.64
CA ASP F 293 -13.07 -66.05 -8.86
C ASP F 293 -14.24 -65.15 -9.27
N GLU F 294 -14.51 -65.06 -10.57
CA GLU F 294 -15.60 -64.21 -11.09
C GLU F 294 -16.99 -64.54 -10.52
N SER F 295 -17.20 -65.82 -10.20
CA SER F 295 -18.47 -66.26 -9.65
C SER F 295 -18.58 -65.99 -8.14
N ASP F 296 -17.47 -65.62 -7.52
CA ASP F 296 -17.41 -65.53 -6.04
C ASP F 296 -17.81 -64.13 -5.54
N TRP F 297 -19.07 -63.76 -5.76
CA TRP F 297 -19.57 -62.43 -5.38
C TRP F 297 -19.65 -62.20 -3.86
N ASP F 298 -20.04 -63.23 -3.11
CA ASP F 298 -19.99 -63.12 -1.65
C ASP F 298 -18.56 -62.86 -1.21
N GLY F 299 -17.62 -63.58 -1.81
CA GLY F 299 -16.20 -63.42 -1.52
C GLY F 299 -15.73 -62.02 -1.86
N PHE F 300 -16.09 -61.54 -3.05
CA PHE F 300 -15.73 -60.17 -3.47
C PHE F 300 -16.33 -59.11 -2.55
N ALA F 301 -17.55 -59.34 -2.06
CA ALA F 301 -18.12 -58.39 -1.10
C ALA F 301 -17.25 -58.32 0.15
N TYR F 302 -16.81 -59.48 0.64
CA TYR F 302 -15.90 -59.56 1.78
C TYR F 302 -14.57 -58.87 1.49
N GLN F 303 -13.94 -59.22 0.37
CA GLN F 303 -12.65 -58.62 0.01
C GLN F 303 -12.77 -57.09 -0.13
N THR F 304 -13.90 -56.62 -0.65
CA THR F 304 -14.08 -55.17 -0.81
C THR F 304 -14.23 -54.49 0.55
N LYS F 305 -14.97 -55.12 1.46
CA LYS F 305 -15.07 -54.59 2.84
C LYS F 305 -13.69 -54.54 3.53
N VAL F 306 -12.91 -55.61 3.38
CA VAL F 306 -11.63 -55.71 4.05
C VAL F 306 -10.56 -54.77 3.47
N LEU F 307 -10.47 -54.73 2.13
CA LEU F 307 -9.37 -54.07 1.46
C LEU F 307 -9.73 -52.80 0.69
N GLY F 308 -11.02 -52.63 0.37
CA GLY F 308 -11.48 -51.61 -0.58
C GLY F 308 -11.22 -50.17 -0.22
N ASP F 309 -11.11 -49.87 1.08
CA ASP F 309 -10.85 -48.49 1.49
C ASP F 309 -9.42 -48.02 1.23
N LYS F 310 -8.49 -48.97 1.13
CA LYS F 310 -7.08 -48.67 0.99
C LYS F 310 -6.44 -49.18 -0.31
N ILE F 311 -7.10 -50.12 -0.97
CA ILE F 311 -6.54 -50.82 -2.14
C ILE F 311 -7.50 -50.70 -3.32
N GLN F 312 -6.95 -50.51 -4.52
CA GLN F 312 -7.75 -50.55 -5.72
C GLN F 312 -8.03 -52.02 -6.03
N LEU F 313 -9.29 -52.37 -6.17
CA LEU F 313 -9.73 -53.76 -6.41
C LEU F 313 -10.35 -53.78 -7.80
N VAL F 314 -9.59 -54.31 -8.75
CA VAL F 314 -9.93 -54.26 -10.17
C VAL F 314 -10.62 -55.54 -10.63
N GLY F 315 -11.89 -55.39 -11.04
CA GLY F 315 -12.60 -56.50 -11.69
C GLY F 315 -12.23 -56.56 -13.16
N ASP F 316 -11.65 -57.70 -13.58
CA ASP F 316 -11.40 -57.97 -15.00
C ASP F 316 -12.42 -59.03 -15.46
N ASP F 317 -12.08 -60.30 -15.24
CA ASP F 317 -12.99 -61.42 -15.51
C ASP F 317 -14.28 -61.22 -14.72
N LEU F 318 -14.18 -60.57 -13.56
CA LEU F 318 -15.36 -60.25 -12.76
C LEU F 318 -16.43 -59.49 -13.55
N PHE F 319 -16.02 -58.49 -14.33
CA PHE F 319 -16.98 -57.61 -15.02
C PHE F 319 -17.06 -57.78 -16.52
N VAL F 320 -16.00 -58.34 -17.12
CA VAL F 320 -15.81 -58.44 -18.58
C VAL F 320 -16.29 -57.22 -19.40
N THR F 321 -15.92 -56.02 -18.93
CA THR F 321 -16.15 -54.75 -19.65
C THR F 321 -17.63 -54.58 -20.03
N ASN F 322 -18.51 -55.05 -19.14
CA ASN F 322 -19.93 -55.12 -19.43
C ASN F 322 -20.76 -54.32 -18.43
N THR F 323 -21.48 -53.32 -18.93
CA THR F 323 -22.23 -52.40 -18.07
C THR F 323 -23.32 -53.10 -17.26
N LYS F 324 -23.88 -54.19 -17.80
CA LYS F 324 -24.90 -54.97 -17.08
C LYS F 324 -24.33 -55.57 -15.79
N ILE F 325 -23.13 -56.14 -15.88
CA ILE F 325 -22.49 -56.78 -14.74
C ILE F 325 -21.89 -55.75 -13.82
N LEU F 326 -21.24 -54.73 -14.39
CA LEU F 326 -20.67 -53.65 -13.59
C LEU F 326 -21.75 -52.94 -12.76
N LYS F 327 -22.90 -52.65 -13.38
CA LYS F 327 -23.98 -51.96 -12.66
C LYS F 327 -24.40 -52.76 -11.42
N GLU F 328 -24.54 -54.07 -11.58
CA GLU F 328 -24.91 -54.95 -10.46
C GLU F 328 -23.78 -54.96 -9.42
N GLY F 329 -22.54 -55.00 -9.88
CA GLY F 329 -21.38 -54.93 -8.98
C GLY F 329 -21.35 -53.66 -8.14
N ILE F 330 -21.63 -52.52 -8.76
CA ILE F 330 -21.70 -51.24 -8.08
C ILE F 330 -22.80 -51.23 -7.01
N GLU F 331 -23.96 -51.75 -7.39
CA GLU F 331 -25.11 -51.82 -6.48
C GLU F 331 -24.83 -52.69 -5.26
N LYS F 332 -24.02 -53.73 -5.45
CA LYS F 332 -23.76 -54.71 -4.39
C LYS F 332 -22.44 -54.51 -3.65
N GLY F 333 -21.79 -53.38 -3.91
CA GLY F 333 -20.53 -53.02 -3.23
C GLY F 333 -19.37 -53.93 -3.57
N ILE F 334 -19.27 -54.33 -4.84
CA ILE F 334 -18.31 -55.32 -5.32
C ILE F 334 -17.19 -54.60 -6.09
N ALA F 335 -15.94 -54.71 -5.61
CA ALA F 335 -14.77 -54.06 -6.23
C ALA F 335 -14.87 -52.53 -6.20
N ASN F 336 -13.89 -51.85 -6.80
CA ASN F 336 -13.93 -50.39 -6.90
C ASN F 336 -13.17 -49.89 -8.15
N SER F 337 -12.96 -50.80 -9.09
CA SER F 337 -12.22 -50.50 -10.32
C SER F 337 -12.57 -51.55 -11.35
N ILE F 338 -12.45 -51.18 -12.63
CA ILE F 338 -12.73 -52.11 -13.72
C ILE F 338 -11.64 -52.08 -14.76
N LEU F 339 -11.21 -53.27 -15.19
CA LEU F 339 -10.31 -53.41 -16.31
C LEU F 339 -11.08 -53.35 -17.62
N ILE F 340 -10.72 -52.40 -18.48
CA ILE F 340 -11.47 -52.17 -19.70
C ILE F 340 -10.81 -52.82 -20.89
N LYS F 341 -11.44 -53.87 -21.41
CA LYS F 341 -10.96 -54.57 -22.59
C LYS F 341 -12.01 -54.41 -23.68
N PHE F 342 -11.73 -53.53 -24.64
CA PHE F 342 -12.76 -53.25 -25.64
C PHE F 342 -13.24 -54.46 -26.45
N ASN F 343 -12.41 -55.50 -26.57
CA ASN F 343 -12.83 -56.70 -27.29
C ASN F 343 -13.66 -57.67 -26.41
N GLN F 344 -13.76 -57.38 -25.11
CA GLN F 344 -14.67 -58.13 -24.21
C GLN F 344 -16.13 -57.70 -24.44
N ILE F 345 -16.31 -56.50 -24.98
CA ILE F 345 -17.65 -55.97 -25.22
C ILE F 345 -17.94 -55.79 -26.71
N GLY F 346 -16.94 -55.29 -27.48
CA GLY F 346 -17.01 -55.40 -28.94
C GLY F 346 -17.28 -54.16 -29.77
N SER F 347 -17.54 -53.03 -29.10
CA SER F 347 -17.71 -51.75 -29.79
C SER F 347 -17.08 -50.60 -29.01
N LEU F 348 -16.66 -49.55 -29.72
CA LEU F 348 -16.23 -48.33 -29.06
C LEU F 348 -17.34 -47.70 -28.21
N THR F 349 -18.55 -47.63 -28.76
CA THR F 349 -19.66 -47.01 -28.01
C THR F 349 -19.90 -47.68 -26.64
N GLU F 350 -19.94 -49.00 -26.63
CA GLU F 350 -20.18 -49.73 -25.39
C GLU F 350 -19.01 -49.61 -24.41
N THR F 351 -17.81 -49.50 -24.97
CA THR F 351 -16.61 -49.30 -24.18
C THR F 351 -16.67 -47.95 -23.44
N LEU F 352 -17.05 -46.89 -24.16
CA LEU F 352 -17.23 -45.59 -23.53
C LEU F 352 -18.29 -45.66 -22.43
N ALA F 353 -19.33 -46.44 -22.66
CA ALA F 353 -20.40 -46.54 -21.66
C ALA F 353 -19.89 -47.20 -20.38
N ALA F 354 -18.99 -48.17 -20.50
CA ALA F 354 -18.46 -48.83 -19.32
C ALA F 354 -17.51 -47.92 -18.53
N ILE F 355 -16.67 -47.19 -19.25
CA ILE F 355 -15.76 -46.24 -18.63
C ILE F 355 -16.58 -45.17 -17.88
N LYS F 356 -17.65 -44.67 -18.50
CA LYS F 356 -18.49 -43.65 -17.87
C LYS F 356 -19.22 -44.21 -16.63
N MET F 357 -19.79 -45.39 -16.76
CA MET F 357 -20.45 -46.05 -15.63
C MET F 357 -19.51 -46.14 -14.42
N ALA F 358 -18.27 -46.57 -14.65
CA ALA F 358 -17.30 -46.65 -13.57
C ALA F 358 -17.05 -45.28 -12.92
N LYS F 359 -16.70 -44.28 -13.75
CA LYS F 359 -16.40 -42.94 -13.26
C LYS F 359 -17.56 -42.35 -12.46
N ASP F 360 -18.79 -42.57 -12.97
CA ASP F 360 -19.99 -42.05 -12.30
C ASP F 360 -20.18 -42.61 -10.90
N ALA F 361 -19.71 -43.85 -10.70
CA ALA F 361 -19.83 -44.56 -9.42
C ALA F 361 -18.61 -44.35 -8.52
N GLY F 362 -17.65 -43.55 -9.00
CA GLY F 362 -16.39 -43.36 -8.27
C GLY F 362 -15.41 -44.51 -8.44
N TYR F 363 -15.74 -45.47 -9.28
CA TYR F 363 -14.79 -46.53 -9.62
C TYR F 363 -13.75 -45.99 -10.60
N THR F 364 -12.57 -46.59 -10.61
CA THR F 364 -11.58 -46.22 -11.62
C THR F 364 -11.64 -47.17 -12.80
N ALA F 365 -11.24 -46.69 -13.97
CA ALA F 365 -11.16 -47.52 -15.16
C ALA F 365 -9.71 -47.64 -15.60
N VAL F 366 -9.27 -48.89 -15.81
CA VAL F 366 -7.89 -49.18 -16.23
C VAL F 366 -7.94 -49.78 -17.63
N ILE F 367 -7.47 -49.01 -18.62
CA ILE F 367 -7.58 -49.46 -20.01
C ILE F 367 -6.53 -50.53 -20.25
N SER F 368 -6.94 -51.64 -20.85
CA SER F 368 -6.09 -52.82 -20.91
C SER F 368 -5.82 -53.35 -22.31
N HIS F 369 -4.62 -53.91 -22.48
CA HIS F 369 -4.28 -54.78 -23.59
C HIS F 369 -4.92 -56.18 -23.46
N ARG F 370 -4.65 -57.04 -24.43
CA ARG F 370 -4.89 -58.49 -24.28
C ARG F 370 -3.55 -59.21 -24.40
N SER F 371 -3.51 -60.48 -23.99
CA SER F 371 -2.29 -61.28 -24.17
C SER F 371 -1.85 -61.35 -25.62
N GLY F 372 -2.82 -61.52 -26.52
CA GLY F 372 -2.58 -61.54 -27.95
C GLY F 372 -2.85 -60.14 -28.47
N GLU F 373 -1.77 -59.43 -28.77
CA GLU F 373 -1.86 -58.06 -29.27
C GLU F 373 -1.43 -57.93 -30.72
N THR F 374 -1.50 -56.72 -31.22
CA THR F 374 -0.94 -56.38 -32.52
C THR F 374 -0.17 -55.07 -32.38
N GLU F 375 0.37 -54.62 -33.51
CA GLU F 375 1.03 -53.33 -33.62
C GLU F 375 0.06 -52.15 -33.44
N ASP F 376 -1.25 -52.45 -33.37
CA ASP F 376 -2.27 -51.42 -33.13
C ASP F 376 -2.01 -50.73 -31.80
N ALA F 377 -2.30 -49.42 -31.70
CA ALA F 377 -2.10 -48.70 -30.44
C ALA F 377 -3.32 -47.90 -30.00
N THR F 378 -4.50 -48.33 -30.45
CA THR F 378 -5.75 -47.63 -30.16
C THR F 378 -5.98 -47.43 -28.65
N ILE F 379 -5.56 -48.40 -27.81
CA ILE F 379 -5.83 -48.23 -26.37
C ILE F 379 -5.14 -47.01 -25.78
N ALA F 380 -4.04 -46.57 -26.40
CA ALA F 380 -3.37 -45.34 -25.92
C ALA F 380 -4.31 -44.14 -26.13
N ASP F 381 -4.80 -43.99 -27.36
CA ASP F 381 -5.74 -42.91 -27.66
C ASP F 381 -6.99 -43.00 -26.80
N LEU F 382 -7.48 -44.23 -26.55
CA LEU F 382 -8.68 -44.41 -25.75
C LEU F 382 -8.45 -43.92 -24.31
N ALA F 383 -7.33 -44.34 -23.71
CA ALA F 383 -6.98 -43.94 -22.34
C ALA F 383 -6.89 -42.42 -22.22
N VAL F 384 -6.27 -41.78 -23.21
CA VAL F 384 -6.07 -40.32 -23.14
C VAL F 384 -7.40 -39.60 -23.38
N GLY F 385 -8.13 -40.05 -24.39
CA GLY F 385 -9.35 -39.35 -24.84
C GLY F 385 -10.53 -39.46 -23.89
N THR F 386 -10.49 -40.45 -22.98
CA THR F 386 -11.49 -40.59 -21.91
C THR F 386 -10.94 -40.13 -20.56
N ALA F 387 -9.69 -39.66 -20.55
CA ALA F 387 -9.02 -39.33 -19.28
C ALA F 387 -9.24 -40.46 -18.25
N ALA F 388 -9.05 -41.69 -18.70
CA ALA F 388 -9.30 -42.86 -17.85
C ALA F 388 -8.41 -42.85 -16.62
N GLY F 389 -7.13 -42.50 -16.83
CA GLY F 389 -6.18 -42.26 -15.75
C GLY F 389 -5.17 -43.38 -15.53
N GLN F 390 -5.45 -44.59 -16.04
CA GLN F 390 -4.54 -45.72 -15.89
C GLN F 390 -4.59 -46.62 -17.12
N ILE F 391 -3.49 -47.32 -17.38
CA ILE F 391 -3.42 -48.23 -18.50
C ILE F 391 -2.61 -49.45 -18.06
N LYS F 392 -2.96 -50.60 -18.65
CA LYS F 392 -2.24 -51.85 -18.42
C LYS F 392 -1.93 -52.39 -19.81
N THR F 393 -0.70 -52.17 -20.28
CA THR F 393 -0.34 -52.53 -21.64
C THR F 393 1.02 -53.18 -21.82
N GLY F 394 1.53 -53.76 -20.72
CA GLY F 394 2.62 -54.72 -20.82
C GLY F 394 3.88 -54.26 -20.15
N SER F 395 4.87 -55.15 -20.19
CA SER F 395 6.20 -54.81 -19.74
C SER F 395 6.83 -53.87 -20.78
N MET F 396 8.06 -53.49 -20.53
CA MET F 396 8.76 -52.58 -21.45
C MET F 396 9.59 -53.35 -22.49
N SER F 397 9.00 -54.41 -23.06
CA SER F 397 9.61 -55.07 -24.22
C SER F 397 8.51 -55.67 -25.06
N ARG F 398 8.87 -55.99 -26.31
CA ARG F 398 7.98 -56.46 -27.39
C ARG F 398 7.19 -55.27 -27.92
N SER F 399 7.24 -55.07 -29.23
CA SER F 399 6.51 -53.94 -29.80
C SER F 399 4.98 -54.06 -29.72
N ASP F 400 4.46 -55.28 -29.50
CA ASP F 400 3.06 -55.41 -29.19
C ASP F 400 2.65 -54.67 -27.90
N ARG F 401 3.61 -54.46 -26.99
CA ARG F 401 3.43 -53.63 -25.80
C ARG F 401 3.96 -52.22 -26.07
N VAL F 402 5.19 -52.16 -26.56
CA VAL F 402 5.89 -50.87 -26.63
C VAL F 402 5.26 -49.93 -27.67
N ALA F 403 4.56 -50.49 -28.66
CA ALA F 403 3.82 -49.63 -29.60
C ALA F 403 2.84 -48.71 -28.86
N LYS F 404 2.27 -49.22 -27.76
CA LYS F 404 1.32 -48.42 -26.99
C LYS F 404 2.04 -47.32 -26.22
N TYR F 405 3.19 -47.68 -25.63
CA TYR F 405 4.00 -46.68 -24.92
C TYR F 405 4.47 -45.59 -25.87
N ASN F 406 4.90 -45.97 -27.07
CA ASN F 406 5.32 -44.98 -28.06
C ASN F 406 4.19 -44.06 -28.48
N GLN F 407 3.00 -44.61 -28.62
CA GLN F 407 1.83 -43.79 -28.96
C GLN F 407 1.53 -42.81 -27.83
N LEU F 408 1.66 -43.26 -26.58
CA LEU F 408 1.51 -42.36 -25.44
C LEU F 408 2.55 -41.25 -25.51
N ILE F 409 3.79 -41.59 -25.86
CA ILE F 409 4.82 -40.53 -26.02
C ILE F 409 4.38 -39.51 -27.07
N ARG F 410 3.90 -39.99 -28.22
CA ARG F 410 3.45 -39.09 -29.29
C ARG F 410 2.29 -38.19 -28.86
N ILE F 411 1.33 -38.78 -28.16
CA ILE F 411 0.15 -38.02 -27.73
C ILE F 411 0.54 -36.98 -26.69
N GLU F 412 1.38 -37.35 -25.73
CA GLU F 412 1.83 -36.36 -24.73
C GLU F 412 2.59 -35.20 -25.39
N GLU F 413 3.44 -35.52 -26.36
CA GLU F 413 4.20 -34.50 -27.08
C GLU F 413 3.24 -33.53 -27.78
N ALA F 414 2.16 -34.07 -28.35
CA ALA F 414 1.20 -33.25 -29.11
C ALA F 414 0.33 -32.39 -28.20
N LEU F 415 -0.18 -32.99 -27.13
CA LEU F 415 -1.13 -32.28 -26.27
C LEU F 415 -0.41 -31.39 -25.27
N GLY F 416 0.78 -31.79 -24.87
CA GLY F 416 1.60 -31.00 -23.94
C GLY F 416 0.87 -30.62 -22.68
N GLU F 417 0.71 -29.31 -22.47
CA GLU F 417 0.10 -28.79 -21.25
C GLU F 417 -1.36 -29.21 -21.08
N LYS F 418 -1.98 -29.69 -22.15
CA LYS F 418 -3.39 -30.11 -22.13
C LYS F 418 -3.62 -31.53 -21.60
N ALA F 419 -2.56 -32.27 -21.29
CA ALA F 419 -2.73 -33.68 -20.87
C ALA F 419 -1.88 -34.00 -19.64
N PRO F 420 -2.33 -33.57 -18.45
CA PRO F 420 -1.60 -33.83 -17.23
C PRO F 420 -1.36 -35.30 -16.96
N TYR F 421 -0.23 -35.60 -16.33
CA TYR F 421 0.05 -36.91 -15.74
C TYR F 421 -0.16 -36.73 -14.24
N ASN F 422 -1.20 -37.34 -13.72
CA ASN F 422 -1.64 -37.06 -12.36
C ASN F 422 -1.03 -37.96 -11.28
N GLY F 423 -0.40 -39.05 -11.71
CA GLY F 423 0.37 -39.90 -10.79
C GLY F 423 -0.50 -40.70 -9.84
N ARG F 424 0.01 -40.86 -8.62
CA ARG F 424 -0.55 -41.77 -7.62
C ARG F 424 -2.06 -41.61 -7.40
N LYS F 425 -2.53 -40.36 -7.37
CA LYS F 425 -3.93 -40.08 -7.10
C LYS F 425 -4.93 -40.69 -8.09
N GLU F 426 -4.48 -41.08 -9.29
CA GLU F 426 -5.37 -41.81 -10.21
C GLU F 426 -5.87 -43.13 -9.62
N ILE F 427 -5.05 -43.75 -8.77
CA ILE F 427 -5.33 -45.09 -8.25
C ILE F 427 -6.42 -45.00 -7.16
N LYS F 428 -7.43 -45.85 -7.27
CA LYS F 428 -8.54 -45.84 -6.31
C LYS F 428 -8.01 -46.18 -4.93
N GLY F 429 -8.19 -45.26 -3.99
CA GLY F 429 -7.71 -45.43 -2.61
C GLY F 429 -6.50 -44.56 -2.31
N GLN F 430 -5.91 -44.00 -3.35
CA GLN F 430 -4.78 -43.08 -3.18
C GLN F 430 -5.21 -41.63 -3.40
N ALA F 431 -4.78 -40.75 -2.50
CA ALA F 431 -4.95 -39.31 -2.66
C ALA F 431 -3.69 -38.67 -3.22
#